data_8AT2
#
_entry.id   8AT2
#
_cell.length_a   1.00
_cell.length_b   1.00
_cell.length_c   1.00
_cell.angle_alpha   90.00
_cell.angle_beta   90.00
_cell.angle_gamma   90.00
#
_symmetry.space_group_name_H-M   'P 1'
#
loop_
_entity.id
_entity.type
_entity.pdbx_description
1 polymer 'HAUS augmin-like complex subunit 1'
2 polymer 'HAUS augmin-like complex subunit 3'
3 polymer 'HAUS augmin like complex subunit 4 L homeolog'
4 polymer 'HAUS augmin-like complex subunit 5'
#
loop_
_entity_poly.entity_id
_entity_poly.type
_entity_poly.pdbx_seq_one_letter_code
_entity_poly.pdbx_strand_id
1 'polypeptide(L)'
;MDEKSTKIIMWLKKMFGDKPLPPYEVNTRTMEILYQLAEWNEARDKDLSLVTEDLKLKSAEVKAEAKYLQDLLTEGLGPS
YTNLSRMGNNYLNQIVDSCLALELKNSSLSSYIPAVNDLSSELVAIELNNQEMEAELTSLRKKLTEALVLEKSLERDLKK
AEEQCNFEKAKVEIRSQNMKKLKDKSEEYKYKIHAAKDQLSSAGMEEPLTHRSLVSLSETLTELKAQSMAAKEKLNSYLD
LAPNPSLVKVKIEEAKRELKATEVELTTKVNMMEFVVPEPSKRRLK
;
B
2 'polypeptide(L)'
;MSGGDRFVQTLQKLNYPKGAQLDGEDFDWLFEAVDLKPFLDWFCSAASEQNVVPDEKLQAFNTLKESGKPVLDEKALDEV
LKTFSISKVPAIEEVAIEKLEEEVKALQKQKNLHIRRRNKLQMVESGNRQMCLKSKDKEEETGRAFQEVLHLLRVTNKKL
NHELQSIVNGVQTLMSFFSTPETACELSSQPIFLSQLLLDKYLSLEEQSTAALTSFTKEHFFEGMSKFVEGSDENFQLVQ
LNVNSFGEDGTTEDKCKEMMRLQLAYICAKHKLIQMKAKSASLKVGLQWAENNASVVQDKASQKEENLKVRITSLKNETL
QIENHTNSISNEKLPGLVRDNAQLLNMPIVKGDYDLQMAHQTSCSSRQDLVCDHLMKQKASFELLQLGYELELRKHRDVY
RELGSIVQELKESGDKLEERLTMLSDVNLLSASKPRSNIDSKDLTSHRLYQLLDGDNTQKLFRTYDGLESVAQKLSQDIA
SMRDQLEVSEQEHSLLLSKLDSHLKELRDFMYPEGNTLMLTTPELSGEFHQLGSQLEKLNHITVEILGDLQLKRKMLESN
KLQQIEKQLYVYFFQNEEQLKSIVGKLEAQTGGGSSA
;
C
3 'polypeptide(L)'
;MAQTLQYVSSRLSMLQIDEEDLERNAQFGKVLIELCPLLGPNGGSANLNRELEETRRELLLQRKMWMRSEVIYQLVQEML
LDLQVRKLEGSLTEEERKFQDGLQQCMLVSECSRLLTADSVPPSDSTSILGLDKQDLLDLLPPNMLVLWVRDRLQKQLEE
ALKKKCFTFLSFHQPETDEEGDVLRAAKVLRLASTLEDEKRRLQNEQEKHQEMRALLEKQQEIYPHVLLRCLSLLRQAAS
ELRLRAQSDIDRINAEYLEAKSNALFLKLRMEELQVLTDCYTPEKVLVHRQIRDTLEAGVKKEKQELSTSRQILSSYEFL
GPEFEGLVQEYTRLKDKIKDNRWMLQELSKSLP
;
D
4 'polypeptide(L)'
;MERRSLAQELKKWAVEEMGLPAQKAPSEEMLQRLFIGQCGDIWKFIIRHIHSHRTVRKIEGNLLWYQQLQHTEAQRTAEE
EQQQRRKQLCKEILELRAELHHLQEQIQTAEREIVGQDLNCERAQDLCRRSLLLRAFNKKREEECEALCQSNKKIQYRCE
QLQEIRRASQREVMFSAVDPDLSSSTFLEPEVLRDVREVCKLRFKFLRSLHDDSISSSVHPGKEDLRSLSHQQWMSMAEK
VWNTHTPNHILAALERLTLNSTQELKKLQFSQAADLSKGPSCQLKEFSEPITQSRSCNESTHLDPQETLPSFHSLIQEGW
ANSVKVSSELRRVQSQAQALSEHLAERIQEIHKKLSDGSEVSVLTRAAFDAELRCVILRGCRDALMQECRMLQEEAAGKK
QEMKLLQQQQQNIQEACLLLDKKQKHIQILIKGNSSSKSQIRRSSVEAQKYVQDKLLPWPQEIIQESQRLQDSIQKEVKH
FSAICLPALLKVSTDGFNLLPSRELSINRMSNTHAPYYGIFKGIYESVRLPLYKAPESVLSHVADMKKQLFFLRSQLSSR
SEAISKTQRALQKNTNPDTDALLKSLSDHYSLELDEMVPKMQRLIQQCEKHQEYGKEVQATVMDWWEQPVQLCLPSEERG
GLTLRQWRERWTVAVTALQRATGSRS
;
E
#
# COMPACT_ATOMS: atom_id res chain seq x y z
N MET A 1 -21.78 23.43 24.95
CA MET A 1 -21.89 22.12 25.53
C MET A 1 -22.93 21.35 24.80
N ASP A 2 -23.99 21.99 24.16
CA ASP A 2 -25.10 21.28 23.59
C ASP A 2 -24.88 20.56 22.29
N GLU A 3 -23.96 21.05 21.40
CA GLU A 3 -23.69 20.32 20.09
C GLU A 3 -22.96 19.07 20.37
N LYS A 4 -21.88 19.18 21.11
CA LYS A 4 -21.14 18.00 21.64
C LYS A 4 -21.95 17.07 22.39
N SER A 5 -22.90 17.47 23.19
CA SER A 5 -23.71 16.65 24.02
C SER A 5 -24.63 15.73 23.26
N THR A 6 -25.19 16.30 22.18
CA THR A 6 -26.05 15.63 21.21
C THR A 6 -25.26 14.59 20.45
N LYS A 7 -24.00 14.95 19.99
CA LYS A 7 -23.28 13.91 19.25
C LYS A 7 -22.96 12.71 20.01
N ILE A 8 -22.59 12.87 21.30
CA ILE A 8 -22.20 11.94 22.30
C ILE A 8 -23.36 11.09 22.67
N ILE A 9 -24.61 11.71 22.93
CA ILE A 9 -25.79 10.91 23.27
C ILE A 9 -26.15 9.95 22.09
N MET A 10 -26.14 10.45 20.85
CA MET A 10 -26.36 9.67 19.69
C MET A 10 -25.36 8.55 19.39
N TRP A 11 -24.10 8.84 19.56
CA TRP A 11 -22.99 7.91 19.40
C TRP A 11 -23.04 6.79 20.40
N LEU A 12 -23.37 7.16 21.65
CA LEU A 12 -23.59 6.23 22.75
C LEU A 12 -24.78 5.32 22.51
N LYS A 13 -25.84 5.84 21.88
CA LYS A 13 -27.13 5.17 21.44
C LYS A 13 -26.81 4.24 20.32
N LYS A 14 -25.80 4.68 19.46
CA LYS A 14 -25.29 3.87 18.45
C LYS A 14 -24.67 2.60 19.10
N MET A 15 -23.92 2.76 20.20
CA MET A 15 -23.28 1.63 20.88
C MET A 15 -24.24 0.73 21.57
N PHE A 16 -25.22 1.28 22.33
CA PHE A 16 -26.03 0.38 23.09
C PHE A 16 -27.30 -0.14 22.36
N GLY A 17 -27.66 0.27 21.11
CA GLY A 17 -28.90 -0.08 20.45
C GLY A 17 -29.95 0.77 21.09
N ASP A 18 -31.16 0.19 21.26
CA ASP A 18 -32.40 0.95 21.60
C ASP A 18 -32.56 0.90 23.09
N LYS A 19 -31.48 0.46 23.81
CA LYS A 19 -31.36 0.25 25.18
C LYS A 19 -31.11 1.54 25.88
N PRO A 20 -31.51 1.57 27.17
CA PRO A 20 -31.04 2.56 28.17
C PRO A 20 -29.58 2.82 28.07
N LEU A 21 -29.23 4.06 28.30
CA LEU A 21 -27.89 4.49 28.52
C LEU A 21 -27.51 4.22 29.98
N PRO A 22 -26.28 3.76 30.32
CA PRO A 22 -25.81 3.67 31.69
C PRO A 22 -25.76 5.07 32.30
N PRO A 23 -26.35 5.39 33.54
CA PRO A 23 -26.12 6.68 34.21
C PRO A 23 -24.67 7.01 34.31
N TYR A 24 -24.32 8.35 34.29
CA TYR A 24 -23.00 8.93 34.57
C TYR A 24 -23.28 10.28 35.10
N GLU A 25 -22.18 10.96 35.61
CA GLU A 25 -22.22 12.32 36.01
C GLU A 25 -21.80 13.21 34.91
N VAL A 26 -22.55 14.27 34.77
CA VAL A 26 -22.24 15.38 33.83
C VAL A 26 -21.17 16.28 34.27
N ASN A 27 -20.08 16.49 33.49
CA ASN A 27 -19.28 17.65 33.57
C ASN A 27 -18.57 17.78 32.26
N THR A 28 -17.85 18.92 32.10
CA THR A 28 -17.04 19.27 30.91
C THR A 28 -16.07 18.24 30.49
N ARG A 29 -15.34 17.65 31.47
CA ARG A 29 -14.18 16.72 31.25
C ARG A 29 -14.68 15.42 30.61
N THR A 30 -15.73 14.88 31.24
CA THR A 30 -16.24 13.65 30.75
C THR A 30 -16.70 13.72 29.33
N MET A 31 -17.25 14.87 28.88
CA MET A 31 -17.64 14.97 27.53
C MET A 31 -16.44 15.02 26.56
N GLU A 32 -15.37 15.77 26.93
CA GLU A 32 -14.21 15.96 26.08
C GLU A 32 -13.43 14.71 25.75
N ILE A 33 -13.27 13.84 26.76
CA ILE A 33 -12.78 12.47 26.69
C ILE A 33 -13.64 11.62 25.85
N LEU A 34 -15.06 11.70 26.00
CA LEU A 34 -16.09 10.93 25.32
C LEU A 34 -16.05 11.35 23.87
N TYR A 35 -15.86 12.63 23.58
CA TYR A 35 -15.76 13.22 22.24
C TYR A 35 -14.55 12.69 21.45
N GLN A 36 -13.31 12.63 22.10
CA GLN A 36 -12.12 12.02 21.50
C GLN A 36 -12.40 10.57 21.22
N LEU A 37 -13.09 9.82 22.14
CA LEU A 37 -13.38 8.39 21.96
C LEU A 37 -14.34 8.17 20.82
N ALA A 38 -15.37 8.99 20.74
CA ALA A 38 -16.35 8.96 19.69
C ALA A 38 -15.79 9.24 18.29
N GLU A 39 -14.86 10.17 18.19
CA GLU A 39 -14.06 10.53 17.07
C GLU A 39 -13.16 9.48 16.52
N TRP A 40 -12.51 8.75 17.43
CA TRP A 40 -11.63 7.67 17.07
C TRP A 40 -12.50 6.57 16.48
N ASN A 41 -13.66 6.29 17.21
CA ASN A 41 -14.50 5.30 16.84
C ASN A 41 -15.18 5.49 15.52
N GLU A 42 -15.72 6.71 15.19
CA GLU A 42 -16.30 7.04 13.94
C GLU A 42 -15.27 6.99 12.87
N ALA A 43 -14.07 7.57 12.99
CA ALA A 43 -13.09 7.55 11.94
C ALA A 43 -12.72 6.17 11.50
N ARG A 44 -12.54 5.28 12.52
CA ARG A 44 -12.27 3.88 12.30
C ARG A 44 -13.47 3.10 11.70
N ASP A 45 -14.68 3.38 12.10
CA ASP A 45 -15.83 2.75 11.50
C ASP A 45 -15.95 3.01 9.95
N LYS A 46 -15.64 4.23 9.53
CA LYS A 46 -15.52 4.52 8.12
C LYS A 46 -14.48 3.83 7.39
N ASP A 47 -13.30 3.84 8.09
CA ASP A 47 -12.15 3.23 7.53
C ASP A 47 -12.28 1.78 7.27
N LEU A 48 -12.81 1.01 8.25
CA LEU A 48 -13.11 -0.41 8.20
C LEU A 48 -14.19 -0.68 7.26
N SER A 49 -15.18 0.13 7.10
CA SER A 49 -16.15 -0.14 6.06
C SER A 49 -15.56 -0.12 4.62
N LEU A 50 -14.72 0.92 4.37
CA LEU A 50 -14.07 1.19 3.07
C LEU A 50 -13.15 0.02 2.78
N VAL A 51 -12.39 -0.49 3.79
CA VAL A 51 -11.44 -1.54 3.68
C VAL A 51 -12.12 -2.85 3.35
N THR A 52 -13.24 -3.19 4.04
CA THR A 52 -14.00 -4.40 3.82
C THR A 52 -14.49 -4.40 2.41
N GLU A 53 -15.04 -3.27 1.87
CA GLU A 53 -15.64 -3.32 0.56
C GLU A 53 -14.51 -3.58 -0.44
N ASP A 54 -13.23 -3.01 -0.23
CA ASP A 54 -12.18 -3.28 -1.20
C ASP A 54 -11.79 -4.74 -1.19
N LEU A 55 -11.74 -5.35 0.05
CA LEU A 55 -11.28 -6.69 0.23
C LEU A 55 -12.17 -7.57 -0.44
N LYS A 56 -13.51 -7.35 -0.48
CA LYS A 56 -14.52 -8.13 -1.22
C LYS A 56 -14.32 -8.10 -2.78
N LEU A 57 -13.98 -6.87 -3.33
CA LEU A 57 -13.66 -6.61 -4.69
C LEU A 57 -12.42 -7.35 -5.08
N LYS A 58 -11.34 -7.30 -4.26
CA LYS A 58 -10.01 -7.87 -4.48
C LYS A 58 -10.09 -9.35 -4.55
N SER A 59 -10.93 -9.95 -3.68
CA SER A 59 -11.16 -11.38 -3.66
C SER A 59 -11.76 -11.85 -4.95
N ALA A 60 -12.70 -11.08 -5.58
CA ALA A 60 -13.42 -11.31 -6.81
C ALA A 60 -12.53 -11.12 -8.10
N GLU A 61 -11.62 -10.11 -8.08
CA GLU A 61 -10.58 -9.89 -9.06
C GLU A 61 -9.58 -11.00 -8.99
N VAL A 62 -9.17 -11.46 -7.76
CA VAL A 62 -8.27 -12.48 -7.62
C VAL A 62 -8.81 -13.81 -8.09
N LYS A 63 -10.09 -14.09 -7.81
CA LYS A 63 -10.83 -15.30 -8.13
C LYS A 63 -10.88 -15.34 -9.61
N ALA A 64 -11.14 -14.12 -10.21
CA ALA A 64 -11.34 -14.03 -11.66
C ALA A 64 -10.07 -14.39 -12.39
N GLU A 65 -8.91 -13.95 -11.78
CA GLU A 65 -7.58 -14.15 -12.23
C GLU A 65 -7.17 -15.65 -12.01
N ALA A 66 -7.68 -16.25 -10.88
CA ALA A 66 -7.42 -17.61 -10.57
C ALA A 66 -7.93 -18.56 -11.58
N LYS A 67 -9.14 -18.25 -12.06
CA LYS A 67 -9.84 -18.94 -13.08
C LYS A 67 -9.19 -18.82 -14.41
N TYR A 68 -8.70 -17.60 -14.66
CA TYR A 68 -7.81 -17.33 -15.79
C TYR A 68 -6.43 -18.12 -15.85
N LEU A 69 -5.62 -18.20 -14.78
CA LEU A 69 -4.40 -19.08 -14.75
C LEU A 69 -4.81 -20.51 -14.83
N GLN A 70 -5.98 -20.98 -14.17
CA GLN A 70 -6.36 -22.39 -14.16
C GLN A 70 -6.69 -22.80 -15.60
N ASP A 71 -7.42 -21.91 -16.35
CA ASP A 71 -7.84 -22.17 -17.73
C ASP A 71 -6.72 -22.22 -18.65
N LEU A 72 -5.69 -21.29 -18.37
CA LEU A 72 -4.48 -21.11 -19.16
C LEU A 72 -3.74 -22.42 -19.06
N LEU A 73 -3.65 -22.97 -17.83
CA LEU A 73 -2.94 -24.22 -17.56
C LEU A 73 -3.57 -25.44 -18.10
N THR A 74 -4.97 -25.50 -18.10
CA THR A 74 -5.60 -26.74 -18.52
C THR A 74 -5.31 -26.86 -19.93
N GLU A 75 -5.45 -25.74 -20.66
CA GLU A 75 -5.20 -25.72 -22.09
C GLU A 75 -3.76 -25.89 -22.50
N GLY A 76 -2.84 -25.39 -21.75
CA GLY A 76 -1.45 -25.39 -22.14
C GLY A 76 -0.79 -26.69 -21.78
N LEU A 77 -1.05 -27.24 -20.58
CA LEU A 77 -0.24 -28.27 -20.05
C LEU A 77 -0.87 -29.63 -20.06
N GLY A 78 -2.21 -29.58 -20.36
CA GLY A 78 -2.95 -30.81 -20.33
C GLY A 78 -3.28 -31.09 -18.90
N PRO A 79 -3.56 -32.36 -18.47
CA PRO A 79 -3.85 -32.76 -17.09
C PRO A 79 -2.67 -33.04 -16.22
N SER A 80 -1.43 -33.10 -16.77
CA SER A 80 -0.25 -33.75 -16.12
C SER A 80 0.35 -32.88 -15.02
N TYR A 81 0.03 -31.60 -14.91
CA TYR A 81 0.60 -30.71 -13.93
C TYR A 81 -0.05 -31.02 -12.58
N THR A 82 -1.24 -31.67 -12.57
CA THR A 82 -2.04 -31.89 -11.42
C THR A 82 -1.56 -33.14 -10.80
N ASN A 83 -0.67 -34.01 -11.39
CA ASN A 83 -0.27 -35.31 -10.99
C ASN A 83 1.04 -34.97 -10.45
N LEU A 84 1.31 -35.43 -9.24
CA LEU A 84 2.60 -35.15 -8.63
C LEU A 84 2.68 -36.32 -7.68
N SER A 85 3.82 -36.59 -6.93
CA SER A 85 3.88 -37.51 -5.93
C SER A 85 3.50 -36.83 -4.71
N ARG A 86 3.43 -37.61 -3.60
CA ARG A 86 3.24 -36.99 -2.28
C ARG A 86 4.24 -35.85 -1.87
N MET A 87 5.55 -36.15 -2.13
CA MET A 87 6.62 -35.22 -1.81
C MET A 87 6.58 -33.99 -2.73
N GLY A 88 6.14 -34.24 -4.02
CA GLY A 88 5.84 -33.14 -4.92
C GLY A 88 4.83 -32.26 -4.43
N ASN A 89 3.74 -32.81 -3.90
CA ASN A 89 2.68 -31.99 -3.34
C ASN A 89 3.07 -31.27 -2.11
N ASN A 90 3.90 -31.88 -1.25
CA ASN A 90 4.30 -31.27 0.00
C ASN A 90 5.15 -30.00 -0.25
N TYR A 91 6.07 -30.17 -1.31
CA TYR A 91 6.99 -29.13 -1.75
C TYR A 91 6.21 -27.97 -2.32
N LEU A 92 5.18 -28.30 -3.09
CA LEU A 92 4.25 -27.30 -3.58
C LEU A 92 3.53 -26.44 -2.50
N ASN A 93 2.97 -27.20 -1.46
CA ASN A 93 2.16 -26.58 -0.43
C ASN A 93 3.07 -25.64 0.39
N GLN A 94 4.36 -26.05 0.60
CA GLN A 94 5.25 -25.22 1.32
C GLN A 94 5.56 -23.98 0.65
N ILE A 95 5.71 -24.00 -0.70
CA ILE A 95 6.03 -22.86 -1.56
C ILE A 95 4.95 -21.91 -1.49
N VAL A 96 3.73 -22.47 -1.66
CA VAL A 96 2.49 -21.69 -1.61
C VAL A 96 2.39 -21.10 -0.23
N ASP A 97 2.59 -21.82 0.84
CA ASP A 97 2.45 -21.38 2.18
C ASP A 97 3.44 -20.30 2.61
N SER A 98 4.75 -20.30 2.16
CA SER A 98 5.71 -19.31 2.31
C SER A 98 5.28 -18.03 1.54
N CYS A 99 4.71 -18.15 0.35
CA CYS A 99 4.20 -17.05 -0.42
C CYS A 99 3.04 -16.43 0.24
N LEU A 100 2.11 -17.15 0.87
CA LEU A 100 0.92 -16.56 1.47
C LEU A 100 1.36 -15.83 2.75
N ALA A 101 2.29 -16.38 3.55
CA ALA A 101 2.74 -15.71 4.72
C ALA A 101 3.46 -14.41 4.55
N LEU A 102 4.22 -14.27 3.50
CA LEU A 102 5.08 -13.09 3.29
C LEU A 102 4.34 -12.09 2.40
N GLU A 103 3.09 -12.45 1.98
CA GLU A 103 2.10 -11.64 1.32
C GLU A 103 2.68 -11.10 0.05
N LEU A 104 3.27 -12.03 -0.74
CA LEU A 104 3.93 -11.65 -1.98
C LEU A 104 2.90 -11.46 -3.04
N LYS A 105 3.09 -10.50 -3.91
CA LYS A 105 2.27 -10.13 -4.99
C LYS A 105 2.50 -11.00 -6.22
N ASN A 106 3.01 -12.22 -6.04
CA ASN A 106 3.31 -13.26 -6.97
C ASN A 106 4.31 -14.14 -6.30
N SER A 107 4.70 -15.27 -6.97
CA SER A 107 5.62 -16.27 -6.49
C SER A 107 7.06 -16.13 -6.92
N SER A 108 7.48 -15.00 -7.57
CA SER A 108 8.91 -14.72 -7.97
C SER A 108 9.87 -14.58 -6.77
N LEU A 109 11.13 -15.04 -7.07
CA LEU A 109 12.22 -15.09 -6.21
C LEU A 109 12.71 -13.69 -5.94
N SER A 110 12.50 -12.75 -6.89
CA SER A 110 12.89 -11.38 -6.82
C SER A 110 12.19 -10.58 -5.77
N SER A 111 10.97 -11.10 -5.41
CA SER A 111 10.11 -10.55 -4.35
C SER A 111 10.43 -11.34 -3.09
N TYR A 112 10.64 -12.66 -3.16
CA TYR A 112 10.69 -13.56 -2.07
C TYR A 112 11.92 -13.20 -1.23
N ILE A 113 13.08 -12.93 -1.94
CA ILE A 113 14.37 -12.72 -1.31
C ILE A 113 14.30 -11.45 -0.45
N PRO A 114 13.89 -10.34 -0.89
CA PRO A 114 13.72 -9.17 0.00
C PRO A 114 12.79 -9.45 1.20
N ALA A 115 11.74 -10.24 1.05
CA ALA A 115 10.83 -10.53 2.08
C ALA A 115 11.49 -11.26 3.20
N VAL A 116 12.32 -12.28 3.04
CA VAL A 116 13.04 -12.98 4.07
C VAL A 116 14.01 -12.04 4.79
N ASN A 117 14.68 -11.22 3.98
CA ASN A 117 15.67 -10.34 4.47
C ASN A 117 15.10 -9.27 5.45
N ASP A 118 13.93 -8.59 5.03
CA ASP A 118 13.16 -7.63 5.73
C ASP A 118 12.60 -8.19 6.95
N LEU A 119 11.96 -9.43 6.94
CA LEU A 119 11.44 -10.10 8.11
C LEU A 119 12.55 -10.34 9.12
N SER A 120 13.75 -10.83 8.72
CA SER A 120 14.74 -11.10 9.69
C SER A 120 15.29 -9.79 10.33
N SER A 121 15.53 -8.79 9.51
CA SER A 121 16.14 -7.57 9.93
C SER A 121 15.23 -6.87 10.90
N GLU A 122 13.95 -6.88 10.58
CA GLU A 122 12.91 -6.18 11.46
C GLU A 122 12.72 -6.83 12.79
N LEU A 123 12.67 -8.16 12.78
CA LEU A 123 12.51 -9.00 13.97
C LEU A 123 13.68 -8.78 14.98
N VAL A 124 14.94 -8.69 14.46
CA VAL A 124 16.01 -8.41 15.30
C VAL A 124 15.99 -6.93 15.83
N ALA A 125 15.68 -5.97 14.95
CA ALA A 125 15.56 -4.63 15.41
C ALA A 125 14.52 -4.33 16.51
N ILE A 126 13.32 -4.93 16.43
CA ILE A 126 12.25 -4.76 17.30
C ILE A 126 12.64 -5.44 18.62
N GLU A 127 13.26 -6.65 18.64
CA GLU A 127 13.76 -7.34 19.76
C GLU A 127 14.85 -6.66 20.57
N LEU A 128 15.85 -6.04 19.89
CA LEU A 128 16.90 -5.26 20.50
C LEU A 128 16.40 -4.00 21.15
N ASN A 129 15.49 -3.22 20.47
CA ASN A 129 14.77 -2.05 20.95
C ASN A 129 13.96 -2.43 22.13
N ASN A 130 13.31 -3.62 22.13
CA ASN A 130 12.55 -4.16 23.28
C ASN A 130 13.44 -4.51 24.45
N GLN A 131 14.69 -5.03 24.23
CA GLN A 131 15.61 -5.24 25.34
C GLN A 131 16.08 -4.09 26.01
N GLU A 132 16.50 -3.07 25.22
CA GLU A 132 16.97 -1.78 25.72
C GLU A 132 15.84 -1.09 26.46
N MET A 133 14.59 -1.18 25.99
CA MET A 133 13.44 -0.54 26.64
C MET A 133 13.15 -1.23 27.96
N GLU A 134 13.30 -2.58 28.19
CA GLU A 134 13.19 -3.31 29.53
C GLU A 134 14.20 -2.86 30.48
N ALA A 135 15.52 -2.64 30.13
CA ALA A 135 16.58 -2.22 30.99
C ALA A 135 16.39 -0.85 31.57
N GLU A 136 15.93 0.10 30.68
CA GLU A 136 15.53 1.42 31.05
C GLU A 136 14.39 1.51 31.94
N LEU A 137 13.36 0.62 31.64
CA LEU A 137 12.19 0.56 32.58
C LEU A 137 12.62 0.19 34.00
N THR A 138 13.54 -0.78 34.05
CA THR A 138 14.04 -1.29 35.31
C THR A 138 14.87 -0.24 36.08
N SER A 139 15.72 0.52 35.39
CA SER A 139 16.52 1.59 35.88
C SER A 139 15.62 2.62 36.46
N LEU A 140 14.55 3.01 35.73
CA LEU A 140 13.61 4.02 36.16
C LEU A 140 12.84 3.53 37.42
N ARG A 141 12.51 2.23 37.49
CA ARG A 141 11.96 1.58 38.61
C ARG A 141 12.80 1.69 39.88
N LYS A 142 14.20 1.51 39.80
CA LYS A 142 15.15 1.82 40.88
C LYS A 142 15.22 3.23 41.28
N LYS A 143 15.21 4.16 40.25
CA LYS A 143 15.17 5.58 40.51
C LYS A 143 13.86 6.01 41.34
N LEU A 144 12.73 5.54 40.94
CA LEU A 144 11.46 5.78 41.63
C LEU A 144 11.36 5.23 43.07
N THR A 145 11.86 3.98 43.22
CA THR A 145 12.05 3.34 44.51
C THR A 145 13.07 4.03 45.40
N GLU A 146 14.20 4.44 44.85
CA GLU A 146 15.20 5.26 45.52
C GLU A 146 14.74 6.64 46.01
N ALA A 147 13.90 7.28 45.12
CA ALA A 147 13.30 8.57 45.35
C ALA A 147 12.30 8.50 46.48
N LEU A 148 11.54 7.44 46.53
CA LEU A 148 10.55 7.07 47.50
C LEU A 148 11.26 6.74 48.85
N VAL A 149 12.42 6.06 48.72
CA VAL A 149 13.22 5.81 49.88
C VAL A 149 13.77 7.08 50.57
N LEU A 150 14.18 8.02 49.74
CA LEU A 150 14.42 9.31 50.26
C LEU A 150 13.23 10.04 50.87
N GLU A 151 11.96 9.99 50.24
CA GLU A 151 10.81 10.62 50.85
C GLU A 151 10.54 10.14 52.26
N LYS A 152 10.56 8.82 52.51
CA LYS A 152 10.30 8.32 53.83
C LYS A 152 11.34 8.65 54.87
N SER A 153 12.65 8.61 54.47
CA SER A 153 13.91 8.94 55.15
C SER A 153 13.95 10.32 55.58
N LEU A 154 13.44 11.14 54.68
CA LEU A 154 13.12 12.53 54.93
C LEU A 154 11.97 12.66 55.93
N GLU A 155 10.86 11.85 55.93
CA GLU A 155 9.80 11.92 56.95
C GLU A 155 10.20 11.64 58.37
N ARG A 156 11.05 10.62 58.48
CA ARG A 156 11.63 10.17 59.70
C ARG A 156 12.59 11.14 60.28
N ASP A 157 13.52 11.60 59.46
CA ASP A 157 14.53 12.56 59.83
C ASP A 157 13.96 13.89 60.18
N LEU A 158 12.90 14.41 59.43
CA LEU A 158 12.13 15.60 59.69
C LEU A 158 11.42 15.46 61.00
N LYS A 159 10.79 14.37 61.31
CA LYS A 159 10.09 14.14 62.47
C LYS A 159 10.84 14.16 63.76
N LYS A 160 12.07 13.54 63.78
CA LYS A 160 13.09 13.59 64.80
C LYS A 160 13.63 15.01 64.96
N ALA A 161 13.78 15.73 63.83
CA ALA A 161 14.22 17.09 63.80
C ALA A 161 13.25 18.04 64.41
N GLU A 162 11.92 17.81 64.19
CA GLU A 162 10.82 18.59 64.69
C GLU A 162 10.69 18.52 66.17
N GLU A 163 10.97 17.30 66.72
CA GLU A 163 11.00 16.94 68.13
C GLU A 163 12.14 17.68 68.75
N GLN A 164 13.33 17.73 68.06
CA GLN A 164 14.48 18.47 68.52
C GLN A 164 14.23 19.93 68.58
N CYS A 165 13.57 20.52 67.57
CA CYS A 165 13.23 21.89 67.48
C CYS A 165 12.24 22.25 68.56
N ASN A 166 11.22 21.36 68.88
CA ASN A 166 10.19 21.56 69.86
C ASN A 166 10.83 21.56 71.27
N PHE A 167 11.83 20.60 71.45
CA PHE A 167 12.53 20.65 72.68
C PHE A 167 13.31 21.96 72.93
N GLU A 168 14.00 22.51 71.89
CA GLU A 168 14.82 23.64 71.89
C GLU A 168 14.11 24.96 72.07
N LYS A 169 12.94 25.04 71.41
CA LYS A 169 12.02 26.15 71.61
C LYS A 169 11.49 26.31 72.96
N ALA A 170 11.14 25.17 73.65
CA ALA A 170 10.57 25.09 74.99
C ALA A 170 11.53 25.54 75.98
N LYS A 171 12.84 25.16 75.76
CA LYS A 171 14.01 25.56 76.54
C LYS A 171 14.29 27.05 76.36
N VAL A 172 14.07 27.58 75.11
CA VAL A 172 14.25 28.98 74.63
C VAL A 172 13.24 29.88 75.31
N GLU A 173 11.97 29.39 75.58
CA GLU A 173 11.02 30.14 76.39
C GLU A 173 11.52 30.28 77.77
N ILE A 174 12.14 29.28 78.43
CA ILE A 174 12.60 29.40 79.81
C ILE A 174 13.81 30.32 79.88
N ARG A 175 14.66 30.19 78.79
CA ARG A 175 15.94 30.93 78.77
C ARG A 175 15.72 32.40 78.54
N SER A 176 14.69 32.72 77.66
CA SER A 176 14.35 34.04 77.34
C SER A 176 13.85 34.80 78.58
N GLN A 177 13.08 34.09 79.43
CA GLN A 177 12.59 34.62 80.68
C GLN A 177 13.69 34.82 81.74
N ASN A 178 14.61 33.74 81.78
CA ASN A 178 15.72 33.81 82.69
C ASN A 178 16.71 34.88 82.33
N MET A 179 16.90 35.18 81.03
CA MET A 179 17.72 36.26 80.61
C MET A 179 17.31 37.67 80.94
N LYS A 180 15.94 37.96 80.89
CA LYS A 180 15.37 39.24 81.13
C LYS A 180 15.64 39.61 82.61
N LYS A 181 15.49 38.59 83.45
CA LYS A 181 15.72 38.62 84.82
C LYS A 181 17.12 38.80 85.18
N LEU A 182 18.00 38.21 84.40
CA LEU A 182 19.40 38.30 84.62
C LEU A 182 19.96 39.68 84.39
N LYS A 183 19.45 40.39 83.31
CA LYS A 183 19.67 41.80 82.98
C LYS A 183 19.18 42.66 84.08
N ASP A 184 18.02 42.32 84.70
CA ASP A 184 17.46 43.15 85.77
C ASP A 184 18.29 43.09 87.00
N LYS A 185 18.75 41.86 87.30
CA LYS A 185 19.61 41.52 88.45
C LYS A 185 20.91 42.23 88.41
N SER A 186 21.48 42.35 87.21
CA SER A 186 22.65 43.08 86.81
C SER A 186 22.59 44.58 87.00
N GLU A 187 21.42 45.15 86.76
CA GLU A 187 21.22 46.57 86.97
C GLU A 187 21.18 46.96 88.41
N GLU A 188 20.62 46.14 89.31
CA GLU A 188 20.51 46.19 90.75
C GLU A 188 21.85 46.04 91.34
N TYR A 189 22.61 45.09 90.83
CA TYR A 189 23.91 44.85 91.38
C TYR A 189 24.82 45.99 91.16
N LYS A 190 24.74 46.58 90.01
CA LYS A 190 25.58 47.63 89.60
C LYS A 190 25.51 48.87 90.44
N TYR A 191 24.28 49.28 90.95
CA TYR A 191 24.09 50.52 91.71
C TYR A 191 24.76 50.27 93.00
N LYS A 192 24.61 49.02 93.60
CA LYS A 192 25.16 48.62 94.89
C LYS A 192 26.73 48.54 94.76
N ILE A 193 27.28 48.17 93.56
CA ILE A 193 28.73 48.14 93.27
C ILE A 193 29.35 49.55 93.30
N HIS A 194 28.57 50.63 92.80
CA HIS A 194 29.12 51.92 92.87
C HIS A 194 29.06 52.51 94.25
N ALA A 195 27.99 52.31 95.05
CA ALA A 195 27.78 52.90 96.35
C ALA A 195 28.87 52.45 97.30
N ALA A 196 29.23 51.16 97.12
CA ALA A 196 30.27 50.55 97.92
C ALA A 196 31.57 51.01 97.53
N LYS A 197 31.77 51.18 96.19
CA LYS A 197 33.07 51.68 95.74
C LYS A 197 33.36 53.06 96.22
N ASP A 198 32.27 53.92 96.38
CA ASP A 198 32.49 55.28 96.71
C ASP A 198 32.98 55.39 98.16
N GLN A 199 32.45 54.54 99.13
CA GLN A 199 32.89 54.58 100.47
C GLN A 199 34.34 54.12 100.63
N LEU A 200 34.68 53.09 99.81
CA LEU A 200 35.84 52.27 99.89
C LEU A 200 37.11 52.98 99.50
N SER A 201 37.03 53.85 98.38
CA SER A 201 38.06 54.71 97.88
C SER A 201 38.25 55.90 98.84
N SER A 202 37.14 56.44 99.34
CA SER A 202 37.19 57.51 100.30
C SER A 202 37.78 57.08 101.63
N ALA A 203 37.66 55.72 101.86
CA ALA A 203 38.17 55.07 103.09
C ALA A 203 39.76 54.91 103.05
N GLY A 204 40.42 55.36 101.94
CA GLY A 204 41.87 55.18 101.76
C GLY A 204 42.43 53.85 101.37
N MET A 205 41.47 53.00 100.77
CA MET A 205 41.74 51.65 100.39
C MET A 205 42.82 51.66 99.30
N GLU A 206 43.99 51.01 99.46
CA GLU A 206 45.00 50.88 98.50
C GLU A 206 45.73 49.55 98.82
N GLU A 207 46.43 49.09 97.74
CA GLU A 207 47.04 47.86 97.68
C GLU A 207 48.22 47.63 98.66
N PRO A 208 49.20 48.51 98.93
CA PRO A 208 50.29 48.20 99.87
C PRO A 208 49.81 48.23 101.32
N LEU A 209 48.52 48.58 101.56
CA LEU A 209 48.01 48.66 102.88
C LEU A 209 47.29 47.36 103.14
N THR A 210 47.36 46.34 102.31
CA THR A 210 46.72 45.06 102.49
C THR A 210 47.62 44.13 103.31
N HIS A 211 46.99 43.00 103.81
CA HIS A 211 47.74 41.89 104.51
C HIS A 211 48.81 41.33 103.62
N ARG A 212 48.60 41.12 102.31
CA ARG A 212 49.49 40.40 101.47
C ARG A 212 50.76 41.13 101.22
N SER A 213 50.70 42.47 101.04
CA SER A 213 51.82 43.35 100.83
C SER A 213 52.63 43.45 102.10
N LEU A 214 51.90 43.53 103.31
CA LEU A 214 52.43 43.78 104.58
C LEU A 214 53.17 42.61 105.11
N VAL A 215 52.73 41.36 104.86
CA VAL A 215 53.44 40.13 105.11
C VAL A 215 54.71 40.08 104.24
N SER A 216 54.52 40.52 103.00
CA SER A 216 55.59 40.63 101.99
C SER A 216 56.70 41.63 102.50
N LEU A 217 56.41 42.74 103.11
CA LEU A 217 57.24 43.73 103.77
C LEU A 217 57.99 43.19 104.94
N SER A 218 57.28 42.37 105.80
CA SER A 218 57.91 41.66 106.88
C SER A 218 58.94 40.60 106.62
N GLU A 219 58.71 39.77 105.52
CA GLU A 219 59.65 38.73 105.16
C GLU A 219 60.86 39.34 104.51
N THR A 220 60.70 40.48 103.81
CA THR A 220 61.80 41.20 103.15
C THR A 220 62.61 41.81 104.28
N LEU A 221 62.01 42.36 105.40
CA LEU A 221 62.76 43.03 106.40
C LEU A 221 63.73 42.14 107.09
N THR A 222 63.33 40.89 107.46
CA THR A 222 64.23 39.84 108.05
C THR A 222 65.38 39.46 107.15
N GLU A 223 65.07 39.33 105.82
CA GLU A 223 66.03 38.88 104.78
C GLU A 223 67.20 39.93 104.55
N LEU A 224 66.76 41.25 104.57
CA LEU A 224 67.60 42.40 104.38
C LEU A 224 68.53 42.58 105.45
N LYS A 225 67.98 42.28 106.67
CA LYS A 225 68.78 42.31 107.94
C LYS A 225 70.00 41.36 107.97
N ALA A 226 69.83 40.20 107.34
CA ALA A 226 70.82 39.18 107.21
C ALA A 226 71.95 39.59 106.33
N GLN A 227 71.60 40.34 105.23
CA GLN A 227 72.57 40.77 104.29
C GLN A 227 73.49 41.85 104.89
N SER A 228 72.86 42.73 105.68
CA SER A 228 73.36 43.95 106.26
C SER A 228 74.39 43.61 107.24
N MET A 229 74.18 42.59 108.10
CA MET A 229 75.03 42.01 109.08
C MET A 229 76.20 41.39 108.43
N ALA A 230 76.02 40.63 107.33
CA ALA A 230 77.06 39.90 106.59
C ALA A 230 78.07 40.87 105.99
N ILE B 97 25.43 -10.46 31.91
CA ILE B 97 26.33 -11.08 31.01
C ILE B 97 25.89 -12.27 30.22
N GLU B 98 24.93 -13.08 30.79
CA GLU B 98 24.52 -14.30 30.19
C GLU B 98 23.69 -13.89 28.98
N LYS B 99 22.94 -12.82 29.25
CA LYS B 99 22.02 -12.23 28.28
C LYS B 99 22.76 -11.54 27.16
N LEU B 100 23.85 -10.76 27.41
CA LEU B 100 24.82 -10.22 26.45
C LEU B 100 25.55 -11.28 25.67
N GLU B 101 25.93 -12.37 26.34
CA GLU B 101 26.63 -13.50 25.70
C GLU B 101 25.77 -14.23 24.71
N GLU B 102 24.45 -14.40 25.07
CA GLU B 102 23.45 -14.88 24.16
C GLU B 102 23.18 -13.95 23.07
N GLU B 103 23.22 -12.59 23.31
CA GLU B 103 23.02 -11.60 22.30
C GLU B 103 24.18 -11.61 21.28
N VAL B 104 25.47 -11.69 21.72
CA VAL B 104 26.67 -11.86 20.92
C VAL B 104 26.68 -13.11 20.12
N LYS B 105 26.11 -14.18 20.73
CA LYS B 105 25.92 -15.44 20.04
C LYS B 105 24.90 -15.32 18.94
N ALA B 106 23.79 -14.62 19.23
CA ALA B 106 22.67 -14.41 18.35
C ALA B 106 22.95 -13.55 17.18
N LEU B 107 23.69 -12.44 17.42
CA LEU B 107 24.14 -11.53 16.44
C LEU B 107 25.13 -12.15 15.53
N GLN B 108 26.06 -12.97 16.05
CA GLN B 108 26.97 -13.81 15.34
C GLN B 108 26.32 -14.87 14.46
N LYS B 109 25.28 -15.61 14.93
CA LYS B 109 24.54 -16.51 14.07
C LYS B 109 23.88 -15.72 12.97
N GLN B 110 23.35 -14.47 13.27
CA GLN B 110 22.78 -13.60 12.26
C GLN B 110 23.69 -13.18 11.23
N LYS B 111 24.90 -12.85 11.59
CA LYS B 111 26.07 -12.47 10.80
C LYS B 111 26.45 -13.53 9.81
N ASN B 112 26.46 -14.75 10.33
CA ASN B 112 26.72 -15.96 9.63
C ASN B 112 25.62 -16.27 8.58
N LEU B 113 24.33 -16.05 8.93
CA LEU B 113 23.14 -16.12 8.01
C LEU B 113 23.26 -15.03 6.87
N HIS B 114 23.51 -13.74 7.19
CA HIS B 114 23.67 -12.65 6.27
C HIS B 114 24.87 -12.89 5.31
N ILE B 115 26.03 -13.48 5.76
CA ILE B 115 27.08 -13.81 4.85
C ILE B 115 26.65 -14.85 3.79
N ARG B 116 25.96 -15.87 4.27
CA ARG B 116 25.46 -16.91 3.40
C ARG B 116 24.41 -16.40 2.47
N ARG B 117 23.38 -15.61 2.89
CA ARG B 117 22.33 -15.01 2.02
C ARG B 117 22.82 -14.02 1.03
N ARG B 118 23.77 -13.17 1.52
CA ARG B 118 24.47 -12.29 0.64
C ARG B 118 25.24 -12.89 -0.51
N ASN B 119 26.00 -14.02 -0.33
CA ASN B 119 26.74 -14.67 -1.35
C ASN B 119 25.73 -15.23 -2.37
N LYS B 120 24.60 -15.80 -1.92
CA LYS B 120 23.57 -16.34 -2.80
C LYS B 120 22.95 -15.22 -3.61
N LEU B 121 22.78 -14.08 -2.91
CA LEU B 121 22.17 -12.84 -3.40
C LEU B 121 22.98 -12.29 -4.54
N GLN B 122 24.36 -12.37 -4.47
CA GLN B 122 25.34 -12.05 -5.52
C GLN B 122 25.22 -12.95 -6.72
N MET B 123 24.81 -14.23 -6.38
CA MET B 123 24.53 -15.16 -7.41
C MET B 123 23.29 -14.88 -8.21
N VAL B 124 22.21 -14.62 -7.46
CA VAL B 124 20.88 -14.31 -7.97
C VAL B 124 20.91 -12.99 -8.74
N GLU B 125 21.75 -12.01 -8.22
CA GLU B 125 21.87 -10.70 -8.85
C GLU B 125 22.45 -10.68 -10.22
N SER B 126 23.54 -11.48 -10.36
CA SER B 126 24.29 -11.67 -11.59
C SER B 126 23.50 -12.34 -12.60
N GLY B 127 22.74 -13.32 -12.15
CA GLY B 127 21.82 -14.20 -12.84
C GLY B 127 20.67 -13.42 -13.33
N ASN B 128 20.05 -12.51 -12.53
CA ASN B 128 18.93 -11.67 -13.01
C ASN B 128 19.40 -10.62 -14.00
N ARG B 129 20.62 -10.06 -13.79
CA ARG B 129 21.28 -9.20 -14.70
C ARG B 129 21.47 -9.88 -16.07
N GLN B 130 21.82 -11.20 -16.10
CA GLN B 130 21.93 -11.98 -17.27
C GLN B 130 20.57 -12.09 -17.87
N MET B 131 19.52 -12.26 -17.04
CA MET B 131 18.11 -12.43 -17.62
C MET B 131 17.62 -11.17 -18.33
N CYS B 132 17.95 -9.98 -17.77
CA CYS B 132 17.63 -8.64 -18.22
C CYS B 132 18.19 -8.34 -19.57
N LEU B 133 19.39 -8.84 -19.79
CA LEU B 133 20.07 -8.85 -21.04
C LEU B 133 19.48 -9.78 -22.06
N LYS B 134 19.09 -11.00 -21.60
CA LYS B 134 18.49 -11.92 -22.50
C LYS B 134 17.16 -11.54 -23.03
N SER B 135 16.33 -10.92 -22.12
CA SER B 135 14.98 -10.40 -22.45
C SER B 135 14.94 -9.27 -23.46
N LYS B 136 15.94 -8.42 -23.47
CA LYS B 136 16.15 -7.42 -24.44
C LYS B 136 16.48 -8.03 -25.81
N ASP B 137 17.27 -9.12 -25.85
CA ASP B 137 17.58 -9.93 -27.01
C ASP B 137 16.35 -10.67 -27.46
N LYS B 138 15.43 -11.16 -26.52
CA LYS B 138 14.18 -11.89 -26.87
C LYS B 138 13.21 -10.97 -27.61
N GLU B 139 13.00 -9.69 -27.15
CA GLU B 139 12.17 -8.70 -27.78
C GLU B 139 12.70 -8.45 -29.26
N GLU B 140 14.02 -8.42 -29.44
CA GLU B 140 14.61 -8.19 -30.80
C GLU B 140 14.38 -9.33 -31.85
N GLU B 141 14.56 -10.58 -31.33
CA GLU B 141 14.34 -11.89 -31.98
C GLU B 141 12.93 -12.06 -32.33
N THR B 142 11.96 -11.78 -31.40
CA THR B 142 10.61 -11.76 -31.64
C THR B 142 10.12 -10.73 -32.63
N GLY B 143 10.76 -9.47 -32.66
CA GLY B 143 10.44 -8.41 -33.61
C GLY B 143 10.74 -8.81 -35.03
N ARG B 144 11.84 -9.60 -35.12
CA ARG B 144 12.27 -10.15 -36.46
C ARG B 144 11.28 -11.16 -36.93
N ALA B 145 10.85 -12.07 -36.08
CA ALA B 145 9.95 -13.08 -36.49
C ALA B 145 8.63 -12.53 -37.06
N PHE B 146 8.12 -11.48 -36.35
CA PHE B 146 6.97 -10.75 -36.64
C PHE B 146 6.96 -10.06 -37.95
N GLN B 147 8.11 -9.43 -38.35
CA GLN B 147 8.33 -8.74 -39.58
C GLN B 147 8.29 -9.75 -40.75
N GLU B 148 8.70 -11.05 -40.49
CA GLU B 148 8.61 -12.02 -41.54
C GLU B 148 7.19 -12.43 -41.86
N VAL B 149 6.31 -12.57 -40.81
CA VAL B 149 4.94 -12.95 -40.97
C VAL B 149 4.25 -11.82 -41.71
N LEU B 150 4.57 -10.50 -41.38
CA LEU B 150 4.02 -9.37 -42.06
C LEU B 150 4.40 -9.34 -43.54
N HIS B 151 5.64 -9.79 -43.84
CA HIS B 151 6.13 -9.98 -45.28
C HIS B 151 5.39 -10.95 -46.02
N LEU B 152 5.04 -12.09 -45.36
CA LEU B 152 4.29 -13.18 -45.96
C LEU B 152 2.92 -12.62 -46.37
N LEU B 153 2.32 -11.73 -45.47
CA LEU B 153 1.08 -11.08 -45.52
C LEU B 153 1.17 -10.02 -46.62
N ARG B 154 2.33 -9.38 -46.97
CA ARG B 154 2.45 -8.44 -48.05
C ARG B 154 2.24 -9.18 -49.34
N VAL B 155 2.78 -10.46 -49.51
CA VAL B 155 2.51 -11.15 -50.72
C VAL B 155 1.10 -11.50 -50.89
N THR B 156 0.44 -12.05 -49.77
CA THR B 156 -0.93 -12.48 -49.72
C THR B 156 -1.88 -11.31 -50.09
N ASN B 157 -1.60 -10.11 -49.60
CA ASN B 157 -2.34 -8.86 -49.95
C ASN B 157 -2.26 -8.59 -51.44
N LYS B 158 -1.05 -8.69 -52.06
CA LYS B 158 -0.84 -8.49 -53.53
C LYS B 158 -1.59 -9.48 -54.35
N LYS B 159 -1.58 -10.73 -53.85
CA LYS B 159 -2.26 -11.82 -54.50
C LYS B 159 -3.76 -11.63 -54.57
N LEU B 160 -4.31 -11.23 -53.43
CA LEU B 160 -5.70 -10.91 -53.23
C LEU B 160 -6.21 -9.79 -54.12
N ASN B 161 -5.36 -8.75 -54.22
CA ASN B 161 -5.60 -7.62 -55.02
C ASN B 161 -5.70 -8.01 -56.47
N HIS B 162 -4.82 -8.96 -56.89
CA HIS B 162 -4.71 -9.55 -58.21
C HIS B 162 -5.95 -10.36 -58.59
N GLU B 163 -6.41 -11.16 -57.68
CA GLU B 163 -7.59 -12.04 -57.89
C GLU B 163 -8.90 -11.25 -58.05
N LEU B 164 -8.99 -10.17 -57.22
CA LEU B 164 -10.06 -9.18 -57.25
C LEU B 164 -10.10 -8.50 -58.55
N GLN B 165 -8.92 -8.17 -59.07
CA GLN B 165 -8.76 -7.52 -60.31
C GLN B 165 -9.12 -8.43 -61.45
N SER B 166 -8.77 -9.76 -61.35
CA SER B 166 -9.09 -10.77 -62.37
C SER B 166 -10.52 -10.94 -62.52
N ILE B 167 -11.29 -10.90 -61.41
CA ILE B 167 -12.65 -11.01 -61.32
C ILE B 167 -13.31 -9.82 -62.00
N VAL B 168 -12.78 -8.56 -61.81
CA VAL B 168 -13.20 -7.38 -62.48
C VAL B 168 -12.93 -7.56 -64.00
N ASN B 169 -11.75 -8.12 -64.38
CA ASN B 169 -11.29 -8.28 -65.77
C ASN B 169 -12.08 -9.31 -66.49
N GLY B 170 -12.37 -10.41 -65.76
CA GLY B 170 -13.13 -11.59 -66.13
C GLY B 170 -14.53 -11.27 -66.44
N VAL B 171 -15.16 -10.41 -65.60
CA VAL B 171 -16.54 -9.96 -65.78
C VAL B 171 -16.61 -8.97 -66.93
N GLN B 172 -15.58 -8.08 -67.07
CA GLN B 172 -15.40 -7.14 -68.19
C GLN B 172 -15.26 -7.76 -69.57
N THR B 173 -14.46 -8.87 -69.62
CA THR B 173 -14.29 -9.76 -70.74
C THR B 173 -15.54 -10.52 -70.97
N LEU B 174 -16.24 -11.06 -69.96
CA LEU B 174 -17.50 -11.80 -70.12
C LEU B 174 -18.68 -11.06 -70.77
N MET B 175 -18.86 -9.74 -70.44
CA MET B 175 -19.95 -8.89 -70.91
C MET B 175 -19.83 -8.51 -72.38
N SER B 176 -18.58 -8.43 -72.89
CA SER B 176 -18.39 -8.17 -74.28
C SER B 176 -18.87 -9.22 -75.27
N PHE B 177 -19.03 -10.52 -74.71
CA PHE B 177 -19.62 -11.58 -75.47
C PHE B 177 -21.09 -11.44 -75.59
N PHE B 178 -21.68 -10.61 -74.62
CA PHE B 178 -23.05 -10.38 -74.60
C PHE B 178 -23.35 -9.03 -75.29
N SER B 179 -22.61 -8.69 -76.35
CA SER B 179 -22.82 -7.49 -77.13
C SER B 179 -23.50 -7.76 -78.46
N THR B 180 -24.58 -7.01 -78.66
CA THR B 180 -25.23 -6.63 -79.97
C THR B 180 -24.23 -5.66 -80.59
N PRO B 181 -24.00 -5.47 -81.90
CA PRO B 181 -23.29 -4.39 -82.47
C PRO B 181 -23.70 -2.96 -82.05
N GLU B 182 -22.67 -2.07 -81.84
CA GLU B 182 -22.67 -0.72 -82.30
C GLU B 182 -21.33 -0.43 -82.97
N THR B 183 -20.58 -1.48 -83.34
CA THR B 183 -19.55 -1.22 -84.25
C THR B 183 -20.00 -1.01 -85.70
N ALA B 184 -19.27 -0.25 -86.45
CA ALA B 184 -19.05 -0.41 -87.87
C ALA B 184 -17.61 -0.16 -88.12
N CYS B 185 -16.80 0.14 -87.10
CA CYS B 185 -15.33 0.18 -87.05
C CYS B 185 -14.88 -1.22 -87.39
N GLU B 186 -15.52 -2.20 -86.73
CA GLU B 186 -15.37 -3.67 -87.07
C GLU B 186 -16.61 -3.93 -87.84
N LEU B 187 -16.47 -4.46 -89.03
CA LEU B 187 -17.41 -5.37 -89.66
C LEU B 187 -16.87 -6.69 -89.77
N SER B 188 -15.72 -6.86 -89.07
CA SER B 188 -15.06 -8.18 -89.01
C SER B 188 -15.66 -9.11 -88.06
N SER B 189 -16.22 -8.61 -87.00
CA SER B 189 -16.85 -9.34 -85.98
C SER B 189 -18.34 -9.59 -86.36
N GLN B 190 -18.95 -10.56 -85.60
CA GLN B 190 -20.36 -10.83 -85.59
C GLN B 190 -20.58 -11.11 -84.16
N PRO B 191 -21.77 -10.92 -83.62
CA PRO B 191 -22.16 -11.50 -82.31
C PRO B 191 -22.19 -12.94 -82.24
N ILE B 192 -22.14 -13.58 -81.04
CA ILE B 192 -22.40 -15.00 -80.81
C ILE B 192 -23.92 -15.21 -80.97
N PHE B 193 -24.60 -14.84 -79.89
CA PHE B 193 -25.91 -15.28 -79.51
C PHE B 193 -26.92 -14.95 -80.53
N LEU B 194 -27.86 -15.86 -80.69
CA LEU B 194 -28.81 -15.82 -81.74
C LEU B 194 -29.71 -14.71 -81.72
N SER B 195 -30.12 -14.34 -80.49
CA SER B 195 -30.86 -13.11 -80.30
C SER B 195 -30.14 -11.78 -80.51
N GLN B 196 -28.82 -11.86 -80.41
CA GLN B 196 -27.96 -10.69 -80.58
C GLN B 196 -27.65 -10.52 -81.95
N LEU B 197 -27.78 -11.60 -82.82
CA LEU B 197 -27.55 -11.48 -84.21
C LEU B 197 -28.79 -10.81 -84.86
N LEU B 198 -28.60 -10.16 -86.00
CA LEU B 198 -29.69 -9.65 -86.82
C LEU B 198 -30.43 -10.80 -87.45
N LEU B 199 -31.64 -11.04 -86.97
CA LEU B 199 -32.50 -12.06 -87.52
C LEU B 199 -33.31 -11.50 -88.68
N ASP B 200 -33.07 -10.22 -88.99
CA ASP B 200 -33.90 -9.60 -89.97
C ASP B 200 -33.81 -10.32 -91.31
N LYS B 201 -32.51 -10.62 -91.65
CA LYS B 201 -32.16 -11.37 -92.85
C LYS B 201 -32.69 -12.81 -93.08
N TYR B 202 -32.63 -13.66 -92.05
CA TYR B 202 -33.19 -14.94 -92.10
C TYR B 202 -34.68 -14.88 -92.19
N LEU B 203 -35.34 -14.04 -91.38
CA LEU B 203 -36.75 -13.80 -91.34
C LEU B 203 -37.38 -13.26 -92.56
N SER B 204 -36.60 -12.36 -93.23
CA SER B 204 -36.97 -11.93 -94.56
C SER B 204 -36.91 -13.06 -95.62
N LEU B 205 -35.86 -13.92 -95.59
CA LEU B 205 -35.74 -15.12 -96.41
C LEU B 205 -36.79 -16.17 -96.32
N GLU B 206 -37.26 -16.43 -95.04
CA GLU B 206 -38.39 -17.20 -94.72
C GLU B 206 -39.73 -16.61 -95.26
N GLU B 207 -39.80 -15.24 -95.30
CA GLU B 207 -40.87 -14.37 -95.72
C GLU B 207 -41.04 -14.38 -97.25
N GLN B 208 -39.89 -14.39 -97.98
CA GLN B 208 -39.74 -14.72 -99.43
C GLN B 208 -40.05 -16.18 -99.77
N SER B 209 -39.63 -17.17 -98.97
CA SER B 209 -40.04 -18.54 -99.16
C SER B 209 -41.50 -18.78 -99.02
N THR B 210 -42.17 -18.16 -98.03
CA THR B 210 -43.57 -18.26 -97.90
C THR B 210 -44.18 -17.61 -99.14
N ALA B 211 -43.62 -16.52 -99.71
CA ALA B 211 -44.12 -15.68 -100.77
C ALA B 211 -44.05 -16.49 -102.05
N ALA B 212 -42.93 -17.27 -102.19
CA ALA B 212 -42.73 -18.20 -103.27
C ALA B 212 -43.75 -19.34 -103.27
N LEU B 213 -44.08 -19.95 -102.12
CA LEU B 213 -45.18 -20.88 -101.99
C LEU B 213 -46.50 -20.19 -102.23
N THR B 214 -46.75 -18.90 -101.73
CA THR B 214 -47.98 -18.22 -101.92
C THR B 214 -48.26 -17.94 -103.38
N SER B 215 -47.23 -17.43 -104.06
CA SER B 215 -47.28 -17.06 -105.47
C SER B 215 -47.58 -18.31 -106.25
N PHE B 216 -46.97 -19.47 -105.87
CA PHE B 216 -47.23 -20.76 -106.50
C PHE B 216 -48.60 -21.34 -106.40
N THR B 217 -49.26 -21.19 -105.16
CA THR B 217 -50.59 -21.76 -104.90
C THR B 217 -51.53 -20.88 -105.71
N LYS B 218 -51.26 -19.55 -105.78
CA LYS B 218 -52.13 -18.56 -106.38
C LYS B 218 -52.15 -18.82 -107.92
N GLU B 219 -51.00 -19.03 -108.51
CA GLU B 219 -50.92 -19.05 -109.98
C GLU B 219 -51.45 -20.18 -110.76
N HIS B 220 -51.54 -21.40 -110.15
CA HIS B 220 -51.86 -22.57 -110.96
C HIS B 220 -53.17 -23.16 -110.63
N PHE B 221 -53.75 -22.77 -109.46
CA PHE B 221 -55.08 -23.06 -108.99
C PHE B 221 -56.03 -21.90 -109.38
N PHE B 222 -57.29 -22.29 -109.83
CA PHE B 222 -58.44 -21.49 -110.22
C PHE B 222 -58.55 -20.14 -109.63
N GLU B 223 -58.92 -19.26 -110.49
CA GLU B 223 -59.21 -17.83 -110.40
C GLU B 223 -60.03 -17.40 -109.19
N GLY B 224 -61.15 -18.17 -109.00
CA GLY B 224 -62.11 -18.23 -107.97
C GLY B 224 -61.61 -18.23 -106.56
N MET B 225 -60.33 -18.62 -106.38
CA MET B 225 -59.66 -18.57 -105.06
C MET B 225 -59.18 -17.18 -104.77
N SER B 226 -59.23 -16.14 -105.66
CA SER B 226 -58.99 -14.78 -105.33
C SER B 226 -60.06 -14.31 -104.34
N LYS B 227 -59.66 -14.19 -103.06
CA LYS B 227 -60.53 -13.66 -101.99
C LYS B 227 -59.51 -13.15 -101.06
N PHE B 228 -58.47 -14.05 -100.87
CA PHE B 228 -57.24 -13.78 -100.20
C PHE B 228 -56.48 -15.03 -100.29
N VAL B 229 -55.29 -14.91 -100.85
CA VAL B 229 -54.42 -16.01 -101.14
C VAL B 229 -53.14 -15.30 -101.66
N GLU B 230 -52.97 -14.05 -101.14
CA GLU B 230 -52.06 -13.10 -101.74
C GLU B 230 -50.87 -12.98 -100.78
N GLY B 231 -51.17 -12.86 -99.48
CA GLY B 231 -50.22 -12.71 -98.40
C GLY B 231 -49.42 -11.43 -98.40
N SER B 232 -48.63 -11.23 -97.29
CA SER B 232 -47.65 -10.26 -97.00
C SER B 232 -48.20 -9.45 -95.99
N ASP B 233 -47.97 -9.90 -94.73
CA ASP B 233 -46.90 -9.41 -93.81
C ASP B 233 -45.77 -10.41 -93.83
N GLU B 234 -45.96 -11.49 -92.96
CA GLU B 234 -45.60 -12.91 -93.30
C GLU B 234 -46.65 -13.40 -94.23
N ASN B 235 -46.14 -14.09 -95.27
CA ASN B 235 -46.95 -14.49 -96.42
C ASN B 235 -47.83 -15.72 -96.19
N PHE B 236 -49.07 -15.66 -96.81
CA PHE B 236 -50.24 -15.94 -96.08
C PHE B 236 -51.31 -16.15 -97.16
N GLN B 237 -52.54 -16.47 -96.74
CA GLN B 237 -52.98 -17.80 -96.49
C GLN B 237 -53.98 -18.20 -97.55
N LEU B 238 -53.70 -19.29 -98.22
CA LEU B 238 -54.60 -20.24 -98.95
C LEU B 238 -56.01 -20.36 -98.49
N VAL B 239 -57.01 -19.99 -99.39
CA VAL B 239 -58.40 -20.44 -99.26
C VAL B 239 -58.66 -21.56 -100.25
N GLN B 240 -59.80 -22.35 -99.97
CA GLN B 240 -60.01 -23.50 -100.68
C GLN B 240 -60.47 -23.16 -102.05
N LEU B 241 -60.05 -24.02 -103.09
CA LEU B 241 -60.55 -24.41 -104.38
C LEU B 241 -62.09 -24.31 -104.64
N ASN B 242 -62.50 -23.96 -105.87
CA ASN B 242 -63.59 -24.61 -106.55
C ASN B 242 -62.79 -25.63 -107.35
N VAL B 243 -63.10 -26.91 -107.13
CA VAL B 243 -62.77 -27.98 -108.03
C VAL B 243 -63.39 -27.88 -109.39
N ASN B 244 -64.68 -27.58 -109.57
CA ASN B 244 -65.41 -27.74 -110.77
C ASN B 244 -65.36 -26.49 -111.42
N SER B 245 -64.37 -26.43 -112.37
CA SER B 245 -64.05 -25.23 -113.17
C SER B 245 -63.25 -25.36 -114.47
N LYS B 351 -68.84 -37.58 -121.68
CA LYS B 351 -67.76 -38.48 -121.34
C LYS B 351 -66.30 -38.05 -121.46
N GLY B 352 -66.01 -37.44 -122.63
CA GLY B 352 -64.77 -36.71 -122.84
C GLY B 352 -64.38 -35.61 -121.93
N ASP B 353 -65.38 -34.84 -121.44
CA ASP B 353 -65.39 -33.71 -120.53
C ASP B 353 -65.02 -34.22 -119.14
N TYR B 354 -65.67 -35.33 -118.68
CA TYR B 354 -65.47 -35.98 -117.39
C TYR B 354 -64.03 -36.43 -117.16
N ASP B 355 -63.51 -37.21 -118.13
CA ASP B 355 -62.13 -37.72 -118.25
C ASP B 355 -61.15 -36.56 -118.15
N LEU B 356 -61.42 -35.43 -118.80
CA LEU B 356 -60.60 -34.23 -118.68
C LEU B 356 -60.54 -33.64 -117.29
N GLN B 357 -61.68 -33.58 -116.63
CA GLN B 357 -61.90 -33.07 -115.33
C GLN B 357 -61.09 -33.82 -114.36
N MET B 358 -61.14 -35.19 -114.44
CA MET B 358 -60.33 -36.03 -113.59
C MET B 358 -58.82 -35.70 -113.80
N ALA B 359 -58.41 -35.57 -115.10
CA ALA B 359 -56.95 -35.26 -115.40
C ALA B 359 -56.33 -33.98 -114.75
N HIS B 360 -57.19 -32.97 -114.75
CA HIS B 360 -56.93 -31.70 -114.01
C HIS B 360 -56.84 -31.87 -112.50
N GLN B 361 -57.74 -32.66 -111.91
CA GLN B 361 -57.84 -32.89 -110.50
C GLN B 361 -56.60 -33.56 -109.95
N THR B 362 -56.17 -34.63 -110.58
CA THR B 362 -54.96 -35.38 -110.40
C THR B 362 -53.72 -34.45 -110.48
N SER B 363 -53.62 -33.47 -111.40
CA SER B 363 -52.55 -32.52 -111.42
C SER B 363 -52.49 -31.63 -110.12
N CYS B 364 -53.70 -31.18 -109.61
CA CYS B 364 -53.89 -30.39 -108.37
C CYS B 364 -53.51 -31.24 -107.16
N SER B 365 -53.85 -32.54 -107.14
CA SER B 365 -53.49 -33.45 -106.08
C SER B 365 -52.03 -33.56 -105.93
N SER B 366 -51.18 -33.73 -106.95
CA SER B 366 -49.75 -33.69 -106.86
C SER B 366 -49.10 -32.36 -106.40
N ARG B 367 -49.63 -31.26 -106.95
CA ARG B 367 -49.16 -29.87 -106.65
C ARG B 367 -49.34 -29.48 -105.17
N GLN B 368 -50.50 -29.85 -104.56
CA GLN B 368 -50.81 -29.78 -103.13
C GLN B 368 -49.96 -30.59 -102.19
N ASP B 369 -49.55 -31.83 -102.62
CA ASP B 369 -48.59 -32.57 -101.87
C ASP B 369 -47.25 -31.90 -101.75
N LEU B 370 -46.78 -31.31 -102.86
CA LEU B 370 -45.53 -30.55 -102.93
C LEU B 370 -45.53 -29.38 -102.02
N VAL B 371 -46.65 -28.58 -101.88
CA VAL B 371 -46.82 -27.44 -101.01
C VAL B 371 -46.72 -27.92 -99.56
N CYS B 372 -47.46 -29.12 -99.30
CA CYS B 372 -47.49 -29.63 -98.00
C CYS B 372 -46.09 -29.98 -97.46
N ASP B 373 -45.18 -30.74 -98.18
CA ASP B 373 -43.82 -31.01 -97.80
C ASP B 373 -43.00 -29.78 -97.53
N HIS B 374 -43.10 -28.73 -98.37
CA HIS B 374 -42.38 -27.51 -98.22
C HIS B 374 -42.74 -26.82 -96.93
N LEU B 375 -44.01 -26.76 -96.54
CA LEU B 375 -44.33 -26.04 -95.31
C LEU B 375 -43.73 -26.77 -94.09
N MET B 376 -43.72 -28.05 -94.23
CA MET B 376 -43.28 -28.95 -93.13
C MET B 376 -41.75 -28.87 -92.83
N LYS B 377 -40.91 -28.80 -93.92
CA LYS B 377 -39.53 -28.42 -93.87
C LYS B 377 -39.25 -27.07 -93.23
N GLN B 378 -40.09 -26.05 -93.50
CA GLN B 378 -40.02 -24.71 -92.92
C GLN B 378 -40.29 -24.76 -91.45
N LYS B 379 -41.33 -25.58 -91.00
CA LYS B 379 -41.70 -25.78 -89.65
C LYS B 379 -40.63 -26.38 -88.82
N ALA B 380 -39.95 -27.44 -89.29
CA ALA B 380 -38.80 -28.01 -88.62
C ALA B 380 -37.72 -26.94 -88.30
N SER B 381 -37.47 -26.04 -89.35
CA SER B 381 -36.43 -25.02 -89.35
C SER B 381 -36.60 -24.02 -88.27
N PHE B 382 -37.95 -23.62 -88.05
CA PHE B 382 -38.43 -22.76 -86.96
C PHE B 382 -38.30 -23.40 -85.61
N GLU B 383 -38.64 -24.71 -85.53
CA GLU B 383 -38.60 -25.48 -84.36
C GLU B 383 -37.26 -25.65 -83.68
N LEU B 384 -36.24 -25.81 -84.50
CA LEU B 384 -34.84 -25.78 -84.13
C LEU B 384 -34.51 -24.44 -83.60
N LEU B 385 -34.92 -23.40 -84.32
CA LEU B 385 -34.54 -22.06 -83.97
C LEU B 385 -35.08 -21.55 -82.68
N GLN B 386 -36.34 -21.67 -82.30
CA GLN B 386 -37.08 -21.36 -81.12
C GLN B 386 -36.55 -22.03 -79.87
N LEU B 387 -36.24 -23.33 -80.02
CA LEU B 387 -35.46 -24.14 -79.04
C LEU B 387 -34.04 -23.58 -78.81
N GLY B 388 -33.31 -23.20 -79.87
CA GLY B 388 -32.11 -22.45 -79.83
C GLY B 388 -32.22 -21.18 -78.98
N TYR B 389 -33.36 -20.35 -79.02
CA TYR B 389 -33.48 -19.27 -78.03
C TYR B 389 -33.58 -19.78 -76.60
N GLU B 390 -34.36 -20.87 -76.31
CA GLU B 390 -34.54 -21.43 -74.99
C GLU B 390 -33.23 -21.96 -74.45
N LEU B 391 -32.36 -22.70 -75.16
CA LEU B 391 -31.16 -23.22 -74.63
C LEU B 391 -30.24 -22.05 -74.24
N GLU B 392 -30.19 -21.01 -75.09
CA GLU B 392 -29.49 -19.77 -74.81
C GLU B 392 -29.88 -18.90 -73.60
N LEU B 393 -31.21 -18.79 -73.27
CA LEU B 393 -31.77 -18.14 -72.19
C LEU B 393 -31.30 -18.76 -70.95
N ARG B 394 -31.25 -20.15 -70.96
CA ARG B 394 -30.83 -21.00 -69.89
C ARG B 394 -29.39 -20.76 -69.55
N LYS B 395 -28.52 -20.65 -70.59
CA LYS B 395 -27.13 -20.25 -70.36
C LYS B 395 -26.87 -18.87 -69.73
N HIS B 396 -27.68 -17.89 -70.17
CA HIS B 396 -27.82 -16.55 -69.79
C HIS B 396 -28.27 -16.46 -68.34
N ARG B 397 -29.24 -17.45 -67.98
CA ARG B 397 -29.81 -17.46 -66.63
C ARG B 397 -28.70 -17.85 -65.63
N ASP B 398 -27.77 -18.80 -66.08
CA ASP B 398 -26.70 -19.35 -65.34
C ASP B 398 -25.68 -18.21 -65.02
N VAL B 399 -25.40 -17.34 -66.00
CA VAL B 399 -24.56 -16.21 -65.74
C VAL B 399 -25.10 -15.31 -64.65
N TYR B 400 -26.39 -15.11 -64.69
CA TYR B 400 -27.12 -14.24 -63.78
C TYR B 400 -27.01 -14.66 -62.35
N ARG B 401 -27.15 -16.04 -62.21
CA ARG B 401 -27.01 -16.81 -60.98
C ARG B 401 -25.68 -16.81 -60.43
N GLU B 402 -24.61 -17.00 -61.29
CA GLU B 402 -23.22 -17.08 -60.98
C GLU B 402 -22.65 -15.81 -60.42
N LEU B 403 -22.97 -14.74 -61.10
CA LEU B 403 -22.55 -13.41 -60.72
C LEU B 403 -23.22 -13.09 -59.42
N GLY B 404 -24.52 -13.48 -59.23
CA GLY B 404 -25.09 -13.20 -57.88
C GLY B 404 -24.44 -13.88 -56.69
N SER B 405 -23.99 -15.20 -56.86
CA SER B 405 -23.31 -15.99 -55.83
C SER B 405 -21.95 -15.37 -55.44
N ILE B 406 -21.19 -14.99 -56.46
CA ILE B 406 -19.84 -14.46 -56.39
C ILE B 406 -19.84 -13.12 -55.72
N VAL B 407 -20.84 -12.29 -56.10
CA VAL B 407 -21.09 -10.98 -55.54
C VAL B 407 -21.44 -10.97 -54.04
N GLN B 408 -22.24 -12.04 -53.67
CA GLN B 408 -22.75 -12.30 -52.35
C GLN B 408 -21.63 -12.69 -51.39
N GLU B 409 -20.69 -13.56 -51.90
CA GLU B 409 -19.48 -13.95 -51.20
C GLU B 409 -18.64 -12.78 -50.88
N LEU B 410 -18.41 -11.82 -51.78
CA LEU B 410 -17.61 -10.63 -51.51
C LEU B 410 -18.42 -9.73 -50.49
N LYS B 411 -19.75 -9.73 -50.62
CA LYS B 411 -20.62 -8.79 -49.83
C LYS B 411 -20.56 -9.09 -48.35
N GLU B 412 -20.73 -10.36 -48.01
CA GLU B 412 -20.51 -10.97 -46.72
C GLU B 412 -19.09 -10.72 -46.22
N SER B 413 -18.06 -10.84 -47.14
CA SER B 413 -16.70 -10.67 -46.80
C SER B 413 -16.39 -9.24 -46.40
N GLY B 414 -16.99 -8.31 -47.06
CA GLY B 414 -17.02 -6.93 -46.78
C GLY B 414 -17.67 -6.51 -45.51
N ASP B 415 -18.83 -7.12 -45.15
CA ASP B 415 -19.51 -6.87 -43.94
C ASP B 415 -18.66 -7.24 -42.79
N LYS B 416 -18.03 -8.47 -42.83
CA LYS B 416 -17.19 -9.01 -41.84
C LYS B 416 -15.97 -8.12 -41.63
N LEU B 417 -15.46 -7.59 -42.80
CA LEU B 417 -14.38 -6.69 -42.81
C LEU B 417 -14.62 -5.40 -42.01
N GLU B 418 -15.81 -4.75 -42.24
CA GLU B 418 -16.15 -3.48 -41.63
C GLU B 418 -16.23 -3.65 -40.13
N GLU B 419 -16.77 -4.83 -39.65
CA GLU B 419 -16.85 -5.13 -38.25
C GLU B 419 -15.47 -5.15 -37.59
N ARG B 420 -14.46 -5.78 -38.32
CA ARG B 420 -13.10 -5.91 -37.96
C ARG B 420 -12.33 -4.63 -37.89
N LEU B 421 -12.63 -3.76 -38.92
CA LEU B 421 -11.93 -2.51 -39.06
C LEU B 421 -12.32 -1.61 -37.95
N THR B 422 -13.56 -1.57 -37.56
CA THR B 422 -13.92 -0.79 -36.35
C THR B 422 -13.31 -1.37 -35.05
N MET B 423 -13.27 -2.74 -34.97
CA MET B 423 -12.93 -3.42 -33.74
C MET B 423 -11.50 -3.19 -33.29
N LEU B 424 -10.50 -3.29 -34.24
CA LEU B 424 -9.11 -3.18 -33.95
C LEU B 424 -8.70 -1.71 -33.71
N SER B 425 -9.54 -0.78 -34.14
CA SER B 425 -9.26 0.63 -34.03
C SER B 425 -9.82 1.12 -32.74
N ASP B 426 -10.39 0.19 -31.94
CA ASP B 426 -10.89 0.48 -30.63
C ASP B 426 -9.75 0.93 -29.74
N VAL B 427 -9.80 2.22 -29.23
CA VAL B 427 -8.78 3.03 -28.60
C VAL B 427 -8.51 2.36 -27.32
N ASN B 428 -9.47 1.70 -26.64
CA ASN B 428 -9.19 1.09 -25.37
C ASN B 428 -8.35 -0.17 -25.57
N LEU B 429 -8.30 -0.74 -26.79
CA LEU B 429 -7.59 -1.99 -27.09
C LEU B 429 -6.18 -1.72 -27.51
N LEU B 430 -6.07 -0.47 -28.05
CA LEU B 430 -4.81 0.10 -28.57
C LEU B 430 -3.92 0.29 -27.35
N SER B 431 -2.59 0.46 -27.66
CA SER B 431 -1.65 0.88 -26.64
C SER B 431 -1.95 2.24 -25.95
N ALA B 432 -1.54 2.42 -24.71
CA ALA B 432 -1.90 3.48 -23.85
C ALA B 432 -1.32 4.77 -24.25
N SER B 433 -2.03 5.85 -23.94
CA SER B 433 -1.54 7.15 -23.63
C SER B 433 -0.60 7.16 -22.40
N LYS B 434 0.18 8.26 -22.22
CA LYS B 434 0.56 8.90 -20.92
C LYS B 434 -0.38 8.57 -19.75
N PRO B 435 0.15 8.55 -18.52
CA PRO B 435 -0.61 8.74 -17.34
C PRO B 435 -1.59 9.88 -17.33
N ARG B 436 -2.72 9.79 -16.58
CA ARG B 436 -3.50 10.96 -16.43
C ARG B 436 -2.94 11.81 -15.25
N SER B 437 -3.55 13.04 -15.04
CA SER B 437 -3.52 13.73 -13.81
C SER B 437 -4.86 13.80 -13.23
N ASN B 438 -5.79 12.85 -13.61
CA ASN B 438 -7.13 12.94 -13.08
C ASN B 438 -7.40 11.51 -12.57
N ILE B 439 -7.94 11.28 -11.34
CA ILE B 439 -8.26 9.91 -10.91
C ILE B 439 -9.35 9.35 -11.83
N ASP B 440 -8.96 8.27 -12.57
CA ASP B 440 -9.79 7.61 -13.50
C ASP B 440 -11.00 7.08 -12.85
N SER B 441 -12.09 7.32 -13.56
CA SER B 441 -13.42 7.00 -13.16
C SER B 441 -13.72 5.54 -13.04
N LYS B 442 -13.01 4.80 -13.88
CA LYS B 442 -13.20 3.32 -13.99
C LYS B 442 -12.81 2.56 -12.75
N ASP B 443 -11.73 3.11 -12.10
CA ASP B 443 -11.10 2.56 -10.92
C ASP B 443 -11.64 3.02 -9.64
N LEU B 444 -12.43 2.13 -9.00
CA LEU B 444 -13.12 2.36 -7.75
C LEU B 444 -12.12 2.43 -6.60
N THR B 445 -10.98 1.71 -6.73
CA THR B 445 -9.96 1.60 -5.74
C THR B 445 -9.24 2.88 -5.42
N SER B 446 -8.88 3.68 -6.47
CA SER B 446 -8.15 4.93 -6.29
C SER B 446 -9.03 5.88 -5.59
N HIS B 447 -10.38 5.85 -5.84
CA HIS B 447 -11.40 6.68 -5.21
C HIS B 447 -11.57 6.32 -3.79
N ARG B 448 -11.60 5.00 -3.40
CA ARG B 448 -11.67 4.69 -1.99
C ARG B 448 -10.50 5.07 -1.22
N LEU B 449 -9.33 4.83 -1.80
CA LEU B 449 -8.07 5.24 -1.21
C LEU B 449 -7.99 6.70 -1.01
N TYR B 450 -8.34 7.52 -2.01
CA TYR B 450 -8.33 8.99 -1.91
C TYR B 450 -9.23 9.48 -0.85
N GLN B 451 -10.43 8.82 -0.75
CA GLN B 451 -11.44 9.11 0.22
C GLN B 451 -10.93 8.85 1.61
N LEU B 452 -10.20 7.77 1.82
CA LEU B 452 -9.79 7.28 3.11
C LEU B 452 -8.81 8.20 3.70
N LEU B 453 -7.94 8.75 2.80
CA LEU B 453 -6.87 9.56 3.17
C LEU B 453 -7.29 10.96 3.31
N ASP B 454 -8.12 11.58 2.43
CA ASP B 454 -8.39 12.95 2.53
C ASP B 454 -9.55 13.22 3.49
N GLY B 455 -10.33 12.16 3.76
CA GLY B 455 -11.59 12.24 4.54
C GLY B 455 -12.63 12.81 3.64
N ASP B 456 -12.59 12.48 2.36
CA ASP B 456 -13.69 12.75 1.42
C ASP B 456 -14.71 11.67 1.64
N ASN B 457 -16.02 12.09 1.60
CA ASN B 457 -17.05 11.17 1.15
C ASN B 457 -17.84 11.99 0.18
N THR B 458 -17.52 13.34 0.06
CA THR B 458 -18.00 14.11 -1.03
C THR B 458 -17.57 13.44 -2.32
N GLN B 459 -18.57 13.36 -3.27
CA GLN B 459 -18.39 13.63 -4.64
C GLN B 459 -17.77 14.99 -4.93
N LYS B 460 -16.40 14.95 -5.10
CA LYS B 460 -15.59 15.95 -5.78
C LYS B 460 -15.64 15.69 -7.31
N LEU B 461 -15.03 16.63 -8.07
CA LEU B 461 -14.66 16.52 -9.38
C LEU B 461 -13.18 16.85 -9.50
N PHE B 462 -12.47 16.84 -8.36
CA PHE B 462 -11.23 17.39 -8.17
C PHE B 462 -10.31 16.30 -7.64
N ARG B 463 -10.67 15.09 -8.07
CA ARG B 463 -10.06 13.81 -7.81
C ARG B 463 -8.99 13.81 -8.87
N THR B 464 -7.75 14.02 -8.41
CA THR B 464 -6.58 14.13 -9.25
C THR B 464 -5.64 13.19 -8.65
N TYR B 465 -4.78 12.53 -9.51
CA TYR B 465 -3.76 11.62 -9.05
C TYR B 465 -2.69 12.32 -8.31
N ASP B 466 -2.38 13.53 -8.86
CA ASP B 466 -1.41 14.38 -8.31
C ASP B 466 -1.75 14.83 -6.90
N GLY B 467 -3.04 15.10 -6.64
CA GLY B 467 -3.66 15.40 -5.33
C GLY B 467 -3.64 14.27 -4.42
N LEU B 468 -3.86 13.04 -5.06
CA LEU B 468 -3.97 11.78 -4.29
C LEU B 468 -2.68 11.44 -3.61
N GLU B 469 -1.59 11.55 -4.35
CA GLU B 469 -0.24 11.38 -3.94
C GLU B 469 0.19 12.38 -2.93
N SER B 470 -0.32 13.62 -3.10
CA SER B 470 -0.03 14.75 -2.25
C SER B 470 -0.52 14.68 -0.87
N VAL B 471 -1.79 14.27 -0.70
CA VAL B 471 -2.43 13.94 0.59
C VAL B 471 -1.80 12.70 1.14
N ALA B 472 -1.40 11.69 0.43
CA ALA B 472 -0.75 10.49 1.01
C ALA B 472 0.57 10.80 1.65
N GLN B 473 1.38 11.61 0.89
CA GLN B 473 2.66 12.10 1.39
C GLN B 473 2.55 12.99 2.56
N LYS B 474 1.44 13.75 2.62
CA LYS B 474 1.14 14.65 3.69
C LYS B 474 0.87 13.99 5.02
N LEU B 475 0.11 12.92 5.03
CA LEU B 475 -0.17 12.04 6.12
C LEU B 475 1.09 11.40 6.68
N SER B 476 1.98 10.81 5.82
CA SER B 476 3.22 10.23 6.17
C SER B 476 4.09 11.26 6.87
N GLN B 477 4.08 12.50 6.41
CA GLN B 477 4.78 13.67 6.88
C GLN B 477 4.31 14.06 8.21
N ASP B 478 2.91 13.97 8.38
CA ASP B 478 2.13 14.29 9.62
C ASP B 478 2.58 13.39 10.70
N ILE B 479 2.71 12.06 10.43
CA ILE B 479 3.13 11.01 11.35
C ILE B 479 4.54 11.34 11.72
N ALA B 480 5.49 11.69 10.80
CA ALA B 480 6.82 12.02 11.11
C ALA B 480 6.85 13.26 12.01
N SER B 481 6.00 14.31 11.73
CA SER B 481 5.94 15.46 12.58
C SER B 481 5.53 15.26 13.95
N MET B 482 4.47 14.42 14.16
CA MET B 482 3.91 14.05 15.45
C MET B 482 4.90 13.26 16.28
N ARG B 483 5.69 12.37 15.67
CA ARG B 483 6.74 11.63 16.26
C ARG B 483 7.82 12.58 16.70
N ASP B 484 8.20 13.57 15.79
CA ASP B 484 9.24 14.60 16.10
C ASP B 484 8.88 15.56 17.24
N GLN B 485 7.58 15.96 17.29
CA GLN B 485 7.08 16.76 18.34
C GLN B 485 7.06 16.09 19.69
N LEU B 486 6.70 14.76 19.74
CA LEU B 486 6.70 13.96 20.95
C LEU B 486 8.08 13.82 21.43
N GLU B 487 9.09 13.65 20.56
CA GLU B 487 10.49 13.67 20.89
C GLU B 487 10.91 15.03 21.46
N VAL B 488 10.43 16.17 20.84
CA VAL B 488 10.75 17.44 21.44
C VAL B 488 10.16 17.56 22.83
N SER B 489 8.89 17.15 23.03
CA SER B 489 8.22 17.15 24.34
C SER B 489 8.92 16.31 25.37
N GLU B 490 9.51 15.10 25.00
CA GLU B 490 10.33 14.29 25.92
C GLU B 490 11.56 15.00 26.38
N GLN B 491 12.19 15.77 25.51
CA GLN B 491 13.42 16.53 25.82
C GLN B 491 13.08 17.64 26.81
N GLU B 492 11.92 18.34 26.64
CA GLU B 492 11.40 19.38 27.59
C GLU B 492 11.12 18.79 28.97
N HIS B 493 10.45 17.57 28.93
CA HIS B 493 10.22 16.84 30.10
C HIS B 493 11.51 16.50 30.81
N SER B 494 12.56 16.03 30.10
CA SER B 494 13.93 15.69 30.56
C SER B 494 14.63 16.84 31.17
N LEU B 495 14.47 18.07 30.57
CA LEU B 495 14.95 19.32 31.25
C LEU B 495 14.31 19.63 32.58
N LEU B 496 12.97 19.47 32.62
CA LEU B 496 12.20 19.66 33.85
C LEU B 496 12.60 18.74 34.93
N LEU B 497 12.75 17.38 34.66
CA LEU B 497 13.27 16.45 35.65
C LEU B 497 14.65 16.66 36.07
N SER B 498 15.60 16.98 35.12
CA SER B 498 17.02 17.23 35.42
C SER B 498 17.11 18.46 36.37
N LYS B 499 16.25 19.46 36.15
CA LYS B 499 16.21 20.60 37.04
C LYS B 499 15.77 20.33 38.47
N LEU B 500 14.67 19.54 38.61
CA LEU B 500 14.14 19.12 39.91
C LEU B 500 15.17 18.24 40.66
N ASP B 501 15.76 17.27 39.94
CA ASP B 501 16.83 16.41 40.50
C ASP B 501 18.06 17.24 40.96
N SER B 502 18.51 18.32 40.20
CA SER B 502 19.65 19.12 40.50
C SER B 502 19.39 19.94 41.75
N HIS B 503 18.12 20.41 41.83
CA HIS B 503 17.57 21.10 42.97
C HIS B 503 17.59 20.26 44.28
N LEU B 504 17.17 18.95 44.12
CA LEU B 504 17.05 17.98 45.12
C LEU B 504 18.36 17.51 45.78
N LYS B 505 19.36 17.26 44.95
CA LYS B 505 20.76 16.97 45.42
C LYS B 505 21.32 18.16 46.13
N GLU B 506 21.16 19.36 45.62
CA GLU B 506 21.70 20.53 46.27
C GLU B 506 21.10 20.75 47.65
N LEU B 507 19.78 20.64 47.75
CA LEU B 507 18.98 20.86 49.00
C LEU B 507 19.28 19.77 50.07
N ARG B 508 19.31 18.49 49.63
CA ARG B 508 19.60 17.38 50.51
C ARG B 508 20.98 17.44 51.09
N ASP B 509 21.95 17.70 50.18
CA ASP B 509 23.40 17.88 50.59
C ASP B 509 23.56 19.02 51.54
N PHE B 510 22.82 20.17 51.43
CA PHE B 510 22.94 21.33 52.28
C PHE B 510 22.36 21.13 53.67
N MET B 511 21.27 20.38 53.77
CA MET B 511 20.63 20.22 55.07
C MET B 511 21.32 19.14 55.85
N TYR B 512 21.89 18.20 55.06
CA TYR B 512 22.45 16.94 55.75
C TYR B 512 24.01 17.12 55.95
N PRO B 513 24.69 16.54 56.94
CA PRO B 513 26.11 16.95 57.13
C PRO B 513 26.98 15.97 56.35
N GLU B 514 26.58 14.69 56.06
CA GLU B 514 27.29 13.73 55.22
C GLU B 514 26.26 12.80 54.59
N GLY B 515 24.96 12.91 55.11
CA GLY B 515 23.88 12.16 54.61
C GLY B 515 23.22 11.42 55.70
N ASN B 516 23.62 11.79 56.96
CA ASN B 516 23.27 11.05 58.15
C ASN B 516 21.85 11.30 58.55
N THR B 517 21.57 12.56 58.83
CA THR B 517 20.36 12.91 59.52
C THR B 517 20.16 14.39 59.13
N LEU B 518 18.95 14.96 59.31
CA LEU B 518 18.60 16.31 59.17
C LEU B 518 19.08 16.96 60.46
N MET B 519 20.16 17.71 60.19
CA MET B 519 20.77 18.52 61.16
C MET B 519 20.51 19.91 60.65
N LEU B 520 20.33 20.75 61.64
CA LEU B 520 19.91 22.17 61.60
C LEU B 520 21.10 22.91 61.96
N THR B 521 21.38 22.80 63.32
CA THR B 521 22.58 23.25 64.01
C THR B 521 23.88 22.79 63.35
N THR B 522 24.87 23.64 63.54
CA THR B 522 26.23 23.36 63.15
C THR B 522 26.76 22.46 64.28
N PRO B 523 27.47 21.36 64.08
CA PRO B 523 28.05 20.59 65.20
C PRO B 523 28.84 21.40 66.12
N GLU B 524 29.61 22.39 65.59
CA GLU B 524 30.45 23.21 66.32
C GLU B 524 29.73 24.08 67.28
N LEU B 525 28.60 24.66 66.91
CA LEU B 525 27.82 25.55 67.78
C LEU B 525 27.02 24.82 68.86
N SER B 526 26.39 23.67 68.47
CA SER B 526 25.74 22.79 69.41
C SER B 526 26.61 22.27 70.48
N GLY B 527 27.89 21.84 70.12
CA GLY B 527 28.93 21.38 71.04
C GLY B 527 29.38 22.48 72.05
N GLU B 528 29.45 23.75 71.59
CA GLU B 528 29.86 24.89 72.32
C GLU B 528 28.86 25.22 73.36
N PHE B 529 27.51 25.15 73.04
CA PHE B 529 26.50 25.50 73.90
C PHE B 529 26.49 24.60 75.13
N HIS B 530 26.65 23.27 74.98
CA HIS B 530 26.72 22.29 76.03
C HIS B 530 27.99 22.55 76.94
N GLN B 531 29.12 22.85 76.31
CA GLN B 531 30.44 23.13 76.88
C GLN B 531 30.43 24.39 77.74
N LEU B 532 29.81 25.55 77.30
CA LEU B 532 29.64 26.81 77.99
C LEU B 532 28.73 26.59 79.24
N GLY B 533 27.65 25.82 79.09
CA GLY B 533 26.67 25.55 80.15
C GLY B 533 27.39 24.90 81.38
N SER B 534 28.29 24.06 80.99
CA SER B 534 29.02 23.26 81.93
C SER B 534 30.00 24.12 82.71
N GLN B 535 30.63 25.09 81.98
CA GLN B 535 31.52 26.05 82.62
C GLN B 535 30.69 26.90 83.65
N LEU B 536 29.43 27.23 83.30
CA LEU B 536 28.54 28.01 84.11
C LEU B 536 28.11 27.31 85.40
N GLU B 537 27.88 25.98 85.39
CA GLU B 537 27.54 25.10 86.47
C GLU B 537 28.80 25.06 87.42
N LYS B 538 30.06 25.04 86.92
CA LYS B 538 31.28 25.04 87.71
C LYS B 538 31.35 26.31 88.51
N LEU B 539 31.07 27.44 87.78
CA LEU B 539 31.08 28.80 88.18
C LEU B 539 30.07 29.05 89.31
N ASN B 540 28.88 28.47 89.33
CA ASN B 540 27.92 28.54 90.41
C ASN B 540 28.49 27.96 91.65
N HIS B 541 29.36 26.93 91.60
CA HIS B 541 29.75 26.12 92.74
C HIS B 541 30.72 26.95 93.52
N ILE B 542 31.63 27.63 92.79
CA ILE B 542 32.70 28.47 93.23
C ILE B 542 32.06 29.63 94.01
N THR B 543 30.91 30.12 93.46
CA THR B 543 30.15 31.22 93.99
C THR B 543 29.55 30.82 95.35
N VAL B 544 28.96 29.65 95.40
CA VAL B 544 28.28 29.00 96.51
C VAL B 544 29.29 28.70 97.63
N GLU B 545 30.50 28.28 97.22
CA GLU B 545 31.59 28.03 98.17
C GLU B 545 32.03 29.22 98.99
N ILE B 546 32.16 30.37 98.24
CA ILE B 546 32.62 31.59 98.78
C ILE B 546 31.65 32.17 99.76
N LEU B 547 30.35 32.17 99.40
CA LEU B 547 29.30 32.66 100.19
C LEU B 547 29.11 31.75 101.38
N GLY B 548 29.27 30.45 101.27
CA GLY B 548 29.10 29.56 102.41
C GLY B 548 30.07 29.76 103.61
N ASP B 549 31.37 29.97 103.28
CA ASP B 549 32.48 30.32 104.16
C ASP B 549 32.23 31.68 104.73
N LEU B 550 31.69 32.59 103.88
CA LEU B 550 31.53 33.98 104.22
C LEU B 550 30.48 34.23 105.33
N GLN B 551 29.30 33.57 105.22
CA GLN B 551 28.16 33.46 106.05
C GLN B 551 28.57 32.90 107.42
N LEU B 552 29.43 31.88 107.44
CA LEU B 552 29.73 31.19 108.61
C LEU B 552 30.53 32.15 109.51
N LYS B 553 31.54 32.86 108.89
CA LYS B 553 32.44 33.74 109.55
C LYS B 553 31.69 34.98 110.10
N ARG B 554 30.66 35.52 109.34
CA ARG B 554 29.85 36.63 109.86
C ARG B 554 29.07 36.20 111.10
N LYS B 555 28.59 34.89 111.13
CA LYS B 555 27.83 34.28 112.26
C LYS B 555 28.71 34.15 113.49
N MET B 556 30.03 33.88 113.34
CA MET B 556 30.98 33.87 114.46
C MET B 556 31.22 35.21 115.13
N LEU B 557 31.27 36.32 114.35
CA LEU B 557 31.63 37.65 114.91
C LEU B 557 30.41 38.11 115.62
N GLU B 558 29.21 37.63 115.13
CA GLU B 558 27.99 37.97 115.90
C GLU B 558 27.95 37.15 117.21
N SER B 559 28.62 35.93 117.27
CA SER B 559 28.23 35.10 118.38
C SER B 559 29.20 35.46 119.57
N ASN B 560 30.47 35.78 119.31
CA ASN B 560 31.43 36.03 120.41
C ASN B 560 32.15 37.35 120.25
N LYS B 561 31.91 38.29 121.20
CA LYS B 561 32.38 39.64 121.23
C LYS B 561 33.86 39.69 121.50
N LEU B 562 34.34 38.71 122.30
CA LEU B 562 35.72 38.52 122.73
C LEU B 562 36.47 38.22 121.46
N GLN B 563 35.90 37.48 120.53
CA GLN B 563 36.53 37.22 119.27
C GLN B 563 36.56 38.43 118.32
N GLN B 564 35.55 39.34 118.31
CA GLN B 564 35.70 40.58 117.58
C GLN B 564 36.90 41.42 118.04
N ILE B 565 36.98 41.43 119.36
CA ILE B 565 37.95 42.17 120.05
C ILE B 565 39.33 41.67 119.76
N GLU B 566 39.44 40.30 119.58
CA GLU B 566 40.72 39.68 119.31
C GLU B 566 41.44 40.22 118.12
N LYS B 567 40.66 40.37 117.09
CA LYS B 567 41.06 40.76 115.74
C LYS B 567 41.34 42.21 115.64
N GLN B 568 40.97 42.98 116.69
CA GLN B 568 41.01 44.40 116.91
C GLN B 568 42.19 44.78 117.79
N LEU B 569 42.99 43.76 118.34
CA LEU B 569 43.98 44.08 119.33
C LEU B 569 45.01 45.00 118.74
N TYR B 570 45.57 44.84 117.53
CA TYR B 570 46.65 45.64 116.95
C TYR B 570 46.08 47.06 116.59
N VAL B 571 44.73 47.15 116.42
CA VAL B 571 44.12 48.41 116.12
C VAL B 571 44.18 49.33 117.21
N TYR B 572 43.89 48.75 118.41
CA TYR B 572 44.09 49.35 119.70
C TYR B 572 45.67 49.60 119.90
N PHE B 573 46.59 48.70 119.46
CA PHE B 573 48.07 48.76 119.67
C PHE B 573 48.62 49.99 119.07
N PHE B 574 48.09 50.43 117.93
CA PHE B 574 48.67 51.47 117.10
C PHE B 574 48.01 52.82 117.42
N GLN B 575 46.95 52.77 118.21
CA GLN B 575 46.16 53.98 118.30
C GLN B 575 46.12 54.47 119.74
N ASN B 576 45.88 53.47 120.65
CA ASN B 576 45.92 53.96 122.02
C ASN B 576 46.41 52.84 122.79
N GLU B 577 47.61 53.04 123.38
CA GLU B 577 48.33 52.00 124.26
C GLU B 577 47.56 51.79 125.53
N GLU B 578 46.97 52.89 126.01
CA GLU B 578 46.11 52.95 127.21
C GLU B 578 44.87 52.19 126.95
N GLN B 579 44.25 52.27 125.83
CA GLN B 579 42.98 51.59 125.57
C GLN B 579 43.27 50.08 125.51
N LEU B 580 44.34 49.69 124.84
CA LEU B 580 44.71 48.30 124.82
C LEU B 580 44.86 47.74 126.22
N LYS B 581 45.55 48.49 127.14
CA LYS B 581 45.79 48.13 128.52
C LYS B 581 44.54 48.04 129.33
N SER B 582 43.54 48.92 129.00
CA SER B 582 42.28 49.10 129.67
C SER B 582 41.46 47.96 129.50
N ILE B 583 41.29 47.63 128.17
CA ILE B 583 40.38 46.61 127.74
C ILE B 583 40.87 45.32 128.18
N VAL B 584 42.21 45.08 128.09
CA VAL B 584 42.82 43.81 128.38
C VAL B 584 42.87 43.63 129.90
N GLY B 585 43.10 44.73 130.58
CA GLY B 585 43.09 44.88 131.99
C GLY B 585 41.66 44.51 132.60
N LYS B 586 40.68 45.06 131.85
CA LYS B 586 39.29 44.88 132.08
C LYS B 586 38.78 43.48 132.02
N LEU B 587 39.24 42.64 131.09
CA LEU B 587 38.88 41.24 131.01
C LEU B 587 39.51 40.45 132.16
N GLU B 588 40.70 40.84 132.69
CA GLU B 588 41.46 40.23 133.77
C GLU B 588 40.81 40.65 135.05
N ALA B 589 40.39 41.87 135.16
CA ALA B 589 39.64 42.37 136.26
C ALA B 589 38.35 41.67 136.50
N GLN B 590 37.63 41.25 135.41
CA GLN B 590 36.37 40.46 135.61
C GLN B 590 36.55 39.06 136.24
N THR B 591 37.77 38.54 136.22
CA THR B 591 38.16 37.11 136.46
C THR B 591 39.62 36.94 136.55
N GLY B 592 40.12 36.69 137.75
CA GLY B 592 41.44 37.08 138.16
C GLY B 592 42.60 36.69 137.29
N GLY B 593 43.64 37.53 137.06
CA GLY B 593 44.77 37.35 136.20
C GLY B 593 45.85 36.53 136.99
N GLY B 594 47.06 36.36 136.38
CA GLY B 594 48.37 36.41 137.06
C GLY B 594 48.58 37.48 138.04
N SER B 595 49.45 37.23 139.01
CA SER B 595 50.46 38.28 139.36
C SER B 595 51.69 37.46 139.66
N SER B 596 52.88 38.13 139.66
CA SER B 596 53.97 37.97 140.62
C SER B 596 54.35 39.42 141.04
N ALA B 597 54.39 39.69 142.38
CA ALA B 597 55.55 39.87 143.20
C ALA B 597 56.05 38.58 143.76
N MET C 1 -9.79 1.61 41.14
CA MET C 1 -9.46 2.79 40.31
C MET C 1 -8.23 2.68 39.54
N ALA C 2 -7.08 2.14 40.06
CA ALA C 2 -5.92 1.78 39.34
C ALA C 2 -6.17 0.69 38.25
N GLN C 3 -7.12 -0.25 38.53
CA GLN C 3 -7.46 -1.23 37.57
C GLN C 3 -8.13 -0.70 36.41
N THR C 4 -9.11 0.21 36.58
CA THR C 4 -9.89 0.78 35.57
C THR C 4 -9.06 1.54 34.63
N LEU C 5 -8.04 2.32 35.23
CA LEU C 5 -7.11 3.16 34.49
C LEU C 5 -6.22 2.40 33.54
N GLN C 6 -5.63 1.25 34.00
CA GLN C 6 -4.83 0.28 33.27
C GLN C 6 -5.61 -0.39 32.23
N TYR C 7 -6.93 -0.81 32.49
CA TYR C 7 -7.78 -1.49 31.60
C TYR C 7 -8.10 -0.53 30.47
N VAL C 8 -8.47 0.77 30.73
CA VAL C 8 -8.83 1.67 29.70
C VAL C 8 -7.68 2.05 28.93
N SER C 9 -6.48 2.33 29.51
CA SER C 9 -5.28 2.77 28.84
C SER C 9 -4.59 1.76 27.94
N SER C 10 -4.68 0.44 28.35
CA SER C 10 -4.19 -0.63 27.52
C SER C 10 -5.09 -0.91 26.34
N ARG C 11 -6.43 -0.72 26.47
CA ARG C 11 -7.33 -1.11 25.38
C ARG C 11 -7.59 0.02 24.51
N LEU C 12 -7.60 1.26 25.06
CA LEU C 12 -7.79 2.39 24.24
C LEU C 12 -6.70 3.34 24.52
N SER C 13 -5.81 3.68 23.52
CA SER C 13 -4.56 4.36 23.72
C SER C 13 -4.76 5.80 23.47
N MET C 14 -6.02 6.24 23.24
CA MET C 14 -6.25 7.54 22.63
C MET C 14 -6.76 8.45 23.62
N LEU C 15 -6.73 8.04 24.89
CA LEU C 15 -7.19 8.81 26.03
C LEU C 15 -6.06 9.14 26.99
N GLN C 16 -5.90 10.45 27.33
CA GLN C 16 -5.20 10.93 28.41
C GLN C 16 -6.26 11.00 29.39
N ILE C 17 -6.10 10.29 30.56
CA ILE C 17 -7.04 10.23 31.65
C ILE C 17 -6.10 9.94 32.77
N ASP C 18 -6.57 10.27 33.96
CA ASP C 18 -5.86 9.97 35.16
C ASP C 18 -6.92 9.44 36.11
N GLU C 19 -6.39 8.93 37.28
CA GLU C 19 -7.22 8.44 38.38
C GLU C 19 -8.14 9.44 38.98
N GLU C 20 -7.67 10.73 38.98
CA GLU C 20 -8.44 11.90 39.56
C GLU C 20 -9.75 12.14 38.80
N ASP C 21 -9.72 11.84 37.53
CA ASP C 21 -10.91 11.95 36.68
C ASP C 21 -12.01 10.90 37.14
N LEU C 22 -11.50 9.73 37.50
CA LEU C 22 -12.37 8.62 37.89
C LEU C 22 -12.89 8.79 39.24
N GLU C 23 -12.12 9.48 40.13
CA GLU C 23 -12.47 9.73 41.46
C GLU C 23 -13.64 10.70 41.44
N ARG C 24 -13.58 11.70 40.54
CA ARG C 24 -14.53 12.82 40.63
C ARG C 24 -15.86 12.47 39.98
N ASN C 25 -15.80 11.43 39.09
CA ASN C 25 -16.99 10.91 38.50
C ASN C 25 -17.03 9.47 38.56
N ALA C 26 -17.56 8.90 39.69
CA ALA C 26 -17.43 7.54 40.13
C ALA C 26 -18.18 6.67 39.07
N GLN C 27 -19.36 7.15 38.65
CA GLN C 27 -20.16 6.49 37.69
C GLN C 27 -19.60 6.43 36.28
N PHE C 28 -18.82 7.47 35.86
CA PHE C 28 -18.24 7.55 34.54
C PHE C 28 -17.28 6.42 34.30
N GLY C 29 -16.52 6.07 35.29
CA GLY C 29 -15.57 4.94 35.13
C GLY C 29 -16.22 3.64 34.73
N LYS C 30 -17.44 3.36 35.21
CA LYS C 30 -18.23 2.20 34.91
C LYS C 30 -18.64 2.21 33.47
N VAL C 31 -18.93 3.45 33.00
CA VAL C 31 -19.31 3.71 31.59
C VAL C 31 -18.14 3.37 30.68
N LEU C 32 -16.91 3.82 31.06
CA LEU C 32 -15.71 3.51 30.27
C LEU C 32 -15.32 2.03 30.12
N ILE C 33 -15.49 1.33 31.27
CA ILE C 33 -15.22 -0.07 31.32
C ILE C 33 -16.17 -0.86 30.40
N GLU C 34 -17.47 -0.46 30.29
CA GLU C 34 -18.44 -1.01 29.41
C GLU C 34 -18.24 -0.73 27.91
N LEU C 35 -17.65 0.41 27.55
CA LEU C 35 -17.51 0.78 26.17
C LEU C 35 -16.39 -0.04 25.47
N CYS C 36 -15.34 -0.41 26.26
CA CYS C 36 -14.24 -1.22 25.77
C CYS C 36 -14.72 -2.54 25.15
N PRO C 37 -15.62 -3.41 25.63
CA PRO C 37 -15.95 -4.63 24.92
C PRO C 37 -16.70 -4.45 23.62
N LEU C 38 -17.48 -3.30 23.52
CA LEU C 38 -18.22 -2.95 22.31
C LEU C 38 -17.26 -2.34 21.29
N LEU C 39 -16.03 -1.82 21.67
CA LEU C 39 -15.05 -1.45 20.75
C LEU C 39 -14.23 -2.65 20.53
N GLY C 40 -12.93 -2.45 20.23
CA GLY C 40 -12.03 -3.49 20.33
C GLY C 40 -10.71 -2.79 20.69
N PRO C 41 -9.52 -3.48 20.60
CA PRO C 41 -8.24 -2.84 20.87
C PRO C 41 -7.78 -2.08 19.58
N ASN C 42 -8.69 -1.76 18.64
CA ASN C 42 -8.33 -1.38 17.29
C ASN C 42 -9.02 -0.09 17.15
N GLY C 43 -10.19 0.09 17.87
CA GLY C 43 -10.88 1.39 17.93
C GLY C 43 -12.07 1.23 17.11
N GLY C 44 -12.05 0.20 16.24
CA GLY C 44 -13.20 -0.18 15.53
C GLY C 44 -14.13 -0.83 16.39
N SER C 45 -15.45 -0.68 16.11
CA SER C 45 -16.56 -1.36 16.74
C SER C 45 -16.47 -2.90 16.52
N ALA C 46 -17.09 -3.68 17.48
CA ALA C 46 -17.06 -5.11 17.54
C ALA C 46 -17.57 -5.84 16.33
N ASN C 47 -18.67 -5.39 15.66
CA ASN C 47 -19.26 -5.96 14.51
C ASN C 47 -18.38 -5.90 13.32
N LEU C 48 -17.82 -4.70 13.11
CA LEU C 48 -16.87 -4.35 12.07
C LEU C 48 -15.55 -5.16 12.12
N ASN C 49 -15.06 -5.39 13.33
CA ASN C 49 -13.92 -6.24 13.51
C ASN C 49 -14.18 -7.72 13.18
N ARG C 50 -15.36 -8.16 13.60
CA ARG C 50 -15.65 -9.48 13.18
C ARG C 50 -15.73 -9.71 11.72
N GLU C 51 -16.41 -8.73 10.99
CA GLU C 51 -16.54 -8.78 9.57
C GLU C 51 -15.22 -8.73 8.91
N LEU C 52 -14.29 -7.88 9.34
CA LEU C 52 -12.91 -7.73 8.83
C LEU C 52 -12.04 -8.92 8.91
N GLU C 53 -12.15 -9.59 10.12
CA GLU C 53 -11.47 -10.88 10.28
C GLU C 53 -12.06 -12.01 9.43
N GLU C 54 -13.36 -12.11 9.20
CA GLU C 54 -14.04 -13.00 8.35
C GLU C 54 -13.69 -12.81 6.85
N THR C 55 -13.70 -11.52 6.35
CA THR C 55 -13.21 -11.20 4.97
C THR C 55 -11.75 -11.49 4.75
N ARG C 56 -10.92 -11.37 5.79
CA ARG C 56 -9.50 -11.68 5.60
C ARG C 56 -9.21 -13.08 5.37
N ARG C 57 -9.89 -14.01 6.10
CA ARG C 57 -9.73 -15.43 5.97
C ARG C 57 -10.22 -15.96 4.65
N GLU C 58 -11.39 -15.47 4.21
CA GLU C 58 -12.04 -15.82 2.98
C GLU C 58 -11.20 -15.38 1.79
N LEU C 59 -10.70 -14.13 1.86
CA LEU C 59 -9.74 -13.56 0.87
C LEU C 59 -8.46 -14.34 0.75
N LEU C 60 -7.91 -14.82 1.94
CA LEU C 60 -6.70 -15.60 2.03
C LEU C 60 -6.87 -16.88 1.38
N LEU C 61 -8.10 -17.45 1.48
CA LEU C 61 -8.54 -18.71 0.94
C LEU C 61 -8.55 -18.71 -0.55
N GLN C 62 -9.18 -17.66 -1.12
CA GLN C 62 -9.27 -17.50 -2.55
C GLN C 62 -7.83 -17.23 -3.02
N ARG C 63 -7.07 -16.49 -2.20
CA ARG C 63 -5.68 -16.12 -2.54
C ARG C 63 -4.72 -17.27 -2.62
N LYS C 64 -4.88 -18.26 -1.74
CA LYS C 64 -4.25 -19.60 -1.78
C LYS C 64 -4.63 -20.37 -3.11
N MET C 65 -5.89 -20.24 -3.58
CA MET C 65 -6.27 -20.97 -4.79
C MET C 65 -5.58 -20.38 -6.01
N TRP C 66 -5.54 -19.02 -6.12
CA TRP C 66 -4.83 -18.32 -7.10
C TRP C 66 -3.37 -18.63 -7.04
N MET C 67 -2.80 -18.73 -5.82
CA MET C 67 -1.38 -18.92 -5.55
C MET C 67 -0.92 -20.36 -5.95
N ARG C 68 -1.75 -21.46 -5.77
CA ARG C 68 -1.38 -22.81 -6.19
C ARG C 68 -1.12 -22.86 -7.73
N SER C 69 -2.04 -22.20 -8.49
CA SER C 69 -2.02 -22.15 -9.98
C SER C 69 -0.89 -21.24 -10.36
N GLU C 70 -0.66 -20.14 -9.64
CA GLU C 70 0.29 -19.14 -9.86
C GLU C 70 1.65 -19.71 -9.72
N VAL C 71 1.90 -20.64 -8.73
CA VAL C 71 3.27 -21.21 -8.53
C VAL C 71 3.68 -22.03 -9.75
N ILE C 72 2.66 -22.79 -10.24
CA ILE C 72 2.80 -23.75 -11.35
C ILE C 72 3.07 -22.97 -12.58
N TYR C 73 2.30 -21.86 -12.79
CA TYR C 73 2.41 -20.98 -13.93
C TYR C 73 3.77 -20.42 -14.01
N GLN C 74 4.30 -19.90 -12.87
CA GLN C 74 5.62 -19.26 -12.68
C GLN C 74 6.75 -20.25 -12.92
N LEU C 75 6.58 -21.51 -12.44
CA LEU C 75 7.54 -22.60 -12.61
C LEU C 75 7.67 -22.91 -14.12
N VAL C 76 6.51 -22.92 -14.88
CA VAL C 76 6.63 -23.01 -16.30
C VAL C 76 7.35 -21.86 -17.01
N GLN C 77 7.10 -20.63 -16.57
CA GLN C 77 7.71 -19.47 -17.20
C GLN C 77 9.19 -19.58 -16.98
N GLU C 78 9.62 -20.01 -15.74
CA GLU C 78 11.01 -20.11 -15.38
C GLU C 78 11.72 -21.19 -16.11
N MET C 79 11.04 -22.30 -16.34
CA MET C 79 11.46 -23.41 -17.08
C MET C 79 11.73 -23.15 -18.56
N LEU C 80 10.80 -22.49 -19.26
CA LEU C 80 10.85 -22.09 -20.69
C LEU C 80 12.00 -21.13 -20.94
N LEU C 81 12.12 -20.20 -19.92
CA LEU C 81 13.27 -19.25 -19.90
C LEU C 81 14.56 -19.98 -19.75
N ASP C 82 14.62 -20.92 -18.77
CA ASP C 82 15.85 -21.65 -18.57
C ASP C 82 16.35 -22.43 -19.76
N LEU C 83 15.51 -23.23 -20.33
CA LEU C 83 15.78 -24.05 -21.48
C LEU C 83 16.10 -23.23 -22.69
N GLN C 84 15.49 -22.04 -22.90
CA GLN C 84 15.67 -21.10 -24.02
C GLN C 84 17.02 -20.48 -23.92
N VAL C 85 17.53 -20.10 -22.73
CA VAL C 85 18.84 -19.55 -22.60
C VAL C 85 19.88 -20.49 -22.89
N ARG C 86 19.64 -21.76 -22.47
CA ARG C 86 20.48 -22.87 -22.73
C ARG C 86 20.56 -23.32 -24.15
N LYS C 87 19.46 -23.17 -24.90
CA LYS C 87 19.37 -23.33 -26.32
C LYS C 87 20.29 -22.32 -27.05
N LEU C 88 20.41 -21.07 -26.49
CA LEU C 88 21.22 -20.02 -27.15
C LEU C 88 22.74 -20.25 -26.94
N GLU C 89 23.14 -20.83 -25.80
CA GLU C 89 24.53 -21.11 -25.55
C GLU C 89 25.04 -22.37 -26.24
N GLY C 90 24.12 -23.12 -26.90
CA GLY C 90 24.47 -24.41 -27.46
C GLY C 90 24.83 -25.37 -26.30
N SER C 91 23.87 -25.46 -25.24
CA SER C 91 24.10 -26.35 -24.16
C SER C 91 22.76 -27.00 -23.68
N LEU C 92 22.01 -27.47 -24.69
CA LEU C 92 20.71 -28.00 -24.60
C LEU C 92 20.65 -29.31 -25.21
N THR C 93 20.11 -30.35 -24.53
CA THR C 93 19.96 -31.66 -25.18
C THR C 93 18.83 -31.49 -26.22
N GLU C 94 18.78 -32.42 -27.19
CA GLU C 94 17.73 -32.56 -28.19
C GLU C 94 16.34 -32.80 -27.63
N GLU C 95 16.23 -33.56 -26.53
CA GLU C 95 15.06 -33.83 -25.86
C GLU C 95 14.49 -32.60 -25.23
N GLU C 96 15.31 -31.70 -24.68
CA GLU C 96 14.96 -30.48 -24.04
C GLU C 96 14.50 -29.45 -25.02
N ARG C 97 15.03 -29.42 -26.24
CA ARG C 97 14.62 -28.63 -27.33
C ARG C 97 13.28 -29.02 -27.75
N LYS C 98 12.94 -30.33 -27.94
CA LYS C 98 11.67 -30.78 -28.17
C LYS C 98 10.69 -30.44 -27.06
N PHE C 99 11.12 -30.58 -25.82
CA PHE C 99 10.32 -30.31 -24.65
C PHE C 99 9.96 -28.87 -24.66
N GLN C 100 11.01 -28.03 -24.93
CA GLN C 100 10.97 -26.58 -25.00
C GLN C 100 10.08 -26.05 -26.08
N ASP C 101 10.22 -26.62 -27.34
CA ASP C 101 9.46 -26.29 -28.50
C ASP C 101 8.05 -26.64 -28.32
N GLY C 102 7.74 -27.87 -27.74
CA GLY C 102 6.39 -28.30 -27.50
C GLY C 102 5.67 -27.49 -26.45
N LEU C 103 6.33 -27.22 -25.40
CA LEU C 103 5.91 -26.53 -24.24
C LEU C 103 5.67 -24.99 -24.53
N GLN C 104 6.63 -24.28 -25.21
CA GLN C 104 6.49 -22.91 -25.66
C GLN C 104 5.34 -22.70 -26.57
N GLN C 105 5.24 -23.65 -27.49
CA GLN C 105 4.17 -23.50 -28.47
C GLN C 105 2.86 -23.65 -27.78
N CYS C 106 2.75 -24.62 -26.82
CA CYS C 106 1.55 -24.85 -26.05
C CYS C 106 1.13 -23.67 -25.26
N MET C 107 2.03 -22.94 -24.58
CA MET C 107 1.72 -21.75 -23.81
C MET C 107 1.31 -20.61 -24.71
N LEU C 108 1.90 -20.33 -25.91
CA LEU C 108 1.49 -19.27 -26.83
C LEU C 108 0.13 -19.51 -27.34
N VAL C 109 -0.22 -20.82 -27.73
CA VAL C 109 -1.44 -21.32 -28.15
C VAL C 109 -2.52 -21.24 -27.15
N SER C 110 -2.30 -21.54 -25.87
CA SER C 110 -3.26 -21.33 -24.78
C SER C 110 -3.44 -19.87 -24.53
N GLU C 111 -2.41 -19.02 -24.50
CA GLU C 111 -2.45 -17.60 -24.26
C GLU C 111 -3.33 -17.00 -25.26
N CYS C 112 -3.19 -17.29 -26.58
CA CYS C 112 -4.03 -16.73 -27.68
C CYS C 112 -5.45 -17.34 -27.68
N SER C 113 -5.56 -18.68 -27.28
CA SER C 113 -6.91 -19.23 -27.04
C SER C 113 -7.69 -18.47 -25.97
N ARG C 114 -7.05 -17.93 -24.92
CA ARG C 114 -7.70 -17.36 -23.78
C ARG C 114 -8.21 -16.02 -24.15
N LEU C 115 -7.50 -15.33 -25.08
CA LEU C 115 -8.05 -14.09 -25.59
C LEU C 115 -9.42 -14.24 -26.21
N LEU C 116 -9.70 -15.37 -26.88
CA LEU C 116 -10.94 -15.51 -27.57
C LEU C 116 -12.04 -15.91 -26.63
N THR C 117 -11.76 -16.89 -25.68
CA THR C 117 -12.75 -17.54 -24.94
C THR C 117 -13.34 -16.74 -23.74
N ALA C 118 -13.73 -15.51 -23.99
CA ALA C 118 -15.08 -14.97 -23.63
C ALA C 118 -15.74 -15.75 -22.49
N ASP C 119 -15.73 -15.15 -21.29
CA ASP C 119 -16.86 -15.22 -20.33
C ASP C 119 -17.90 -14.19 -20.76
N SER C 120 -18.42 -14.28 -22.03
CA SER C 120 -19.81 -14.29 -22.38
C SER C 120 -20.13 -15.44 -23.32
N VAL C 121 -21.23 -15.35 -24.06
CA VAL C 121 -21.49 -16.30 -25.15
C VAL C 121 -21.66 -15.23 -26.21
N PRO C 122 -20.63 -15.08 -27.09
CA PRO C 122 -20.87 -14.43 -28.37
C PRO C 122 -22.08 -14.92 -29.10
N PRO C 123 -23.03 -14.16 -29.59
CA PRO C 123 -23.65 -14.31 -30.91
C PRO C 123 -22.82 -14.86 -32.02
N SER C 124 -23.44 -15.62 -32.99
CA SER C 124 -23.17 -15.66 -34.44
C SER C 124 -22.85 -14.24 -34.98
N ASP C 125 -23.37 -13.13 -34.38
CA ASP C 125 -23.58 -11.82 -34.94
C ASP C 125 -22.31 -10.95 -34.69
N SER C 126 -21.31 -11.44 -33.91
CA SER C 126 -20.10 -10.86 -33.62
C SER C 126 -18.97 -11.62 -34.28
N THR C 127 -17.96 -10.88 -34.94
CA THR C 127 -16.59 -11.30 -35.15
C THR C 127 -15.83 -11.42 -33.86
N SER C 128 -14.92 -12.45 -33.76
CA SER C 128 -13.81 -12.62 -32.86
C SER C 128 -12.73 -11.86 -33.51
N ILE C 129 -11.63 -11.69 -32.70
CA ILE C 129 -10.56 -10.87 -33.11
C ILE C 129 -9.91 -11.50 -34.31
N LEU C 130 -9.76 -10.72 -35.41
CA LEU C 130 -9.07 -11.20 -36.62
C LEU C 130 -9.68 -12.35 -37.33
N GLY C 131 -10.95 -12.72 -36.88
CA GLY C 131 -11.75 -13.71 -37.64
C GLY C 131 -11.30 -15.15 -37.42
N LEU C 132 -10.64 -15.43 -36.29
CA LEU C 132 -10.02 -16.73 -36.00
C LEU C 132 -10.81 -17.32 -34.85
N ASP C 133 -10.41 -18.58 -34.57
CA ASP C 133 -10.85 -19.26 -33.45
C ASP C 133 -9.72 -20.13 -32.93
N LYS C 134 -10.00 -20.85 -31.81
CA LYS C 134 -9.00 -21.72 -31.15
C LYS C 134 -8.44 -22.76 -32.16
N GLN C 135 -9.27 -23.30 -33.11
CA GLN C 135 -8.89 -24.40 -33.91
C GLN C 135 -7.84 -23.98 -34.89
N ASP C 136 -7.82 -22.69 -35.29
CA ASP C 136 -6.88 -22.13 -36.21
C ASP C 136 -5.61 -22.06 -35.57
N LEU C 137 -5.58 -21.94 -34.21
CA LEU C 137 -4.32 -21.86 -33.47
C LEU C 137 -3.69 -23.26 -33.17
N LEU C 138 -4.48 -24.26 -32.89
CA LEU C 138 -4.07 -25.65 -32.63
C LEU C 138 -3.44 -26.35 -33.80
N ASP C 139 -3.67 -25.87 -35.05
CA ASP C 139 -3.25 -26.30 -36.34
C ASP C 139 -1.69 -25.99 -36.54
N LEU C 140 -1.18 -25.11 -35.67
CA LEU C 140 0.15 -24.59 -35.87
C LEU C 140 0.93 -25.16 -34.72
N LEU C 141 0.16 -25.81 -33.73
CA LEU C 141 0.83 -26.56 -32.60
C LEU C 141 1.39 -27.78 -33.30
N PRO C 142 2.66 -28.33 -33.05
CA PRO C 142 3.24 -29.59 -33.57
C PRO C 142 2.29 -30.81 -33.36
N PRO C 143 2.33 -31.87 -34.14
CA PRO C 143 1.64 -33.16 -34.07
C PRO C 143 1.49 -33.66 -32.59
N ASN C 144 0.25 -34.20 -32.22
CA ASN C 144 -0.26 -34.68 -30.97
C ASN C 144 0.72 -35.63 -30.37
N MET C 145 1.54 -36.46 -31.10
CA MET C 145 2.41 -37.39 -30.45
C MET C 145 3.55 -36.76 -29.73
N LEU C 146 4.04 -35.62 -30.21
CA LEU C 146 5.15 -34.90 -29.56
C LEU C 146 4.55 -34.27 -28.29
N VAL C 147 3.27 -33.84 -28.41
CA VAL C 147 2.57 -33.06 -27.33
C VAL C 147 2.42 -33.95 -26.09
N LEU C 148 2.00 -35.21 -26.39
CA LEU C 148 1.84 -36.23 -25.46
C LEU C 148 3.08 -36.62 -24.75
N TRP C 149 4.18 -36.68 -25.47
CA TRP C 149 5.57 -36.94 -24.99
C TRP C 149 6.07 -35.80 -24.08
N VAL C 150 5.72 -34.49 -24.45
CA VAL C 150 6.14 -33.43 -23.56
C VAL C 150 5.40 -33.51 -22.19
N ARG C 151 4.09 -33.75 -22.20
CA ARG C 151 3.21 -33.82 -21.10
C ARG C 151 3.52 -34.92 -20.13
N ASP C 152 3.97 -36.11 -20.68
CA ASP C 152 4.35 -37.24 -19.89
C ASP C 152 5.57 -36.86 -19.14
N ARG C 153 6.43 -36.17 -19.85
CA ARG C 153 7.68 -35.69 -19.29
C ARG C 153 7.59 -34.60 -18.24
N LEU C 154 6.61 -33.74 -18.37
CA LEU C 154 6.37 -32.53 -17.59
C LEU C 154 6.17 -32.79 -16.12
N GLN C 155 5.50 -33.88 -15.75
CA GLN C 155 5.24 -34.20 -14.31
C GLN C 155 6.57 -34.36 -13.51
N LYS C 156 7.54 -35.06 -14.11
CA LYS C 156 8.85 -35.25 -13.55
C LYS C 156 9.65 -33.95 -13.52
N GLN C 157 9.53 -33.11 -14.59
CA GLN C 157 10.23 -31.84 -14.65
C GLN C 157 9.62 -30.89 -13.65
N LEU C 158 8.31 -30.93 -13.57
CA LEU C 158 7.52 -30.10 -12.61
C LEU C 158 7.89 -30.46 -11.18
N GLU C 159 8.09 -31.76 -10.78
CA GLU C 159 8.41 -32.22 -9.48
C GLU C 159 9.80 -31.72 -9.14
N GLU C 160 10.76 -31.69 -10.04
CA GLU C 160 12.14 -31.27 -9.88
C GLU C 160 12.13 -29.83 -9.69
N ALA C 161 11.25 -29.09 -10.46
CA ALA C 161 11.19 -27.68 -10.33
C ALA C 161 10.66 -27.26 -8.99
N LEU C 162 9.60 -27.96 -8.46
CA LEU C 162 8.98 -27.77 -7.14
C LEU C 162 9.92 -28.00 -6.02
N LYS C 163 10.69 -29.12 -6.20
CA LYS C 163 11.64 -29.52 -5.16
C LYS C 163 12.71 -28.46 -4.96
N LYS C 164 13.19 -28.00 -6.13
CA LYS C 164 14.16 -26.98 -6.24
C LYS C 164 13.73 -25.65 -5.68
N LYS C 165 12.41 -25.26 -6.00
CA LYS C 165 11.86 -24.03 -5.60
C LYS C 165 11.64 -23.99 -4.08
N CYS C 166 11.18 -25.10 -3.46
CA CYS C 166 11.05 -25.27 -2.07
C CYS C 166 12.43 -25.27 -1.39
N PHE C 167 13.52 -25.83 -1.96
CA PHE C 167 14.79 -25.89 -1.38
C PHE C 167 15.49 -24.59 -1.28
N THR C 168 15.18 -23.74 -2.30
CA THR C 168 15.65 -22.41 -2.44
C THR C 168 15.10 -21.51 -1.35
N PHE C 169 13.78 -21.69 -1.16
CA PHE C 169 13.02 -21.05 -0.17
C PHE C 169 13.62 -21.35 1.13
N LEU C 170 13.99 -22.64 1.37
CA LEU C 170 14.55 -23.17 2.55
C LEU C 170 15.89 -22.63 2.77
N SER C 171 16.71 -22.53 1.72
CA SER C 171 18.11 -22.08 1.72
C SER C 171 18.24 -20.66 2.20
N PHE C 172 17.25 -19.74 1.82
CA PHE C 172 17.35 -18.31 2.19
C PHE C 172 16.85 -18.07 3.66
N HIS C 173 15.71 -18.67 4.05
CA HIS C 173 15.10 -18.50 5.34
C HIS C 173 16.07 -19.07 6.35
N GLN C 174 16.67 -20.26 6.04
CA GLN C 174 17.53 -21.04 6.86
C GLN C 174 18.71 -21.48 5.98
N PRO C 175 19.81 -20.74 5.92
CA PRO C 175 21.08 -21.08 5.39
C PRO C 175 21.66 -22.28 6.06
N GLU C 176 21.21 -22.68 7.26
CA GLU C 176 21.82 -23.83 7.98
C GLU C 176 21.57 -25.23 7.34
N THR C 177 20.53 -25.32 6.46
CA THR C 177 20.02 -26.60 5.90
C THR C 177 20.82 -27.13 4.76
N ASP C 178 21.65 -26.27 4.18
CA ASP C 178 22.54 -26.65 3.11
C ASP C 178 23.72 -27.46 3.58
N GLU C 179 23.93 -27.57 4.94
CA GLU C 179 24.96 -28.37 5.46
C GLU C 179 24.50 -29.60 6.24
N GLU C 180 23.24 -30.01 5.93
CA GLU C 180 22.54 -31.02 6.65
C GLU C 180 22.66 -32.28 5.81
N GLY C 181 22.31 -33.48 6.46
CA GLY C 181 22.05 -34.82 5.78
C GLY C 181 20.70 -34.75 5.09
N ASP C 182 20.46 -35.66 4.11
CA ASP C 182 19.31 -35.70 3.22
C ASP C 182 18.00 -35.88 4.10
N VAL C 183 18.08 -36.64 5.26
CA VAL C 183 17.00 -37.00 6.13
C VAL C 183 16.60 -35.73 6.86
N LEU C 184 17.62 -35.01 7.31
CA LEU C 184 17.42 -33.79 8.09
C LEU C 184 16.84 -32.66 7.38
N ARG C 185 17.23 -32.54 6.05
CA ARG C 185 16.72 -31.61 5.10
C ARG C 185 15.29 -31.85 4.76
N ALA C 186 14.87 -33.13 4.65
CA ALA C 186 13.49 -33.48 4.43
C ALA C 186 12.63 -33.04 5.56
N ALA C 187 13.17 -33.09 6.82
CA ALA C 187 12.48 -32.61 8.03
C ALA C 187 12.32 -31.10 7.99
N LYS C 188 13.39 -30.41 7.48
CA LYS C 188 13.52 -28.99 7.55
C LYS C 188 12.63 -28.32 6.58
N VAL C 189 12.36 -28.96 5.39
CA VAL C 189 11.44 -28.48 4.42
C VAL C 189 10.05 -28.53 5.04
N LEU C 190 9.81 -29.61 5.91
CA LEU C 190 8.51 -29.75 6.55
C LEU C 190 8.22 -28.74 7.56
N ARG C 191 9.30 -28.00 7.96
CA ARG C 191 9.22 -27.03 9.05
C ARG C 191 9.32 -25.66 8.49
N LEU C 192 9.52 -25.45 7.20
CA LEU C 192 9.77 -24.22 6.55
C LEU C 192 8.62 -23.18 6.69
N ALA C 193 7.40 -23.65 6.39
CA ALA C 193 6.15 -22.87 6.61
C ALA C 193 5.87 -22.50 7.99
N SER C 194 5.98 -23.46 8.90
CA SER C 194 5.71 -23.18 10.31
C SER C 194 6.63 -22.27 10.93
N THR C 195 7.95 -22.40 10.63
CA THR C 195 9.01 -21.54 11.12
C THR C 195 8.98 -20.13 10.72
N LEU C 196 8.70 -19.84 9.36
CA LEU C 196 8.46 -18.50 8.93
C LEU C 196 7.25 -17.87 9.55
N GLU C 197 6.14 -18.61 9.73
CA GLU C 197 4.98 -18.12 10.39
C GLU C 197 5.31 -17.73 11.79
N ASP C 198 6.22 -18.53 12.48
CA ASP C 198 6.57 -18.22 13.86
C ASP C 198 7.34 -16.92 13.99
N GLU C 199 8.27 -16.67 13.01
CA GLU C 199 9.02 -15.42 13.00
C GLU C 199 8.15 -14.17 12.75
N LYS C 200 7.23 -14.19 11.82
CA LYS C 200 6.33 -13.14 11.67
C LYS C 200 5.42 -12.78 12.84
N ARG C 201 4.79 -13.86 13.45
CA ARG C 201 3.96 -13.75 14.63
C ARG C 201 4.80 -13.20 15.77
N ARG C 202 6.06 -13.65 15.90
CA ARG C 202 6.94 -13.10 16.87
C ARG C 202 7.19 -11.67 16.73
N LEU C 203 7.48 -11.10 15.50
CA LEU C 203 7.61 -9.72 15.18
C LEU C 203 6.35 -9.00 15.57
N GLN C 204 5.15 -9.48 15.27
CA GLN C 204 3.91 -8.82 15.71
C GLN C 204 3.75 -8.72 17.16
N ASN C 205 4.07 -9.81 18.00
CA ASN C 205 4.01 -9.87 19.44
C ASN C 205 5.01 -8.86 20.00
N GLU C 206 6.20 -8.78 19.31
CA GLU C 206 7.28 -7.91 19.74
C GLU C 206 6.86 -6.41 19.65
N GLN C 207 6.02 -6.11 18.59
CA GLN C 207 5.39 -4.82 18.40
C GLN C 207 4.32 -4.49 19.48
N GLU C 208 3.47 -5.53 19.83
CA GLU C 208 2.53 -5.38 20.90
C GLU C 208 3.19 -5.13 22.24
N LYS C 209 4.26 -5.85 22.52
CA LYS C 209 5.06 -5.71 23.72
C LYS C 209 5.67 -4.32 23.82
N HIS C 210 6.15 -3.72 22.67
CA HIS C 210 6.76 -2.36 22.63
C HIS C 210 5.79 -1.30 23.04
N GLN C 211 4.51 -1.36 22.49
CA GLN C 211 3.45 -0.52 22.82
C GLN C 211 3.04 -0.68 24.27
N GLU C 212 3.08 -1.92 24.82
CA GLU C 212 2.75 -2.10 26.20
C GLU C 212 3.72 -1.51 27.14
N MET C 213 5.01 -1.73 26.91
CA MET C 213 6.11 -1.13 27.66
C MET C 213 6.16 0.40 27.51
N ARG C 214 5.78 1.03 26.35
CA ARG C 214 5.74 2.39 26.00
C ARG C 214 4.74 3.05 26.91
N ALA C 215 3.55 2.44 27.13
CA ALA C 215 2.54 2.89 28.09
C ALA C 215 3.01 2.95 29.48
N LEU C 216 3.82 1.93 29.93
CA LEU C 216 4.29 1.77 31.26
C LEU C 216 5.30 2.81 31.61
N LEU C 217 6.27 3.07 30.66
CA LEU C 217 7.28 4.06 30.78
C LEU C 217 6.78 5.47 30.94
N GLU C 218 5.78 5.78 30.12
CA GLU C 218 5.00 7.05 30.21
C GLU C 218 4.22 7.25 31.51
N LYS C 219 3.61 6.13 32.04
CA LYS C 219 2.83 6.14 33.34
C LYS C 219 3.82 6.33 34.48
N GLN C 220 5.03 5.66 34.45
CA GLN C 220 6.03 5.76 35.50
C GLN C 220 6.57 7.13 35.52
N GLN C 221 6.65 7.80 34.39
CA GLN C 221 7.11 9.16 34.17
C GLN C 221 6.19 10.27 34.63
N GLU C 222 4.89 9.84 34.87
CA GLU C 222 3.91 10.69 35.36
C GLU C 222 4.02 10.82 36.87
N ILE C 223 4.37 9.70 37.58
CA ILE C 223 4.39 9.63 39.02
C ILE C 223 5.68 10.18 39.54
N TYR C 224 6.79 9.93 38.83
CA TYR C 224 8.16 10.23 39.16
C TYR C 224 8.40 11.74 39.38
N PRO C 225 8.06 12.76 38.56
CA PRO C 225 8.24 14.15 38.83
C PRO C 225 7.46 14.58 40.15
N HIS C 226 6.30 13.97 40.39
CA HIS C 226 5.44 14.23 41.52
C HIS C 226 5.98 13.80 42.87
N VAL C 227 6.67 12.66 42.87
CA VAL C 227 7.50 12.23 43.98
C VAL C 227 8.71 13.12 44.20
N LEU C 228 9.43 13.59 43.12
CA LEU C 228 10.58 14.49 43.20
C LEU C 228 10.09 15.79 43.80
N LEU C 229 8.90 16.29 43.46
CA LEU C 229 8.33 17.52 44.01
C LEU C 229 7.96 17.38 45.51
N ARG C 230 7.42 16.27 46.00
CA ARG C 230 7.25 16.08 47.41
C ARG C 230 8.50 16.04 48.32
N CYS C 231 9.60 15.41 47.81
CA CYS C 231 10.90 15.27 48.43
C CYS C 231 11.46 16.63 48.52
N LEU C 232 11.37 17.47 47.45
CA LEU C 232 11.73 18.84 47.50
C LEU C 232 10.94 19.64 48.45
N SER C 233 9.62 19.39 48.50
CA SER C 233 8.70 20.12 49.35
C SER C 233 9.00 19.99 50.85
N LEU C 234 9.38 18.73 51.26
CA LEU C 234 9.88 18.39 52.55
C LEU C 234 11.15 19.01 52.95
N LEU C 235 12.15 19.09 52.02
CA LEU C 235 13.41 19.77 52.18
C LEU C 235 13.19 21.28 52.31
N ARG C 236 12.26 21.80 51.52
CA ARG C 236 11.89 23.21 51.61
C ARG C 236 11.26 23.59 52.91
N GLN C 237 10.44 22.69 53.47
CA GLN C 237 9.84 22.79 54.77
C GLN C 237 10.92 22.76 55.84
N ALA C 238 11.88 21.89 55.76
CA ALA C 238 12.99 21.79 56.68
C ALA C 238 13.79 23.04 56.74
N ALA C 239 14.05 23.65 55.62
CA ALA C 239 14.97 24.76 55.38
C ALA C 239 14.39 26.01 55.88
N SER C 240 13.10 26.21 55.54
CA SER C 240 12.36 27.36 55.86
C SER C 240 11.83 27.46 57.25
N GLU C 241 11.23 26.36 57.69
CA GLU C 241 10.53 26.55 58.93
C GLU C 241 11.52 26.33 60.05
N LEU C 242 12.54 25.44 59.82
CA LEU C 242 13.37 24.97 60.90
C LEU C 242 14.59 25.77 60.82
N ARG C 243 15.32 25.79 59.65
CA ARG C 243 16.64 26.39 59.71
C ARG C 243 16.57 27.90 59.71
N LEU C 244 15.94 28.47 58.77
CA LEU C 244 15.84 29.90 58.63
C LEU C 244 14.94 30.65 59.60
N ARG C 245 13.90 30.02 60.23
CA ARG C 245 12.97 30.85 61.02
C ARG C 245 13.27 30.57 62.49
N ALA C 246 12.84 29.36 62.90
CA ALA C 246 12.93 28.79 64.23
C ALA C 246 14.37 28.73 64.74
N GLN C 247 15.32 28.12 63.95
CA GLN C 247 16.62 27.84 64.45
C GLN C 247 17.42 29.10 64.62
N SER C 248 17.24 30.07 63.67
CA SER C 248 17.93 31.37 63.82
C SER C 248 17.50 32.06 65.04
N ASP C 249 16.22 31.98 65.42
CA ASP C 249 15.68 32.55 66.64
C ASP C 249 16.24 31.80 67.84
N ILE C 250 16.39 30.50 67.75
CA ILE C 250 16.80 29.64 68.87
C ILE C 250 18.21 29.96 69.22
N ASP C 251 19.07 30.06 68.23
CA ASP C 251 20.49 30.31 68.26
C ASP C 251 20.72 31.67 68.86
N ARG C 252 19.85 32.63 68.44
CA ARG C 252 19.98 33.99 68.98
C ARG C 252 19.74 34.02 70.53
N ILE C 253 18.63 33.42 71.00
CA ILE C 253 18.19 33.47 72.39
C ILE C 253 19.20 32.74 73.23
N ASN C 254 19.76 31.55 72.81
CA ASN C 254 20.74 30.83 73.55
C ASN C 254 21.99 31.56 73.69
N ALA C 255 22.53 32.17 72.61
CA ALA C 255 23.78 32.91 72.75
C ALA C 255 23.71 34.12 73.75
N GLU C 256 22.58 34.87 73.69
CA GLU C 256 22.34 36.01 74.52
C GLU C 256 22.14 35.65 76.00
N TYR C 257 21.39 34.53 76.22
CA TYR C 257 21.04 34.10 77.51
C TYR C 257 22.30 33.79 78.26
N LEU C 258 23.21 33.06 77.57
CA LEU C 258 24.45 32.54 78.08
C LEU C 258 25.40 33.62 78.40
N GLU C 259 25.42 34.69 77.64
CA GLU C 259 26.20 35.94 77.95
C GLU C 259 25.67 36.61 79.14
N ALA C 260 24.34 36.77 79.27
CA ALA C 260 23.64 37.55 80.33
C ALA C 260 23.92 36.88 81.64
N LYS C 261 23.91 35.58 81.62
CA LYS C 261 24.11 34.68 82.77
C LYS C 261 25.53 34.83 83.19
N SER C 262 26.55 34.84 82.27
CA SER C 262 27.94 35.01 82.65
C SER C 262 28.27 36.31 83.31
N ASN C 263 27.72 37.35 82.74
CA ASN C 263 28.03 38.69 83.21
C ASN C 263 27.50 38.95 84.54
N ALA C 264 26.29 38.46 84.79
CA ALA C 264 25.55 38.57 86.01
C ALA C 264 26.20 37.92 87.21
N LEU C 265 26.70 36.72 87.02
CA LEU C 265 27.44 35.92 88.00
C LEU C 265 28.73 36.63 88.32
N PHE C 266 29.46 37.26 87.34
CA PHE C 266 30.68 37.96 87.55
C PHE C 266 30.49 39.17 88.44
N LEU C 267 29.36 39.90 88.23
CA LEU C 267 29.04 41.16 88.94
C LEU C 267 28.64 40.85 90.39
N LYS C 268 27.99 39.71 90.57
CA LYS C 268 27.57 39.24 91.83
C LYS C 268 28.76 38.96 92.70
N LEU C 269 29.76 38.26 92.05
CA LEU C 269 31.03 37.95 92.70
C LEU C 269 31.74 39.17 93.07
N ARG C 270 31.79 40.20 92.21
CA ARG C 270 32.46 41.45 92.41
C ARG C 270 31.83 42.20 93.57
N MET C 271 30.44 42.22 93.80
CA MET C 271 29.77 42.89 94.91
C MET C 271 30.09 42.33 96.20
N GLU C 272 30.07 40.97 96.31
CA GLU C 272 30.47 40.23 97.49
C GLU C 272 31.97 40.50 97.74
N GLU C 273 32.83 40.76 96.71
CA GLU C 273 34.18 41.13 96.88
C GLU C 273 34.39 42.40 97.59
N LEU C 274 33.60 43.40 97.17
CA LEU C 274 33.62 44.77 97.75
C LEU C 274 33.10 44.86 99.19
N GLN C 275 32.17 43.89 99.54
CA GLN C 275 31.62 43.91 100.86
C GLN C 275 32.70 43.53 101.82
N VAL C 276 33.54 42.56 101.39
CA VAL C 276 34.63 42.01 102.07
C VAL C 276 35.63 43.06 102.23
N LEU C 277 35.97 43.94 101.26
CA LEU C 277 37.03 44.91 101.46
C LEU C 277 36.68 45.94 102.44
N THR C 278 35.39 46.29 102.57
CA THR C 278 34.88 47.29 103.45
C THR C 278 34.94 46.94 104.91
N ASP C 279 34.64 45.64 105.15
CA ASP C 279 34.70 45.09 106.47
C ASP C 279 36.16 44.96 106.88
N CYS C 280 37.12 44.65 105.95
CA CYS C 280 38.50 44.46 106.24
C CYS C 280 39.29 45.72 106.39
N TYR C 281 39.00 46.74 105.56
CA TYR C 281 39.83 47.98 105.26
C TYR C 281 38.89 49.15 105.55
N THR C 282 38.60 49.38 106.88
CA THR C 282 37.90 50.56 107.42
C THR C 282 38.87 51.73 107.46
N PRO C 283 38.51 53.06 107.43
CA PRO C 283 39.52 54.11 107.53
C PRO C 283 40.43 54.03 108.67
N GLU C 284 39.93 53.57 109.83
CA GLU C 284 40.71 53.37 111.01
C GLU C 284 41.82 52.39 110.90
N LYS C 285 41.46 51.28 110.21
CA LYS C 285 42.40 50.22 110.01
C LYS C 285 43.48 50.60 109.05
N VAL C 286 43.06 51.32 108.03
CA VAL C 286 43.91 51.86 106.99
C VAL C 286 44.99 52.79 107.55
N LEU C 287 44.65 53.69 108.54
CA LEU C 287 45.52 54.54 109.28
C LEU C 287 46.53 53.77 110.03
N VAL C 288 46.06 52.68 110.65
CA VAL C 288 46.88 51.73 111.37
C VAL C 288 47.90 50.97 110.51
N HIS C 289 47.49 50.53 109.30
CA HIS C 289 48.18 49.90 108.22
C HIS C 289 49.22 50.74 107.63
N ARG C 290 49.01 52.03 107.64
CA ARG C 290 49.87 52.96 107.10
C ARG C 290 51.06 53.06 108.00
N GLN C 291 50.77 53.10 109.35
CA GLN C 291 51.76 53.01 110.34
C GLN C 291 52.64 51.81 110.38
N ILE C 292 52.07 50.59 110.26
CA ILE C 292 52.79 49.29 110.11
C ILE C 292 53.65 49.26 108.89
N ARG C 293 53.15 49.89 107.80
CA ARG C 293 53.74 49.85 106.51
C ARG C 293 54.99 50.67 106.54
N ASP C 294 54.91 51.84 107.15
CA ASP C 294 56.00 52.79 107.41
C ASP C 294 57.00 52.21 108.35
N THR C 295 56.60 51.43 109.39
CA THR C 295 57.51 50.85 110.27
C THR C 295 58.41 49.82 109.53
N LEU C 296 57.84 48.96 108.60
CA LEU C 296 58.60 47.99 107.83
C LEU C 296 59.44 48.75 106.83
N GLU C 297 58.90 49.83 106.13
CA GLU C 297 59.66 50.62 105.25
C GLU C 297 60.78 51.37 105.91
N ALA C 298 60.60 51.89 107.09
CA ALA C 298 61.66 52.54 107.88
C ALA C 298 62.77 51.57 108.27
N GLY C 299 62.37 50.33 108.63
CA GLY C 299 63.35 49.33 109.01
C GLY C 299 64.21 48.95 107.81
N VAL C 300 63.57 48.80 106.66
CA VAL C 300 64.13 48.34 105.46
C VAL C 300 65.17 49.36 104.99
N LYS C 301 64.85 50.70 105.25
CA LYS C 301 65.72 51.88 104.94
C LYS C 301 66.99 51.83 105.77
N LYS C 302 66.87 51.58 107.13
CA LYS C 302 68.05 51.43 108.00
C LYS C 302 68.97 50.37 107.53
N GLU C 303 68.47 49.20 107.10
CA GLU C 303 69.34 48.11 106.61
C GLU C 303 69.93 48.41 105.30
N LYS C 304 69.17 49.17 104.44
CA LYS C 304 69.65 49.52 103.13
C LYS C 304 70.84 50.47 103.16
N GLN C 305 70.95 51.45 104.13
CA GLN C 305 72.00 52.41 104.21
C GLN C 305 73.23 51.62 104.65
N GLU C 306 73.07 50.75 105.67
CA GLU C 306 74.14 49.96 106.17
C GLU C 306 74.70 48.99 105.10
N LEU C 307 73.90 48.31 104.27
CA LEU C 307 74.35 47.46 103.14
C LEU C 307 75.12 48.30 102.11
N SER C 308 74.65 49.50 101.80
CA SER C 308 75.21 50.36 100.75
C SER C 308 76.62 50.85 101.08
N THR C 309 76.83 51.27 102.33
CA THR C 309 78.06 51.84 102.88
C THR C 309 79.15 50.82 102.95
N GLN D 82 32.26 -8.55 37.28
CA GLN D 82 32.37 -8.90 35.89
C GLN D 82 32.63 -7.65 35.06
N GLN D 83 32.96 -6.47 35.57
CA GLN D 83 32.68 -5.16 34.95
C GLN D 83 33.45 -5.01 33.73
N GLN D 84 34.78 -5.25 33.84
CA GLN D 84 35.60 -5.23 32.66
C GLN D 84 35.37 -6.17 31.51
N ARG D 85 35.05 -7.45 31.82
CA ARG D 85 34.60 -8.39 30.77
C ARG D 85 33.29 -7.95 30.11
N ARG D 86 32.39 -7.33 30.93
CA ARG D 86 31.06 -6.84 30.52
C ARG D 86 31.19 -5.70 29.50
N LYS D 87 32.12 -4.78 29.82
CA LYS D 87 32.41 -3.62 28.96
C LYS D 87 32.92 -4.07 27.62
N GLN D 88 33.84 -5.07 27.62
CA GLN D 88 34.38 -5.68 26.48
C GLN D 88 33.27 -6.31 25.69
N LEU D 89 32.29 -7.03 26.29
CA LEU D 89 31.13 -7.64 25.58
C LEU D 89 30.16 -6.60 25.03
N CYS D 90 29.89 -5.52 25.72
CA CYS D 90 29.02 -4.46 25.26
C CYS D 90 29.62 -3.81 24.06
N LYS D 91 30.99 -3.63 24.08
CA LYS D 91 31.72 -3.18 22.88
C LYS D 91 31.61 -4.05 21.68
N GLU D 92 31.70 -5.39 21.92
CA GLU D 92 31.50 -6.45 20.93
C GLU D 92 30.17 -6.48 20.32
N ILE D 93 29.08 -6.25 21.13
CA ILE D 93 27.71 -6.03 20.68
C ILE D 93 27.51 -4.79 19.80
N LEU D 94 28.08 -3.58 20.22
CA LEU D 94 27.98 -2.35 19.47
C LEU D 94 28.70 -2.51 18.14
N GLU D 95 29.90 -3.20 18.24
CA GLU D 95 30.71 -3.51 17.07
C GLU D 95 29.99 -4.44 16.09
N LEU D 96 29.31 -5.45 16.61
CA LEU D 96 28.51 -6.42 15.88
C LEU D 96 27.31 -5.82 15.29
N ARG D 97 26.67 -4.94 15.99
CA ARG D 97 25.48 -4.25 15.51
C ARG D 97 25.77 -3.39 14.31
N ALA D 98 26.90 -2.69 14.35
CA ALA D 98 27.36 -1.90 13.19
C ALA D 98 27.63 -2.81 12.05
N GLU D 99 28.30 -3.95 12.21
CA GLU D 99 28.59 -4.95 11.17
C GLU D 99 27.42 -5.60 10.59
N LEU D 100 26.35 -5.96 11.37
CA LEU D 100 25.09 -6.46 10.88
C LEU D 100 24.46 -5.39 9.98
N HIS D 101 24.53 -4.15 10.45
CA HIS D 101 23.98 -3.04 9.70
C HIS D 101 24.66 -2.92 8.41
N HIS D 102 26.05 -3.04 8.38
CA HIS D 102 26.85 -2.94 7.20
C HIS D 102 26.47 -4.06 6.22
N LEU D 103 26.22 -5.31 6.66
CA LEU D 103 25.77 -6.39 5.85
C LEU D 103 24.33 -6.14 5.27
N GLN D 104 23.46 -5.63 6.12
CA GLN D 104 22.10 -5.28 5.85
C GLN D 104 21.96 -4.25 4.82
N GLU D 105 22.84 -3.24 4.81
CA GLU D 105 22.95 -2.17 3.84
C GLU D 105 23.43 -2.76 2.53
N GLN D 106 24.36 -3.80 2.59
CA GLN D 106 24.78 -4.48 1.34
C GLN D 106 23.70 -5.33 0.66
N ILE D 107 22.84 -6.04 1.46
CA ILE D 107 21.66 -6.76 1.12
C ILE D 107 20.62 -5.85 0.56
N GLN D 108 20.42 -4.68 1.17
CA GLN D 108 19.42 -3.72 0.69
C GLN D 108 19.69 -3.18 -0.66
N THR D 109 21.00 -2.91 -0.91
CA THR D 109 21.47 -2.40 -2.19
C THR D 109 21.30 -3.42 -3.33
N ALA D 110 21.64 -4.70 -3.03
CA ALA D 110 21.34 -5.83 -3.96
C ALA D 110 19.92 -6.10 -4.19
N GLU D 111 19.03 -5.97 -3.14
CA GLU D 111 17.57 -6.10 -3.28
C GLU D 111 17.00 -5.02 -4.19
N ARG D 112 17.46 -3.79 -4.06
CA ARG D 112 16.99 -2.69 -4.87
C ARG D 112 17.26 -2.80 -6.29
N GLU D 113 18.41 -3.48 -6.65
CA GLU D 113 18.85 -3.74 -8.00
C GLU D 113 18.04 -4.89 -8.59
N ILE D 114 17.69 -5.90 -7.75
CA ILE D 114 16.83 -7.04 -8.10
C ILE D 114 15.38 -6.65 -8.39
N VAL D 115 14.80 -5.72 -7.61
CA VAL D 115 13.52 -5.25 -7.84
C VAL D 115 13.54 -4.54 -9.15
N GLY D 116 14.64 -3.85 -9.52
CA GLY D 116 14.72 -3.09 -10.73
C GLY D 116 14.90 -3.94 -12.00
N GLN D 117 15.45 -5.20 -11.81
CA GLN D 117 15.86 -6.22 -12.70
C GLN D 117 14.86 -7.28 -13.02
N ASP D 118 13.65 -7.28 -12.38
CA ASP D 118 12.49 -8.06 -12.70
C ASP D 118 12.30 -8.51 -14.12
N LEU D 119 11.80 -9.72 -14.30
CA LEU D 119 11.04 -10.19 -15.47
C LEU D 119 9.73 -9.45 -15.74
N ASN D 120 9.72 -8.63 -16.81
CA ASN D 120 8.73 -8.48 -17.71
C ASN D 120 9.43 -9.03 -18.94
N CYS D 121 8.93 -10.14 -19.49
CA CYS D 121 9.22 -10.66 -20.80
C CYS D 121 7.90 -10.60 -21.55
N GLU D 122 6.99 -9.74 -21.00
CA GLU D 122 5.68 -9.57 -21.45
C GLU D 122 5.71 -8.86 -22.79
N ARG D 123 6.69 -7.99 -23.04
CA ARG D 123 6.85 -7.28 -24.28
C ARG D 123 7.18 -8.27 -25.42
N ALA D 124 8.14 -9.13 -25.12
CA ALA D 124 8.62 -10.15 -26.03
C ALA D 124 7.56 -11.20 -26.41
N GLN D 125 6.74 -11.62 -25.37
CA GLN D 125 5.60 -12.61 -25.36
C GLN D 125 4.50 -12.05 -26.19
N ASP D 126 4.19 -10.72 -26.02
CA ASP D 126 3.24 -10.02 -26.93
C ASP D 126 3.64 -10.10 -28.33
N LEU D 127 4.94 -9.90 -28.65
CA LEU D 127 5.44 -9.93 -29.96
C LEU D 127 5.29 -11.43 -30.59
N CYS D 128 5.55 -12.49 -29.69
CA CYS D 128 5.40 -13.90 -30.03
C CYS D 128 3.97 -14.23 -30.35
N ARG D 129 3.05 -13.63 -29.54
CA ARG D 129 1.65 -13.70 -29.71
C ARG D 129 1.32 -13.06 -31.07
N ARG D 130 1.88 -11.88 -31.44
CA ARG D 130 1.50 -11.22 -32.67
C ARG D 130 1.88 -12.10 -33.80
N SER D 131 3.06 -12.69 -33.75
CA SER D 131 3.52 -13.65 -34.79
C SER D 131 2.58 -14.79 -34.96
N LEU D 132 2.15 -15.44 -33.83
CA LEU D 132 1.22 -16.55 -33.98
C LEU D 132 -0.17 -16.17 -34.50
N LEU D 133 -0.74 -15.01 -33.99
CA LEU D 133 -2.01 -14.46 -34.38
C LEU D 133 -1.99 -14.15 -35.87
N LEU D 134 -0.89 -13.59 -36.35
CA LEU D 134 -0.71 -13.24 -37.72
C LEU D 134 -0.45 -14.42 -38.58
N ARG D 135 0.18 -15.52 -38.14
CA ARG D 135 0.27 -16.70 -38.87
C ARG D 135 -1.01 -17.38 -39.12
N ALA D 136 -1.84 -17.48 -38.04
CA ALA D 136 -3.20 -17.92 -38.16
C ALA D 136 -4.11 -17.09 -39.05
N PHE D 137 -3.90 -15.77 -38.94
CA PHE D 137 -4.65 -14.78 -39.74
C PHE D 137 -4.37 -14.98 -41.21
N ASN D 138 -3.02 -15.22 -41.45
CA ASN D 138 -2.61 -15.35 -42.81
C ASN D 138 -3.21 -16.54 -43.47
N LYS D 139 -3.23 -17.64 -42.71
CA LYS D 139 -3.82 -18.82 -43.26
C LYS D 139 -5.27 -18.62 -43.61
N LYS D 140 -6.07 -17.95 -42.81
CA LYS D 140 -7.48 -17.59 -43.01
C LYS D 140 -7.77 -16.72 -44.15
N ARG D 141 -6.86 -15.78 -44.44
CA ARG D 141 -6.97 -14.95 -45.56
C ARG D 141 -6.63 -15.67 -46.83
N GLU D 142 -5.71 -16.67 -46.74
CA GLU D 142 -5.30 -17.52 -47.83
C GLU D 142 -6.34 -18.44 -48.34
N GLU D 143 -7.21 -18.86 -47.34
CA GLU D 143 -8.42 -19.64 -47.55
C GLU D 143 -9.39 -18.79 -48.30
N GLU D 144 -9.49 -17.45 -47.98
CA GLU D 144 -10.38 -16.57 -48.69
C GLU D 144 -10.01 -16.31 -50.16
N CYS D 145 -8.67 -16.23 -50.34
CA CYS D 145 -8.03 -16.05 -51.60
C CYS D 145 -8.28 -17.16 -52.49
N GLU D 146 -8.23 -18.39 -51.91
CA GLU D 146 -8.44 -19.67 -52.60
C GLU D 146 -9.85 -19.81 -53.14
N ALA D 147 -10.83 -19.20 -52.41
CA ALA D 147 -12.21 -19.14 -52.78
C ALA D 147 -12.40 -18.25 -54.00
N LEU D 148 -11.73 -17.15 -54.00
CA LEU D 148 -11.73 -16.19 -55.13
C LEU D 148 -11.10 -16.69 -56.36
N CYS D 149 -10.02 -17.52 -56.22
CA CYS D 149 -9.32 -18.19 -57.32
C CYS D 149 -10.28 -19.09 -58.01
N GLN D 150 -11.13 -19.78 -57.20
CA GLN D 150 -12.03 -20.76 -57.73
C GLN D 150 -13.17 -20.13 -58.56
N SER D 151 -13.66 -18.94 -58.03
CA SER D 151 -14.62 -18.09 -58.65
C SER D 151 -14.20 -17.51 -59.96
N ASN D 152 -12.92 -17.09 -60.02
CA ASN D 152 -12.28 -16.58 -61.20
C ASN D 152 -12.24 -17.69 -62.26
N LYS D 153 -11.99 -18.98 -61.88
CA LYS D 153 -11.88 -20.09 -62.82
C LYS D 153 -13.20 -20.35 -63.48
N LYS D 154 -14.33 -20.23 -62.67
CA LYS D 154 -15.65 -20.56 -63.16
C LYS D 154 -16.07 -19.62 -64.28
N ILE D 155 -15.82 -18.26 -64.10
CA ILE D 155 -16.05 -17.14 -65.03
C ILE D 155 -15.14 -17.34 -66.18
N GLN D 156 -13.81 -17.77 -65.95
CA GLN D 156 -12.83 -18.07 -67.07
C GLN D 156 -13.28 -19.18 -67.89
N TYR D 157 -13.94 -20.26 -67.37
CA TYR D 157 -14.48 -21.29 -68.20
C TYR D 157 -15.60 -20.73 -69.09
N ARG D 158 -16.51 -19.80 -68.66
CA ARG D 158 -17.56 -19.40 -69.50
C ARG D 158 -16.98 -18.57 -70.64
N CYS D 159 -16.07 -17.68 -70.25
CA CYS D 159 -15.31 -16.82 -71.20
C CYS D 159 -14.48 -17.57 -72.25
N GLU D 160 -13.86 -18.66 -71.95
CA GLU D 160 -13.20 -19.48 -72.91
C GLU D 160 -14.06 -20.14 -73.94
N GLN D 161 -15.28 -20.67 -73.54
CA GLN D 161 -16.19 -21.36 -74.44
C GLN D 161 -16.67 -20.40 -75.47
N LEU D 162 -16.99 -19.15 -74.91
CA LEU D 162 -17.57 -18.13 -75.64
C LEU D 162 -16.68 -17.47 -76.64
N GLN D 163 -15.36 -17.34 -76.27
CA GLN D 163 -14.32 -16.77 -77.18
C GLN D 163 -14.14 -17.71 -78.37
N GLU D 164 -14.12 -19.05 -78.12
CA GLU D 164 -14.00 -19.94 -79.28
C GLU D 164 -15.18 -19.95 -80.25
N ILE D 165 -16.46 -19.81 -79.70
CA ILE D 165 -17.65 -19.81 -80.50
C ILE D 165 -17.77 -18.62 -81.35
N ARG D 166 -17.35 -17.51 -80.77
CA ARG D 166 -17.20 -16.20 -81.44
C ARG D 166 -16.22 -16.18 -82.55
N ARG D 167 -15.02 -16.81 -82.39
CA ARG D 167 -14.04 -16.91 -83.37
C ARG D 167 -14.43 -17.69 -84.59
N ALA D 168 -15.12 -18.78 -84.37
CA ALA D 168 -15.63 -19.73 -85.37
C ALA D 168 -16.73 -19.10 -86.18
N SER D 169 -17.47 -18.18 -85.53
CA SER D 169 -18.58 -17.52 -86.22
C SER D 169 -18.19 -16.48 -87.29
N GLN D 170 -16.96 -15.99 -87.11
CA GLN D 170 -16.44 -14.88 -87.92
C GLN D 170 -15.98 -15.26 -89.22
N ARG D 171 -15.79 -16.62 -89.44
CA ARG D 171 -15.30 -17.18 -90.68
C ARG D 171 -16.37 -17.13 -91.68
N GLU D 172 -15.91 -17.29 -92.96
CA GLU D 172 -16.74 -17.58 -94.09
C GLU D 172 -17.07 -19.02 -93.94
N VAL D 173 -18.32 -19.35 -94.32
CA VAL D 173 -18.86 -20.57 -94.64
C VAL D 173 -19.41 -20.55 -96.03
N MET D 174 -18.70 -21.40 -96.86
CA MET D 174 -19.14 -21.83 -98.14
C MET D 174 -19.94 -23.04 -98.00
N PHE D 175 -21.16 -22.99 -98.62
CA PHE D 175 -22.12 -24.09 -98.60
C PHE D 175 -21.98 -24.85 -99.81
N SER D 176 -22.68 -26.02 -99.89
CA SER D 176 -22.95 -26.73 -101.16
C SER D 176 -23.71 -25.85 -102.08
N ALA D 177 -23.16 -25.77 -103.39
CA ALA D 177 -23.71 -25.11 -104.44
C ALA D 177 -25.07 -25.68 -104.89
N VAL D 178 -25.96 -24.70 -105.06
CA VAL D 178 -27.06 -24.80 -106.07
C VAL D 178 -26.86 -23.72 -107.01
N ASP D 179 -26.50 -23.96 -108.33
CA ASP D 179 -27.18 -23.53 -109.48
C ASP D 179 -28.09 -24.78 -109.78
N PRO D 180 -29.33 -24.59 -110.19
CA PRO D 180 -30.13 -25.71 -110.64
C PRO D 180 -29.91 -26.01 -112.12
N ASP D 181 -29.21 -25.10 -112.76
CA ASP D 181 -28.63 -25.24 -114.01
C ASP D 181 -27.56 -26.31 -114.21
N LEU D 182 -26.66 -26.42 -113.18
CA LEU D 182 -25.80 -27.58 -113.07
C LEU D 182 -26.33 -28.56 -112.02
N SER D 183 -26.08 -29.85 -112.29
CA SER D 183 -25.99 -30.78 -111.14
C SER D 183 -24.67 -31.50 -111.07
N SER D 184 -23.70 -30.95 -111.88
CA SER D 184 -22.34 -31.41 -111.83
C SER D 184 -21.44 -30.51 -110.99
N SER D 185 -22.02 -29.53 -110.34
CA SER D 185 -21.43 -28.67 -109.34
C SER D 185 -21.34 -29.28 -108.02
N THR D 186 -20.12 -29.18 -107.39
CA THR D 186 -19.92 -29.38 -105.99
C THR D 186 -19.13 -28.23 -105.52
N PHE D 187 -19.66 -27.80 -104.29
CA PHE D 187 -18.82 -27.55 -103.09
C PHE D 187 -19.47 -28.60 -102.26
N LEU D 188 -18.59 -29.29 -101.42
CA LEU D 188 -19.00 -29.98 -100.19
C LEU D 188 -20.10 -29.29 -99.39
N GLU D 189 -20.99 -30.06 -98.69
CA GLU D 189 -21.82 -29.57 -97.66
C GLU D 189 -21.07 -29.52 -96.34
N PRO D 190 -20.95 -28.37 -95.65
CA PRO D 190 -20.40 -28.36 -94.31
C PRO D 190 -21.14 -29.27 -93.39
N GLU D 191 -20.50 -29.71 -92.28
CA GLU D 191 -21.10 -30.39 -91.15
C GLU D 191 -22.31 -29.67 -90.62
N VAL D 192 -22.27 -28.24 -90.58
CA VAL D 192 -23.39 -27.47 -89.92
C VAL D 192 -24.55 -27.68 -90.75
N LEU D 193 -24.36 -27.59 -92.13
CA LEU D 193 -25.39 -27.86 -93.02
C LEU D 193 -25.96 -29.25 -92.99
N ARG D 194 -25.12 -30.27 -92.94
CA ARG D 194 -25.51 -31.68 -92.93
C ARG D 194 -26.28 -31.97 -91.63
N ASP D 195 -25.69 -31.51 -90.47
CA ASP D 195 -26.24 -31.81 -89.14
C ASP D 195 -27.56 -31.13 -89.00
N VAL D 196 -27.67 -29.87 -89.56
CA VAL D 196 -28.90 -29.17 -89.59
C VAL D 196 -29.94 -29.80 -90.51
N ARG D 197 -29.54 -30.30 -91.74
CA ARG D 197 -30.37 -31.09 -92.70
C ARG D 197 -30.91 -32.32 -92.12
N GLU D 198 -30.09 -33.11 -91.27
CA GLU D 198 -30.56 -34.28 -90.60
C GLU D 198 -31.63 -34.08 -89.44
N VAL D 199 -31.40 -33.09 -88.52
CA VAL D 199 -32.31 -32.79 -87.48
C VAL D 199 -33.58 -32.23 -88.05
N CYS D 200 -33.53 -31.37 -89.09
CA CYS D 200 -34.73 -30.87 -89.81
C CYS D 200 -35.46 -32.00 -90.61
N LYS D 201 -34.67 -32.98 -91.19
CA LYS D 201 -35.20 -34.15 -91.89
C LYS D 201 -35.99 -35.14 -91.02
N LEU D 202 -35.38 -35.46 -89.80
CA LEU D 202 -36.08 -36.27 -88.78
C LEU D 202 -37.37 -35.66 -88.35
N ARG D 203 -37.39 -34.27 -88.15
CA ARG D 203 -38.58 -33.59 -87.68
C ARG D 203 -39.58 -33.57 -88.79
N PHE D 204 -39.16 -33.37 -90.08
CA PHE D 204 -40.00 -33.41 -91.28
C PHE D 204 -40.74 -34.74 -91.36
N LYS D 205 -40.04 -35.88 -91.17
CA LYS D 205 -40.64 -37.18 -91.13
C LYS D 205 -41.71 -37.38 -90.07
N PHE D 206 -41.44 -36.89 -88.86
CA PHE D 206 -42.42 -36.85 -87.74
C PHE D 206 -43.58 -35.92 -88.17
N LEU D 207 -43.36 -34.72 -88.72
CA LEU D 207 -44.41 -33.83 -89.06
C LEU D 207 -45.32 -34.48 -90.13
N ARG D 208 -44.70 -35.18 -91.19
CA ARG D 208 -45.23 -35.94 -92.28
C ARG D 208 -46.14 -37.07 -91.74
N SER D 209 -45.73 -37.87 -90.69
CA SER D 209 -46.60 -38.89 -90.00
C SER D 209 -47.81 -38.21 -89.46
N LEU D 210 -47.67 -37.00 -88.83
CA LEU D 210 -48.92 -36.22 -88.41
C LEU D 210 -49.72 -35.85 -89.57
N HIS D 211 -49.15 -35.48 -90.70
CA HIS D 211 -49.81 -35.07 -91.89
C HIS D 211 -50.65 -36.22 -92.53
N ASP D 212 -50.04 -37.38 -92.64
CA ASP D 212 -50.48 -38.61 -93.26
C ASP D 212 -51.71 -39.15 -92.54
N ASP D 213 -51.68 -38.97 -91.23
CA ASP D 213 -52.82 -39.20 -90.34
C ASP D 213 -54.07 -38.31 -90.48
N SER D 214 -53.79 -37.06 -90.83
CA SER D 214 -54.71 -35.94 -90.98
C SER D 214 -55.54 -36.13 -92.23
N ILE D 215 -54.92 -36.79 -93.30
CA ILE D 215 -55.68 -37.09 -94.52
C ILE D 215 -56.52 -38.33 -94.34
N SER D 216 -55.93 -39.38 -93.72
CA SER D 216 -56.63 -40.60 -93.42
C SER D 216 -57.59 -40.45 -92.21
N SER D 217 -58.20 -39.26 -92.07
CA SER D 217 -58.60 -38.51 -90.87
C SER D 217 -58.78 -39.25 -89.60
N SER D 218 -57.85 -39.06 -88.59
CA SER D 218 -57.89 -39.45 -87.17
C SER D 218 -56.42 -39.55 -86.82
N VAL D 219 -56.06 -39.17 -85.56
CA VAL D 219 -54.96 -39.85 -84.84
C VAL D 219 -55.54 -41.07 -84.19
N HIS D 220 -55.15 -42.26 -84.71
CA HIS D 220 -55.14 -43.48 -84.05
C HIS D 220 -54.25 -43.54 -82.74
N PRO D 221 -54.66 -44.09 -81.57
CA PRO D 221 -53.69 -44.52 -80.56
C PRO D 221 -52.46 -45.17 -80.94
N GLY D 222 -51.34 -44.86 -80.22
CA GLY D 222 -50.37 -45.91 -79.82
C GLY D 222 -49.09 -45.51 -80.39
N LYS D 223 -49.12 -44.47 -81.30
CA LYS D 223 -47.94 -44.03 -82.02
C LYS D 223 -47.40 -42.85 -81.25
N GLU D 224 -48.09 -42.56 -80.12
CA GLU D 224 -47.88 -41.37 -79.34
C GLU D 224 -46.61 -41.62 -78.58
N ASP D 225 -46.39 -42.81 -77.93
CA ASP D 225 -45.12 -43.19 -77.21
C ASP D 225 -43.95 -43.16 -78.23
N LEU D 226 -44.09 -43.60 -79.53
CA LEU D 226 -42.99 -43.76 -80.46
C LEU D 226 -42.65 -42.37 -80.81
N ARG D 227 -43.66 -41.49 -80.69
CA ARG D 227 -43.54 -40.11 -81.08
C ARG D 227 -42.76 -39.34 -80.08
N SER D 228 -42.94 -39.66 -78.75
CA SER D 228 -42.20 -39.00 -77.68
C SER D 228 -40.75 -39.25 -77.82
N LEU D 229 -40.40 -40.48 -78.05
CA LEU D 229 -39.10 -40.94 -78.32
C LEU D 229 -38.37 -40.37 -79.54
N SER D 230 -39.02 -40.16 -80.70
CA SER D 230 -38.49 -39.40 -81.82
C SER D 230 -38.29 -37.93 -81.49
N HIS D 231 -39.23 -37.37 -80.65
CA HIS D 231 -39.05 -36.04 -80.16
C HIS D 231 -37.77 -35.92 -79.31
N GLN D 232 -37.46 -36.89 -78.45
CA GLN D 232 -36.24 -36.96 -77.62
C GLN D 232 -34.97 -37.09 -78.44
N GLN D 233 -35.03 -37.94 -79.46
CA GLN D 233 -33.95 -38.00 -80.40
C GLN D 233 -33.72 -36.68 -81.09
N TRP D 234 -34.82 -35.91 -81.41
CA TRP D 234 -34.84 -34.70 -82.19
C TRP D 234 -34.16 -33.69 -81.33
N MET D 235 -34.51 -33.74 -80.03
CA MET D 235 -33.98 -32.80 -78.99
C MET D 235 -32.49 -33.02 -78.88
N SER D 236 -32.10 -34.33 -78.86
CA SER D 236 -30.72 -34.70 -78.71
C SER D 236 -29.82 -34.28 -79.85
N MET D 237 -30.28 -34.42 -81.10
CA MET D 237 -29.58 -34.00 -82.30
C MET D 237 -29.57 -32.46 -82.27
N ALA D 238 -30.64 -31.83 -81.84
CA ALA D 238 -30.83 -30.41 -81.64
C ALA D 238 -29.93 -29.77 -80.59
N GLU D 239 -29.78 -30.37 -79.43
CA GLU D 239 -28.89 -29.94 -78.34
C GLU D 239 -27.44 -30.03 -78.82
N LYS D 240 -27.08 -31.12 -79.54
CA LYS D 240 -25.82 -31.26 -80.20
C LYS D 240 -25.45 -30.23 -81.25
N VAL D 241 -26.41 -29.79 -82.14
CA VAL D 241 -26.28 -28.83 -83.18
C VAL D 241 -25.99 -27.42 -82.52
N TRP D 242 -26.77 -27.01 -81.42
CA TRP D 242 -26.52 -25.77 -80.74
C TRP D 242 -25.28 -25.64 -79.99
N ASN D 243 -24.67 -26.75 -79.45
CA ASN D 243 -23.44 -26.71 -78.67
C ASN D 243 -22.18 -26.82 -79.40
N THR D 244 -22.15 -27.53 -80.55
CA THR D 244 -21.02 -27.80 -81.38
C THR D 244 -20.86 -26.68 -82.38
N HIS D 245 -21.95 -26.06 -82.84
CA HIS D 245 -21.79 -25.15 -83.94
C HIS D 245 -22.11 -23.82 -83.40
N THR D 246 -21.58 -22.76 -84.03
CA THR D 246 -21.85 -21.43 -83.52
C THR D 246 -23.20 -21.00 -84.05
N PRO D 247 -23.98 -20.20 -83.38
CA PRO D 247 -25.26 -19.76 -83.76
C PRO D 247 -25.37 -19.07 -85.11
N ASN D 248 -24.41 -18.17 -85.44
CA ASN D 248 -24.39 -17.51 -86.80
C ASN D 248 -24.27 -18.54 -87.93
N HIS D 249 -23.43 -19.63 -87.74
CA HIS D 249 -23.30 -20.66 -88.75
C HIS D 249 -24.53 -21.43 -88.92
N ILE D 250 -25.23 -21.84 -87.87
CA ILE D 250 -26.49 -22.53 -87.97
C ILE D 250 -27.57 -21.77 -88.71
N LEU D 251 -27.69 -20.48 -88.34
CA LEU D 251 -28.63 -19.52 -88.85
C LEU D 251 -28.46 -19.33 -90.29
N ALA D 252 -27.18 -19.18 -90.62
CA ALA D 252 -26.80 -19.21 -91.99
C ALA D 252 -27.13 -20.50 -92.76
N ALA D 253 -26.86 -21.73 -92.13
CA ALA D 253 -27.18 -23.01 -92.72
C ALA D 253 -28.64 -23.09 -93.00
N LEU D 254 -29.38 -22.61 -92.09
CA LEU D 254 -30.88 -22.48 -92.22
C LEU D 254 -31.37 -21.53 -93.23
N GLU D 255 -30.67 -20.42 -93.40
CA GLU D 255 -30.93 -19.52 -94.42
C GLU D 255 -30.79 -20.10 -95.76
N ARG D 256 -29.63 -20.86 -95.94
CA ARG D 256 -29.37 -21.62 -97.16
C ARG D 256 -30.43 -22.67 -97.40
N LEU D 257 -30.84 -23.42 -96.34
CA LEU D 257 -31.82 -24.48 -96.36
C LEU D 257 -33.17 -23.99 -96.90
N THR D 258 -33.52 -22.72 -96.49
CA THR D 258 -34.68 -22.04 -96.95
C THR D 258 -34.58 -21.77 -98.39
N LEU D 259 -33.37 -21.31 -98.82
CA LEU D 259 -33.16 -21.02 -100.20
C LEU D 259 -33.25 -22.21 -101.14
N ASN D 260 -32.68 -23.40 -100.79
CA ASN D 260 -32.71 -24.56 -101.56
C ASN D 260 -34.13 -25.02 -101.74
N SER D 261 -34.91 -25.02 -100.60
CA SER D 261 -36.25 -25.48 -100.62
C SER D 261 -37.11 -24.61 -101.50
N THR D 262 -36.81 -23.28 -101.47
CA THR D 262 -37.44 -22.26 -102.28
C THR D 262 -37.09 -22.49 -103.73
N GLN D 263 -35.90 -22.87 -104.10
CA GLN D 263 -35.46 -23.07 -105.44
C GLN D 263 -36.26 -24.22 -106.03
N GLU D 264 -36.51 -25.25 -105.21
CA GLU D 264 -37.36 -26.39 -105.67
C GLU D 264 -38.74 -25.86 -106.07
N LEU D 265 -39.25 -24.80 -105.37
CA LEU D 265 -40.49 -24.15 -105.61
C LEU D 265 -40.50 -23.38 -106.88
N LYS D 266 -39.29 -22.75 -107.20
CA LYS D 266 -39.03 -21.84 -108.34
C LYS D 266 -39.03 -22.63 -109.57
N LYS D 267 -38.54 -23.86 -109.62
CA LYS D 267 -38.51 -24.76 -110.85
C LYS D 267 -39.92 -25.15 -111.30
N LEU D 268 -40.79 -25.40 -110.27
CA LEU D 268 -42.24 -25.71 -110.42
C LEU D 268 -43.06 -24.50 -110.89
N GLN D 269 -42.66 -23.31 -110.44
CA GLN D 269 -43.13 -21.98 -110.84
C GLN D 269 -42.83 -21.62 -112.25
N PHE D 270 -41.62 -21.90 -112.78
CA PHE D 270 -41.28 -21.55 -114.07
C PHE D 270 -41.85 -22.37 -115.13
N SER D 271 -41.85 -23.72 -114.92
CA SER D 271 -42.45 -24.62 -115.89
C SER D 271 -43.95 -24.49 -116.18
N GLN D 272 -44.61 -24.12 -115.08
CA GLN D 272 -46.07 -24.02 -114.96
C GLN D 272 -46.59 -22.65 -115.43
N ALA D 273 -45.76 -21.54 -115.24
CA ALA D 273 -46.01 -20.18 -115.63
C ALA D 273 -46.18 -20.06 -117.07
N ALA D 274 -45.39 -20.77 -117.90
CA ALA D 274 -45.45 -20.71 -119.28
C ALA D 274 -46.76 -21.08 -119.97
N ASP D 275 -47.45 -21.94 -119.26
CA ASP D 275 -48.68 -22.66 -119.76
C ASP D 275 -49.88 -21.75 -119.72
N LEU D 276 -49.84 -20.73 -118.79
CA LEU D 276 -50.93 -19.90 -118.33
C LEU D 276 -51.41 -18.91 -119.35
N SER D 277 -50.58 -18.33 -120.30
CA SER D 277 -50.94 -17.61 -121.47
C SER D 277 -51.86 -18.46 -122.44
N LYS D 278 -51.49 -19.78 -122.51
CA LYS D 278 -52.32 -20.82 -123.09
C LYS D 278 -53.34 -21.38 -122.12
N GLY D 279 -54.20 -22.31 -122.72
CA GLY D 279 -54.79 -23.53 -122.28
C GLY D 279 -54.32 -24.06 -120.91
N PRO D 280 -55.10 -24.40 -119.88
CA PRO D 280 -54.60 -25.03 -118.66
C PRO D 280 -54.38 -26.53 -118.91
N SER D 281 -54.54 -27.13 -120.05
CA SER D 281 -54.42 -28.50 -120.41
C SER D 281 -53.03 -28.75 -121.00
N CYS D 282 -52.10 -27.79 -120.86
CA CYS D 282 -50.71 -28.06 -121.10
C CYS D 282 -50.10 -28.45 -119.80
N GLN D 283 -50.85 -28.96 -118.84
CA GLN D 283 -50.45 -29.35 -117.48
C GLN D 283 -50.73 -30.80 -117.36
N LEU D 284 -51.11 -31.40 -118.53
CA LEU D 284 -51.38 -32.84 -118.76
C LEU D 284 -50.17 -33.35 -119.54
N LYS D 285 -49.01 -32.69 -119.30
CA LYS D 285 -47.66 -32.96 -119.92
C LYS D 285 -46.66 -33.25 -118.86
N GLU D 286 -47.11 -33.42 -117.54
CA GLU D 286 -46.09 -33.14 -116.52
C GLU D 286 -46.37 -34.01 -115.30
N PHE D 287 -47.67 -34.41 -115.07
CA PHE D 287 -48.05 -35.25 -113.96
C PHE D 287 -48.96 -36.28 -114.55
N SER D 288 -49.12 -36.14 -115.86
CA SER D 288 -49.90 -37.00 -116.71
C SER D 288 -49.13 -37.37 -117.98
N LEU D 405 -72.91 -45.53 -117.18
CA LEU D 405 -71.40 -45.36 -117.08
C LEU D 405 -70.92 -43.92 -116.81
N LEU D 406 -71.70 -42.90 -117.40
CA LEU D 406 -71.40 -41.49 -117.28
C LEU D 406 -71.77 -41.07 -115.86
N GLN D 407 -72.81 -41.65 -115.24
CA GLN D 407 -73.22 -41.40 -113.92
C GLN D 407 -72.11 -41.82 -112.93
N GLN D 408 -71.51 -43.06 -113.11
CA GLN D 408 -70.39 -43.55 -112.34
C GLN D 408 -69.19 -42.54 -112.42
N GLN D 409 -68.91 -42.00 -113.61
CA GLN D 409 -67.84 -41.00 -113.77
C GLN D 409 -68.05 -39.70 -112.96
N GLN D 410 -69.34 -39.29 -112.81
CA GLN D 410 -69.76 -38.14 -112.20
C GLN D 410 -69.44 -38.23 -110.73
N GLN D 411 -69.71 -39.44 -110.08
CA GLN D 411 -69.44 -39.64 -108.67
C GLN D 411 -67.99 -39.49 -108.37
N ASN D 412 -67.09 -40.15 -109.21
CA ASN D 412 -65.62 -40.18 -109.19
C ASN D 412 -65.12 -38.76 -109.21
N ILE D 413 -65.72 -37.82 -109.98
CA ILE D 413 -65.38 -36.40 -109.96
C ILE D 413 -65.84 -35.87 -108.62
N GLN D 414 -66.93 -36.34 -107.94
CA GLN D 414 -67.35 -35.63 -106.68
C GLN D 414 -66.38 -35.89 -105.51
N GLU D 415 -66.04 -37.20 -105.26
CA GLU D 415 -65.14 -37.78 -104.31
C GLU D 415 -63.74 -37.24 -104.40
N ALA D 416 -63.31 -37.03 -105.74
CA ALA D 416 -62.04 -36.38 -106.08
C ALA D 416 -61.99 -34.94 -105.57
N CYS D 417 -63.12 -34.13 -105.55
CA CYS D 417 -63.21 -32.76 -105.08
C CYS D 417 -62.99 -32.67 -103.59
N LEU D 418 -63.54 -33.75 -102.89
CA LEU D 418 -63.44 -33.96 -101.46
C LEU D 418 -62.06 -34.15 -100.99
N LEU D 419 -61.32 -34.92 -101.75
CA LEU D 419 -59.94 -35.16 -101.61
C LEU D 419 -59.05 -33.91 -101.70
N LEU D 420 -59.36 -33.04 -102.69
CA LEU D 420 -58.74 -31.79 -102.81
C LEU D 420 -59.12 -30.92 -101.65
N ASP D 421 -60.32 -31.02 -101.05
CA ASP D 421 -60.69 -30.16 -99.99
C ASP D 421 -59.88 -30.48 -98.76
N LYS D 422 -59.74 -31.75 -98.46
CA LYS D 422 -58.91 -32.22 -97.33
C LYS D 422 -57.49 -31.78 -97.44
N LYS D 423 -56.79 -31.90 -98.59
CA LYS D 423 -55.42 -31.34 -98.76
C LYS D 423 -55.30 -29.84 -98.64
N GLN D 424 -56.32 -29.12 -99.11
CA GLN D 424 -56.32 -27.66 -99.03
C GLN D 424 -56.33 -27.25 -97.61
N LYS D 425 -57.16 -27.94 -96.76
CA LYS D 425 -57.26 -27.68 -95.35
C LYS D 425 -56.05 -27.88 -94.55
N HIS D 426 -55.25 -28.91 -94.90
CA HIS D 426 -54.01 -29.22 -94.30
C HIS D 426 -53.06 -28.11 -94.54
N ILE D 427 -53.06 -27.56 -95.78
CA ILE D 427 -52.21 -26.45 -96.07
C ILE D 427 -52.65 -25.31 -95.16
N GLN D 428 -53.95 -25.07 -94.86
CA GLN D 428 -54.36 -23.86 -94.14
C GLN D 428 -53.84 -23.88 -92.71
N ILE D 429 -53.88 -25.00 -92.02
CA ILE D 429 -53.40 -25.18 -90.64
C ILE D 429 -51.93 -25.00 -90.64
N LEU D 430 -51.16 -25.56 -91.69
CA LEU D 430 -49.64 -25.52 -91.80
C LEU D 430 -49.12 -24.12 -92.02
N ILE D 431 -49.74 -23.35 -92.94
CA ILE D 431 -49.43 -21.94 -93.13
C ILE D 431 -49.64 -21.10 -91.89
N LYS D 432 -50.84 -21.27 -91.21
CA LYS D 432 -51.21 -20.50 -90.01
C LYS D 432 -50.11 -20.99 -88.91
N GLY D 433 -49.70 -22.30 -88.89
CA GLY D 433 -48.76 -22.80 -87.90
C GLY D 433 -47.39 -22.25 -87.97
N ASN D 434 -46.89 -22.03 -89.20
CA ASN D 434 -45.62 -21.40 -89.46
C ASN D 434 -45.64 -19.86 -89.17
N SER D 435 -46.77 -19.26 -89.45
CA SER D 435 -46.98 -17.82 -89.19
C SER D 435 -46.89 -17.52 -87.67
N SER D 436 -47.38 -18.38 -86.83
CA SER D 436 -47.25 -18.24 -85.37
C SER D 436 -45.86 -18.50 -84.90
N SER D 437 -45.17 -19.53 -85.50
CA SER D 437 -43.84 -19.88 -85.22
C SER D 437 -42.75 -18.88 -85.51
N LYS D 438 -42.85 -18.24 -86.72
CA LYS D 438 -42.09 -17.09 -87.13
C LYS D 438 -42.22 -15.89 -86.21
N SER D 439 -43.43 -15.57 -85.78
CA SER D 439 -43.66 -14.48 -84.88
C SER D 439 -43.10 -14.61 -83.53
N GLN D 440 -43.20 -15.87 -83.05
CA GLN D 440 -42.82 -16.33 -81.77
C GLN D 440 -41.31 -16.25 -81.65
N ILE D 441 -40.52 -16.56 -82.73
CA ILE D 441 -39.07 -16.35 -82.84
C ILE D 441 -38.70 -14.89 -82.63
N ARG D 442 -39.50 -13.96 -83.28
CA ARG D 442 -39.26 -12.54 -83.08
C ARG D 442 -39.43 -12.03 -81.72
N ARG D 443 -40.47 -12.50 -81.02
CA ARG D 443 -40.75 -12.15 -79.59
C ARG D 443 -39.62 -12.65 -78.71
N SER D 444 -39.16 -13.90 -78.99
CA SER D 444 -38.14 -14.61 -78.17
C SER D 444 -36.77 -13.84 -78.22
N SER D 445 -36.38 -13.29 -79.41
CA SER D 445 -35.25 -12.43 -79.59
C SER D 445 -35.38 -11.14 -78.79
N VAL D 446 -36.54 -10.46 -78.71
CA VAL D 446 -36.58 -9.16 -78.09
C VAL D 446 -36.50 -9.36 -76.62
N GLU D 447 -37.21 -10.41 -76.11
CA GLU D 447 -37.29 -10.82 -74.77
C GLU D 447 -35.93 -11.19 -74.23
N ALA D 448 -35.12 -11.96 -75.02
CA ALA D 448 -33.74 -12.31 -74.73
C ALA D 448 -32.74 -11.16 -74.66
N GLN D 449 -32.92 -10.19 -75.57
CA GLN D 449 -32.15 -9.02 -75.64
C GLN D 449 -32.40 -8.09 -74.46
N LYS D 450 -33.69 -7.97 -74.04
CA LYS D 450 -34.00 -7.19 -72.94
C LYS D 450 -33.39 -7.70 -71.67
N TYR D 451 -33.35 -9.03 -71.54
CA TYR D 451 -32.80 -9.74 -70.40
C TYR D 451 -31.35 -9.52 -70.34
N VAL D 452 -30.63 -9.55 -71.53
CA VAL D 452 -29.15 -9.38 -71.60
C VAL D 452 -28.80 -7.98 -71.09
N GLN D 453 -29.61 -7.02 -71.51
CA GLN D 453 -29.45 -5.60 -71.22
C GLN D 453 -29.78 -5.19 -69.83
N ASP D 454 -30.84 -5.83 -69.29
CA ASP D 454 -31.53 -5.42 -68.05
C ASP D 454 -30.85 -6.18 -66.90
N LYS D 455 -30.32 -7.39 -67.15
CA LYS D 455 -29.97 -8.27 -66.09
C LYS D 455 -28.48 -8.46 -65.91
N LEU D 456 -27.77 -8.40 -67.08
CA LEU D 456 -26.37 -8.82 -66.99
C LEU D 456 -25.60 -7.53 -66.86
N LEU D 457 -25.99 -6.49 -67.61
CA LEU D 457 -25.24 -5.21 -67.66
C LEU D 457 -25.11 -4.45 -66.39
N PRO D 458 -26.02 -4.51 -65.38
CA PRO D 458 -25.76 -3.75 -64.18
C PRO D 458 -24.78 -4.36 -63.29
N TRP D 459 -24.37 -5.64 -63.51
CA TRP D 459 -23.59 -6.35 -62.54
C TRP D 459 -22.15 -5.81 -62.30
N PRO D 460 -21.32 -5.45 -63.30
CA PRO D 460 -19.88 -5.09 -63.20
C PRO D 460 -19.67 -3.93 -62.26
N GLN D 461 -20.62 -2.93 -62.18
CA GLN D 461 -20.38 -1.79 -61.36
C GLN D 461 -20.45 -2.18 -59.94
N GLU D 462 -21.37 -3.14 -59.63
CA GLU D 462 -21.56 -3.59 -58.31
C GLU D 462 -20.31 -4.38 -57.89
N ILE D 463 -19.68 -5.18 -58.75
CA ILE D 463 -18.47 -5.95 -58.52
C ILE D 463 -17.27 -5.12 -58.30
N ILE D 464 -17.15 -3.96 -59.01
CA ILE D 464 -16.13 -2.90 -58.90
C ILE D 464 -16.15 -2.29 -57.52
N GLN D 465 -17.44 -2.03 -56.98
CA GLN D 465 -17.69 -1.44 -55.62
C GLN D 465 -17.23 -2.29 -54.50
N GLU D 466 -17.54 -3.58 -54.58
CA GLU D 466 -17.26 -4.62 -53.68
C GLU D 466 -15.78 -5.00 -53.78
N SER D 467 -15.20 -4.99 -54.97
CA SER D 467 -13.84 -5.27 -55.18
C SER D 467 -12.87 -4.21 -54.48
N GLN D 468 -13.17 -2.92 -54.45
CA GLN D 468 -12.42 -1.82 -53.94
C GLN D 468 -12.31 -1.88 -52.45
N ARG D 469 -13.43 -2.40 -51.83
CA ARG D 469 -13.51 -2.55 -50.41
C ARG D 469 -12.55 -3.57 -49.85
N LEU D 470 -12.26 -4.68 -50.61
CA LEU D 470 -11.54 -5.78 -50.13
C LEU D 470 -10.19 -5.70 -50.62
N GLN D 471 -9.91 -4.60 -51.33
CA GLN D 471 -8.63 -4.13 -51.69
C GLN D 471 -8.09 -3.40 -50.51
N ASP D 472 -6.97 -3.99 -50.06
CA ASP D 472 -6.13 -3.60 -48.97
C ASP D 472 -6.84 -4.04 -47.69
N SER D 473 -7.74 -5.05 -47.63
CA SER D 473 -8.23 -5.51 -46.30
C SER D 473 -7.06 -5.92 -45.39
N ILE D 474 -6.10 -6.66 -45.91
CA ILE D 474 -5.06 -7.17 -45.12
C ILE D 474 -4.26 -6.03 -44.60
N GLN D 475 -3.95 -5.03 -45.45
CA GLN D 475 -3.16 -3.86 -45.07
C GLN D 475 -3.99 -3.00 -44.02
N LYS D 476 -5.36 -2.78 -44.14
CA LYS D 476 -6.02 -1.92 -43.11
C LYS D 476 -5.99 -2.56 -41.79
N GLU D 477 -6.19 -3.89 -41.83
CA GLU D 477 -6.30 -4.61 -40.61
C GLU D 477 -5.05 -4.77 -39.77
N VAL D 478 -3.94 -5.09 -40.52
CA VAL D 478 -2.58 -5.33 -40.03
C VAL D 478 -2.03 -4.04 -39.53
N LYS D 479 -2.38 -2.91 -40.22
CA LYS D 479 -2.01 -1.59 -39.71
C LYS D 479 -2.62 -1.29 -38.37
N HIS D 480 -3.88 -1.58 -38.10
CA HIS D 480 -4.53 -1.33 -36.80
C HIS D 480 -3.95 -2.28 -35.76
N PHE D 481 -3.55 -3.48 -36.13
CA PHE D 481 -3.14 -4.52 -35.23
C PHE D 481 -1.76 -4.21 -34.69
N SER D 482 -0.86 -3.62 -35.53
CA SER D 482 0.49 -3.32 -35.13
C SER D 482 0.47 -2.21 -33.99
N ALA D 483 -0.67 -1.39 -33.82
CA ALA D 483 -0.92 -0.27 -32.89
C ALA D 483 -1.55 -0.83 -31.61
N ILE D 484 -2.04 -2.13 -31.67
CA ILE D 484 -2.91 -2.63 -30.66
C ILE D 484 -2.12 -3.10 -29.37
N CYS D 485 -2.74 -3.43 -28.22
CA CYS D 485 -2.03 -3.83 -27.02
C CYS D 485 -2.57 -5.19 -26.65
N LEU D 486 -1.70 -6.17 -26.54
CA LEU D 486 -2.14 -7.53 -26.41
C LEU D 486 -2.75 -7.74 -25.05
N PRO D 487 -2.32 -7.26 -23.90
CA PRO D 487 -3.07 -7.46 -22.69
C PRO D 487 -4.44 -6.78 -22.58
N ALA D 488 -4.58 -5.70 -23.37
CA ALA D 488 -5.90 -5.07 -23.46
C ALA D 488 -6.86 -5.93 -24.21
N LEU D 489 -6.39 -7.01 -24.90
CA LEU D 489 -7.29 -7.83 -25.71
C LEU D 489 -7.74 -8.95 -24.87
N LEU D 490 -6.99 -9.15 -23.79
CA LEU D 490 -7.14 -10.15 -22.75
C LEU D 490 -8.20 -9.63 -21.80
N LYS D 491 -9.29 -10.35 -21.88
CA LYS D 491 -10.51 -9.88 -21.19
C LYS D 491 -10.79 -10.73 -19.95
N VAL D 492 -11.03 -10.12 -18.81
CA VAL D 492 -11.59 -10.88 -17.70
C VAL D 492 -12.90 -10.31 -17.29
N SER D 493 -13.76 -11.28 -16.88
CA SER D 493 -15.07 -11.08 -16.37
C SER D 493 -15.03 -11.21 -14.84
N THR D 494 -15.43 -10.16 -14.00
CA THR D 494 -15.42 -10.25 -12.62
C THR D 494 -16.89 -10.33 -12.15
N ASP D 495 -17.91 -10.11 -12.98
CA ASP D 495 -19.30 -10.30 -12.61
C ASP D 495 -19.93 -11.61 -13.08
N GLY D 496 -19.22 -12.42 -13.95
CA GLY D 496 -19.93 -13.50 -14.59
C GLY D 496 -20.55 -13.05 -15.95
N PHE D 497 -20.46 -11.73 -16.26
CA PHE D 497 -21.22 -11.08 -17.28
C PHE D 497 -20.11 -10.22 -17.96
N ASN D 498 -19.83 -9.02 -17.42
CA ASN D 498 -18.98 -7.91 -17.80
C ASN D 498 -17.55 -8.26 -18.09
N LEU D 499 -17.12 -8.20 -19.38
CA LEU D 499 -15.75 -8.34 -19.78
C LEU D 499 -15.12 -6.96 -19.68
N LEU D 500 -14.13 -6.83 -18.78
CA LEU D 500 -13.23 -5.66 -18.71
C LEU D 500 -11.87 -6.06 -19.06
N PRO D 501 -11.05 -5.15 -19.67
CA PRO D 501 -9.68 -5.51 -20.02
C PRO D 501 -8.87 -5.82 -18.78
N SER D 502 -8.10 -6.93 -18.69
CA SER D 502 -7.35 -7.32 -17.55
C SER D 502 -6.41 -6.24 -16.92
N ARG D 503 -5.89 -5.34 -17.80
CA ARG D 503 -4.93 -4.28 -17.52
C ARG D 503 -5.55 -3.19 -16.70
N GLU D 504 -6.91 -3.13 -16.71
CA GLU D 504 -7.68 -2.14 -16.11
C GLU D 504 -8.10 -2.50 -14.72
N LEU D 505 -7.84 -3.82 -14.28
CA LEU D 505 -7.89 -4.20 -12.91
C LEU D 505 -6.87 -3.51 -12.11
N SER D 506 -7.21 -3.18 -10.82
CA SER D 506 -6.25 -2.45 -9.93
C SER D 506 -5.15 -3.25 -9.43
N ILE D 507 -5.30 -4.57 -9.51
CA ILE D 507 -4.34 -5.61 -9.01
C ILE D 507 -3.19 -5.80 -9.98
N ASN D 508 -3.39 -5.41 -11.28
CA ASN D 508 -2.36 -5.74 -12.25
C ASN D 508 -1.47 -4.57 -12.59
N ARG D 509 -1.65 -3.44 -11.94
CA ARG D 509 -0.97 -2.26 -12.33
C ARG D 509 0.53 -2.34 -11.90
N MET D 510 0.89 -3.06 -10.79
CA MET D 510 2.17 -3.10 -10.29
C MET D 510 2.89 -4.38 -10.73
N SER D 511 2.14 -5.33 -11.39
CA SER D 511 2.80 -6.56 -11.82
C SER D 511 3.60 -6.23 -13.15
N ASN D 512 2.98 -5.24 -13.93
CA ASN D 512 3.37 -4.90 -15.19
C ASN D 512 4.17 -3.63 -15.08
N THR D 513 5.39 -3.66 -15.66
CA THR D 513 6.31 -2.55 -15.56
C THR D 513 6.10 -1.57 -16.66
N HIS D 514 5.32 -2.06 -17.72
CA HIS D 514 5.11 -1.35 -18.94
C HIS D 514 3.69 -0.72 -18.94
N ALA D 515 3.01 -0.79 -17.81
CA ALA D 515 1.75 -0.18 -17.64
C ALA D 515 1.92 1.29 -17.39
N PRO D 516 1.05 2.15 -17.74
CA PRO D 516 1.12 3.58 -17.54
C PRO D 516 0.78 4.04 -16.11
N TYR D 517 0.25 3.05 -15.30
CA TYR D 517 -0.24 3.30 -13.95
C TYR D 517 0.79 2.83 -13.02
N TYR D 518 1.95 2.45 -13.58
CA TYR D 518 3.07 1.83 -12.96
C TYR D 518 3.68 2.88 -12.02
N GLY D 519 3.87 4.06 -12.67
CA GLY D 519 4.39 5.27 -12.04
C GLY D 519 3.51 5.77 -10.93
N ILE D 520 2.11 5.69 -11.09
CA ILE D 520 1.09 6.19 -10.11
C ILE D 520 1.13 5.33 -8.84
N PHE D 521 1.19 4.05 -9.03
CA PHE D 521 1.10 2.99 -8.02
C PHE D 521 2.33 2.67 -7.36
N LYS D 522 3.52 2.90 -7.97
CA LYS D 522 4.81 2.93 -7.29
C LYS D 522 4.89 4.06 -6.31
N GLY D 523 4.35 5.22 -6.77
CA GLY D 523 4.28 6.37 -5.94
C GLY D 523 3.38 6.20 -4.77
N ILE D 524 2.24 5.47 -4.86
CA ILE D 524 1.30 5.12 -3.82
C ILE D 524 2.04 4.27 -2.88
N TYR D 525 2.87 3.27 -3.27
CA TYR D 525 3.65 2.50 -2.35
C TYR D 525 4.62 3.29 -1.52
N GLU D 526 5.42 4.26 -2.02
CA GLU D 526 6.33 4.97 -1.17
C GLU D 526 5.70 5.96 -0.23
N SER D 527 4.52 6.52 -0.66
CA SER D 527 3.79 7.49 0.08
C SER D 527 3.11 6.97 1.35
N VAL D 528 2.60 5.71 1.28
CA VAL D 528 1.91 5.03 2.39
C VAL D 528 2.94 4.20 3.12
N ARG D 529 4.21 4.21 2.64
CA ARG D 529 5.33 3.55 3.27
C ARG D 529 5.07 2.05 3.36
N LEU D 530 5.10 1.33 2.17
CA LEU D 530 4.86 -0.06 2.00
C LEU D 530 5.99 -0.66 1.19
N PRO D 531 6.62 -1.82 1.60
CA PRO D 531 7.72 -2.57 0.92
C PRO D 531 7.44 -2.88 -0.51
N LEU D 532 8.49 -3.16 -1.38
CA LEU D 532 8.43 -3.35 -2.83
C LEU D 532 8.09 -4.79 -3.05
N TYR D 533 7.22 -5.49 -2.29
CA TYR D 533 6.85 -6.90 -2.60
C TYR D 533 5.50 -7.27 -1.99
N LYS D 534 5.14 -6.40 -1.05
CA LYS D 534 3.86 -6.46 -0.40
C LYS D 534 2.59 -6.38 -1.17
N ALA D 535 1.64 -7.28 -0.88
CA ALA D 535 0.43 -7.52 -1.59
C ALA D 535 -0.36 -6.22 -1.86
N PRO D 536 -1.06 -5.94 -3.03
CA PRO D 536 -1.72 -4.65 -3.36
C PRO D 536 -2.80 -4.30 -2.30
N GLU D 537 -3.34 -5.36 -1.61
CA GLU D 537 -4.47 -5.25 -0.74
C GLU D 537 -4.21 -4.62 0.60
N SER D 538 -2.87 -4.39 0.93
CA SER D 538 -2.42 -3.94 2.21
C SER D 538 -2.31 -2.47 2.13
N VAL D 539 -2.41 -1.80 0.95
CA VAL D 539 -2.24 -0.34 0.91
C VAL D 539 -3.38 0.21 1.71
N LEU D 540 -4.67 -0.26 1.47
CA LEU D 540 -5.79 0.39 2.11
C LEU D 540 -5.86 0.17 3.62
N SER D 541 -5.60 -1.06 4.12
CA SER D 541 -5.52 -1.39 5.52
C SER D 541 -4.43 -0.58 6.25
N HIS D 542 -3.28 -0.41 5.52
CA HIS D 542 -2.06 0.35 5.99
C HIS D 542 -2.44 1.78 6.19
N VAL D 543 -3.16 2.41 5.32
CA VAL D 543 -3.67 3.82 5.49
C VAL D 543 -4.60 4.07 6.66
N ALA D 544 -5.50 3.13 6.98
CA ALA D 544 -6.27 3.11 8.16
C ALA D 544 -5.37 3.00 9.35
N ASP D 545 -4.30 2.18 9.39
CA ASP D 545 -3.31 1.98 10.42
C ASP D 545 -2.52 3.23 10.65
N MET D 546 -2.14 4.01 9.59
CA MET D 546 -1.50 5.27 9.54
C MET D 546 -2.30 6.34 10.22
N LYS D 547 -3.62 6.37 9.98
CA LYS D 547 -4.60 7.26 10.65
C LYS D 547 -4.68 6.92 12.15
N LYS D 548 -4.74 5.63 12.47
CA LYS D 548 -4.67 5.18 13.84
C LYS D 548 -3.45 5.59 14.56
N GLN D 549 -2.28 5.47 13.83
CA GLN D 549 -0.95 5.67 14.36
C GLN D 549 -0.76 7.09 14.78
N LEU D 550 -1.31 8.01 13.91
CA LEU D 550 -1.36 9.40 14.16
C LEU D 550 -2.15 9.73 15.41
N PHE D 551 -3.36 9.13 15.62
CA PHE D 551 -4.25 9.49 16.73
C PHE D 551 -3.43 9.13 18.00
N PHE D 552 -2.64 8.02 18.00
CA PHE D 552 -1.81 7.57 19.08
C PHE D 552 -0.74 8.52 19.43
N LEU D 553 0.01 9.11 18.41
CA LEU D 553 1.02 10.12 18.63
C LEU D 553 0.50 11.33 19.12
N ARG D 554 -0.71 11.70 18.62
CA ARG D 554 -1.39 12.89 19.04
C ARG D 554 -1.78 12.96 20.47
N SER D 555 -2.38 11.81 21.03
CA SER D 555 -2.76 11.62 22.38
C SER D 555 -1.52 11.61 23.24
N GLN D 556 -0.36 10.96 22.93
CA GLN D 556 0.78 10.90 23.78
C GLN D 556 1.35 12.25 23.93
N LEU D 557 1.43 13.07 22.90
CA LEU D 557 1.83 14.43 22.94
C LEU D 557 0.95 15.33 23.81
N SER D 558 -0.38 15.15 23.67
CA SER D 558 -1.33 15.89 24.45
C SER D 558 -1.08 15.54 25.95
N SER D 559 -0.86 14.20 26.22
CA SER D 559 -0.76 13.70 27.62
C SER D 559 0.48 14.24 28.32
N ARG D 560 1.64 14.24 27.55
CA ARG D 560 2.94 14.68 27.91
C ARG D 560 3.00 16.16 28.16
N SER D 561 2.30 16.91 27.29
CA SER D 561 2.24 18.36 27.43
C SER D 561 1.55 18.69 28.73
N GLU D 562 0.52 17.90 29.06
CA GLU D 562 -0.18 18.06 30.30
C GLU D 562 0.70 17.68 31.44
N ALA D 563 1.48 16.62 31.32
CA ALA D 563 2.35 16.22 32.42
C ALA D 563 3.44 17.33 32.71
N ILE D 564 4.03 17.90 31.67
CA ILE D 564 4.91 19.00 31.78
C ILE D 564 4.32 20.26 32.35
N SER D 565 3.09 20.66 31.92
CA SER D 565 2.42 21.79 32.44
C SER D 565 2.09 21.69 33.84
N LYS D 566 1.60 20.45 34.26
CA LYS D 566 1.30 20.22 35.66
C LYS D 566 2.44 20.31 36.56
N THR D 567 3.61 19.81 36.15
CA THR D 567 4.79 19.90 36.95
C THR D 567 5.28 21.33 37.11
N GLN D 568 5.19 22.15 36.03
CA GLN D 568 5.58 23.55 36.10
C GLN D 568 4.70 24.44 36.97
N ARG D 569 3.33 24.18 36.93
CA ARG D 569 2.45 24.89 37.84
C ARG D 569 2.69 24.43 39.34
N ALA D 570 2.92 23.14 39.53
CA ALA D 570 3.23 22.70 40.88
C ALA D 570 4.58 23.18 41.37
N LEU D 571 5.63 23.42 40.52
CA LEU D 571 6.88 23.91 40.97
C LEU D 571 6.73 25.26 41.42
N GLN D 572 5.89 26.13 40.76
CA GLN D 572 5.71 27.53 41.08
C GLN D 572 4.97 27.75 42.39
N LYS D 573 3.98 26.96 42.74
CA LYS D 573 3.19 27.01 43.94
C LYS D 573 3.93 26.54 45.17
N ASN D 574 4.92 25.65 44.89
CA ASN D 574 5.61 24.97 45.89
C ASN D 574 6.91 25.64 46.31
N THR D 575 7.25 26.77 45.64
CA THR D 575 8.38 27.63 45.81
C THR D 575 7.85 28.93 46.32
N ASN D 576 8.44 29.36 47.56
CA ASN D 576 8.11 30.58 48.31
C ASN D 576 9.27 30.81 49.26
N PRO D 577 10.38 31.35 48.94
CA PRO D 577 10.76 31.88 47.61
C PRO D 577 11.32 30.78 46.80
N ASP D 578 11.63 30.99 45.47
CA ASP D 578 12.57 30.22 44.64
C ASP D 578 13.74 29.53 45.33
N THR D 579 13.95 28.26 44.84
CA THR D 579 15.00 27.27 45.29
C THR D 579 16.40 27.85 45.32
N ASP D 580 16.74 28.76 44.28
CA ASP D 580 17.97 29.41 44.15
C ASP D 580 18.12 30.40 45.27
N ALA D 581 17.01 31.11 45.66
CA ALA D 581 17.00 32.07 46.76
C ALA D 581 17.21 31.30 48.08
N LEU D 582 16.56 30.15 48.16
CA LEU D 582 16.47 29.33 49.37
C LEU D 582 17.83 28.77 49.67
N LEU D 583 18.53 28.27 48.60
CA LEU D 583 19.93 27.79 48.66
C LEU D 583 20.90 28.82 49.06
N LYS D 584 20.73 30.13 48.61
CA LYS D 584 21.54 31.24 49.10
C LYS D 584 21.34 31.59 50.50
N SER D 585 20.11 31.60 50.95
CA SER D 585 19.68 31.89 52.28
C SER D 585 20.26 30.88 53.32
N LEU D 586 20.30 29.53 52.93
CA LEU D 586 20.87 28.44 53.72
C LEU D 586 22.28 28.67 53.91
N SER D 587 22.95 29.05 52.81
CA SER D 587 24.41 29.28 52.80
C SER D 587 24.77 30.51 53.62
N ASP D 588 23.99 31.60 53.61
CA ASP D 588 24.17 32.86 54.38
C ASP D 588 24.03 32.61 55.87
N HIS D 589 22.96 31.90 56.20
CA HIS D 589 22.68 31.52 57.56
C HIS D 589 23.82 30.63 58.10
N TYR D 590 24.40 29.63 57.34
CA TYR D 590 25.50 28.82 57.70
C TYR D 590 26.80 29.53 58.00
N SER D 591 27.13 30.50 57.06
CA SER D 591 28.36 31.31 57.07
C SER D 591 28.30 32.26 58.28
N LEU D 592 27.06 32.74 58.56
CA LEU D 592 26.77 33.52 59.75
C LEU D 592 26.90 32.83 61.09
N GLU D 593 26.50 31.53 61.29
CA GLU D 593 26.71 30.80 62.53
C GLU D 593 28.22 30.67 62.87
N LEU D 594 29.06 30.43 61.77
CA LEU D 594 30.51 30.35 61.97
C LEU D 594 31.23 31.65 62.32
N ASP D 595 30.70 32.72 61.81
CA ASP D 595 31.21 34.08 62.00
C ASP D 595 30.78 34.80 63.20
N GLU D 596 29.56 34.66 63.74
CA GLU D 596 29.00 35.41 64.84
C GLU D 596 28.76 34.57 66.07
N MET D 597 28.10 33.40 65.84
CA MET D 597 27.54 32.63 66.89
C MET D 597 28.57 31.82 67.64
N VAL D 598 29.50 31.13 66.84
CA VAL D 598 30.62 30.33 67.39
C VAL D 598 31.62 31.14 68.13
N PRO D 599 32.20 32.25 67.62
CA PRO D 599 33.28 33.09 68.24
C PRO D 599 32.88 33.74 69.52
N LYS D 600 31.55 34.23 69.54
CA LYS D 600 30.91 34.70 70.70
C LYS D 600 30.87 33.64 71.77
N MET D 601 30.58 32.32 71.49
CA MET D 601 30.64 31.25 72.40
C MET D 601 31.99 30.97 72.92
N GLN D 602 33.04 31.06 72.09
CA GLN D 602 34.37 30.74 72.57
C GLN D 602 34.80 31.75 73.51
N ARG D 603 34.40 33.06 73.26
CA ARG D 603 34.73 34.22 74.08
C ARG D 603 34.10 34.00 75.45
N LEU D 604 32.81 33.62 75.46
CA LEU D 604 32.16 33.33 76.72
C LEU D 604 32.70 32.13 77.49
N ILE D 605 33.13 31.02 76.80
CA ILE D 605 33.70 29.91 77.50
C ILE D 605 34.91 30.41 78.27
N GLN D 606 35.74 31.30 77.61
CA GLN D 606 36.96 31.83 78.12
C GLN D 606 36.78 32.74 79.31
N GLN D 607 35.74 33.60 79.15
CA GLN D 607 35.31 34.49 80.22
C GLN D 607 34.87 33.72 81.46
N CYS D 608 34.11 32.56 81.38
CA CYS D 608 33.71 31.72 82.53
C CYS D 608 34.89 31.07 83.23
N GLU D 609 35.90 30.63 82.41
CA GLU D 609 37.10 30.08 82.97
C GLU D 609 37.89 31.09 83.78
N LYS D 610 37.97 32.43 83.35
CA LYS D 610 38.61 33.49 84.00
C LYS D 610 37.86 33.82 85.31
N HIS D 611 36.50 33.81 85.31
CA HIS D 611 35.68 34.12 86.48
C HIS D 611 35.84 33.09 87.48
N GLN D 612 36.01 31.83 87.07
CA GLN D 612 36.11 30.72 87.95
C GLN D 612 37.37 30.79 88.76
N GLU D 613 38.47 31.13 88.06
CA GLU D 613 39.76 31.34 88.61
C GLU D 613 39.80 32.53 89.52
N TYR D 614 39.06 33.61 89.15
CA TYR D 614 38.93 34.82 89.92
C TYR D 614 38.29 34.56 91.29
N GLY D 615 37.30 33.67 91.32
CA GLY D 615 36.64 33.25 92.56
C GLY D 615 37.44 32.64 93.68
N LYS D 616 38.56 32.05 93.28
CA LYS D 616 39.50 31.41 94.16
C LYS D 616 40.31 32.48 94.89
N GLU D 617 40.60 33.59 94.22
CA GLU D 617 41.32 34.75 94.65
C GLU D 617 40.50 35.50 95.68
N VAL D 618 39.25 35.55 95.46
CA VAL D 618 38.28 36.14 96.38
C VAL D 618 38.25 35.34 97.66
N GLN D 619 38.40 33.98 97.57
CA GLN D 619 38.53 33.19 98.87
C GLN D 619 39.74 33.53 99.69
N ALA D 620 40.88 33.88 99.02
CA ALA D 620 42.11 34.26 99.62
C ALA D 620 41.94 35.52 100.33
N THR D 621 41.12 36.50 99.84
CA THR D 621 40.71 37.72 100.41
C THR D 621 39.85 37.52 101.64
N VAL D 622 38.89 36.53 101.61
CA VAL D 622 38.16 36.21 102.83
C VAL D 622 39.01 35.70 104.00
N MET D 623 40.02 34.85 103.62
CA MET D 623 40.92 34.20 104.54
C MET D 623 41.83 35.19 105.23
N ASP D 624 42.47 36.13 104.47
CA ASP D 624 43.21 37.25 105.07
C ASP D 624 42.45 38.15 105.95
N TRP D 625 41.19 38.45 105.63
CA TRP D 625 40.25 39.25 106.38
C TRP D 625 39.98 38.54 107.66
N TRP D 626 39.85 37.22 107.68
CA TRP D 626 39.41 36.59 108.91
C TRP D 626 40.55 36.48 109.91
N GLU D 627 41.67 36.05 109.37
CA GLU D 627 42.80 35.71 110.19
C GLU D 627 43.67 36.83 110.49
N GLN D 628 43.75 37.86 109.66
CA GLN D 628 44.60 38.95 109.65
C GLN D 628 46.03 38.71 110.02
N PRO D 629 46.82 38.19 109.10
CA PRO D 629 48.23 37.79 109.42
C PRO D 629 49.22 38.91 109.53
N VAL D 630 48.74 40.13 109.51
CA VAL D 630 49.54 41.31 109.58
C VAL D 630 50.17 41.43 110.99
N GLN D 631 49.59 40.71 111.95
CA GLN D 631 49.89 40.79 113.38
C GLN D 631 51.24 40.20 113.65
N LEU D 632 51.75 39.44 112.67
CA LEU D 632 52.91 38.64 112.92
C LEU D 632 54.03 39.37 112.18
N CYS D 633 53.76 40.60 111.72
CA CYS D 633 54.73 41.27 110.82
C CYS D 633 55.60 42.17 111.65
N LEU D 634 55.19 42.38 112.92
CA LEU D 634 55.98 43.19 113.82
C LEU D 634 57.16 42.42 114.38
N PRO D 635 58.42 42.83 114.23
CA PRO D 635 59.54 42.00 114.55
C PRO D 635 59.81 41.82 116.04
N SER D 636 59.35 42.80 116.83
CA SER D 636 59.82 42.92 118.13
C SER D 636 59.27 44.22 118.67
N GLU D 637 58.25 44.79 117.90
CA GLU D 637 57.67 46.11 118.25
C GLU D 637 56.90 45.99 119.53
N GLU D 638 57.26 46.84 120.54
CA GLU D 638 56.62 46.99 121.81
C GLU D 638 56.02 48.33 122.01
N ARG D 639 54.83 48.31 122.63
CA ARG D 639 54.18 49.45 123.12
C ARG D 639 53.64 49.00 124.41
N GLY D 640 53.90 49.78 125.47
CA GLY D 640 53.70 49.47 126.85
C GLY D 640 54.69 48.44 127.30
N GLY D 641 55.89 48.28 126.59
CA GLY D 641 56.94 47.35 126.90
C GLY D 641 56.59 45.93 126.77
N LEU D 642 55.48 45.62 125.99
CA LEU D 642 54.97 44.33 125.73
C LEU D 642 54.90 44.39 124.24
N THR D 643 55.16 43.21 123.63
CA THR D 643 54.89 43.02 122.24
C THR D 643 53.39 42.76 122.09
N LEU D 644 52.97 42.91 120.81
CA LEU D 644 51.67 42.60 120.25
C LEU D 644 51.43 41.14 120.56
N ARG D 645 52.41 40.28 120.40
CA ARG D 645 52.34 38.85 120.75
C ARG D 645 51.97 38.56 122.23
N GLN D 646 52.64 39.31 123.09
CA GLN D 646 52.48 39.26 124.50
C GLN D 646 51.16 39.71 124.99
N TRP D 647 50.59 40.77 124.34
CA TRP D 647 49.26 41.24 124.47
C TRP D 647 48.25 40.22 123.99
N ARG D 648 48.53 39.58 122.84
CA ARG D 648 47.67 38.56 122.37
C ARG D 648 47.56 37.31 123.23
N GLU D 649 48.71 36.87 123.73
CA GLU D 649 48.86 35.77 124.60
C GLU D 649 48.14 36.14 125.86
N ARG D 650 48.29 37.36 126.45
CA ARG D 650 47.56 37.86 127.60
C ARG D 650 46.09 37.88 127.37
N TRP D 651 45.66 38.28 126.18
CA TRP D 651 44.23 38.28 125.73
C TRP D 651 43.67 36.89 125.70
N THR D 652 44.39 35.95 125.06
CA THR D 652 43.97 34.58 124.87
C THR D 652 43.81 33.86 126.22
N VAL D 653 44.75 34.13 127.14
CA VAL D 653 44.88 33.55 128.43
C VAL D 653 43.69 34.09 129.27
N ALA D 654 43.34 35.39 129.10
CA ALA D 654 42.35 36.17 129.77
C ALA D 654 40.93 35.73 129.47
N VAL D 655 40.65 35.46 128.18
CA VAL D 655 39.37 34.95 127.68
C VAL D 655 39.26 33.49 128.21
N THR D 656 40.42 32.75 128.21
CA THR D 656 40.41 31.34 128.63
C THR D 656 40.15 31.29 130.13
N ALA D 657 40.66 32.22 130.97
CA ALA D 657 40.42 32.30 132.42
C ALA D 657 38.99 32.62 132.71
N LEU D 658 38.41 33.53 131.89
CA LEU D 658 36.99 33.90 132.04
C LEU D 658 36.09 32.74 131.81
N GLN D 659 36.49 31.96 130.71
CA GLN D 659 35.76 30.75 130.38
C GLN D 659 35.87 29.59 131.35
N ARG D 660 37.05 29.48 131.96
CA ARG D 660 37.43 28.51 132.92
C ARG D 660 36.73 28.60 134.21
N ALA D 661 36.59 29.82 134.74
CA ALA D 661 35.97 30.16 135.98
C ALA D 661 34.48 29.72 135.92
N THR D 662 33.73 30.07 134.80
CA THR D 662 32.36 29.63 134.58
C THR D 662 32.23 28.16 134.51
N GLY D 663 33.08 27.52 133.73
CA GLY D 663 32.61 26.27 133.13
C GLY D 663 31.79 26.47 131.86
N SER D 664 32.13 27.48 131.04
CA SER D 664 31.78 27.56 129.63
C SER D 664 33.08 27.09 128.91
N ARG D 665 32.95 26.84 127.60
CA ARG D 665 33.75 27.33 126.52
C ARG D 665 32.86 27.62 125.35
N SER D 666 33.21 28.63 124.54
CA SER D 666 33.14 28.51 123.12
C SER D 666 34.24 27.53 122.60
#